data_2B37
#
_entry.id   2B37
#
_cell.length_a   82.341
_cell.length_b   100.293
_cell.length_c   379.275
_cell.angle_alpha   90.00
_cell.angle_beta   90.00
_cell.angle_gamma   90.00
#
_symmetry.space_group_name_H-M   'C 2 2 21'
#
loop_
_entity.id
_entity.type
_entity.pdbx_description
1 polymer 'Enoyl-[acyl-carrier-protein] reductase [NADH]'
2 non-polymer NICOTINAMIDE-ADENINE-DINUCLEOTIDE
3 non-polymer 5-OCTYL-2-PHENOXYPHENOL
4 water water
#
_entity_poly.entity_id   1
_entity_poly.type   'polypeptide(L)'
_entity_poly.pdbx_seq_one_letter_code
;MTGLLDGKRILVSGIITDSSIAFHIARVAQEQGAQLVLTGFDRLRLIQRITDRLPAKAPLLELDVQNEEHLASLAGRVTE
AIGAGNKLDGVVHSIGFMPQTGMGINPFFDAPYADVSKGIHISAYSYASMAKALLPIMNPGGSIVGMDFDPSRAMPAYNW
MTVAKSALESVNRFVAREAGKYGVRSNLVAAGPIRTLAMSAIVGGALGEEAGAQIQLLEEGWDQRAPIGWNMKDATPVAK
TVCALLSDWLPATTGDIIYADGGAHTQLL
;
_entity_poly.pdbx_strand_id   A,B,C,D,E,F
#
loop_
_chem_comp.id
_chem_comp.type
_chem_comp.name
_chem_comp.formula
8PS non-polymer 5-OCTYL-2-PHENOXYPHENOL 'C20 H26 O2'
NAD non-polymer NICOTINAMIDE-ADENINE-DINUCLEOTIDE 'C21 H27 N7 O14 P2'
#
# COMPACT_ATOMS: atom_id res chain seq x y z
N THR A 2 8.42 28.61 20.99
CA THR A 2 7.73 27.35 20.60
C THR A 2 8.59 26.50 19.66
N GLY A 3 9.20 25.48 20.24
CA GLY A 3 10.05 24.56 19.53
C GLY A 3 9.29 23.39 18.91
N LEU A 4 9.99 22.70 18.01
CA LEU A 4 9.45 21.58 17.23
C LEU A 4 8.55 20.63 17.97
N LEU A 5 8.82 20.43 19.25
CA LEU A 5 8.15 19.39 20.03
C LEU A 5 7.30 19.96 21.16
N ASP A 6 6.41 20.90 20.83
CA ASP A 6 5.50 21.42 21.85
C ASP A 6 4.36 20.46 22.15
N GLY A 7 4.13 20.24 23.45
CA GLY A 7 3.02 19.43 23.92
C GLY A 7 3.22 17.95 23.70
N LYS A 8 4.47 17.53 23.46
CA LYS A 8 4.74 16.13 23.16
C LYS A 8 5.40 15.36 24.33
N ARG A 9 4.81 14.23 24.67
CA ARG A 9 5.36 13.35 25.68
C ARG A 9 6.18 12.25 24.96
N ILE A 10 7.50 12.26 25.17
CA ILE A 10 8.42 11.41 24.39
C ILE A 10 9.31 10.46 25.23
N LEU A 11 9.19 9.16 24.98
CA LEU A 11 10.02 8.14 25.65
C LEU A 11 11.42 8.12 25.04
N VAL A 12 12.45 8.06 25.88
CA VAL A 12 13.83 8.04 25.41
C VAL A 12 14.70 7.04 26.19
N SER A 13 15.10 5.98 25.50
CA SER A 13 16.02 4.96 26.03
C SER A 13 17.42 5.23 25.54
N GLY A 14 18.42 4.60 26.15
CA GLY A 14 19.82 4.67 25.64
C GLY A 14 20.80 5.58 26.39
N ILE A 15 20.27 6.51 27.18
CA ILE A 15 21.11 7.30 28.07
C ILE A 15 21.93 6.39 28.98
N ILE A 16 23.24 6.39 28.81
CA ILE A 16 24.14 5.70 29.74
C ILE A 16 25.25 6.67 30.18
N THR A 17 25.80 7.40 29.21
CA THR A 17 26.84 8.38 29.45
C THR A 17 26.35 9.72 28.94
N ASP A 18 27.08 10.78 29.29
CA ASP A 18 26.78 12.16 28.82
C ASP A 18 27.21 12.35 27.38
N SER A 19 27.85 11.31 26.85
CA SER A 19 28.34 11.29 25.50
C SER A 19 27.47 10.35 24.63
N SER A 20 26.39 9.80 25.22
CA SER A 20 25.43 8.93 24.49
C SER A 20 24.59 9.73 23.51
N ILE A 21 24.11 9.08 22.44
CA ILE A 21 23.24 9.75 21.48
C ILE A 21 21.86 9.85 22.11
N ALA A 22 21.55 8.93 22.99
CA ALA A 22 20.31 9.02 23.77
C ALA A 22 20.32 10.24 24.68
N PHE A 23 21.49 10.72 25.07
CA PHE A 23 21.58 11.92 25.87
C PHE A 23 21.31 13.19 25.02
N HIS A 24 22.10 13.40 23.97
CA HIS A 24 21.95 14.58 23.11
C HIS A 24 20.54 14.66 22.48
N ILE A 25 19.95 13.49 22.17
CA ILE A 25 18.56 13.46 21.68
C ILE A 25 17.61 13.96 22.79
N ALA A 26 17.76 13.40 23.98
CA ALA A 26 16.91 13.74 25.12
C ALA A 26 17.04 15.20 25.50
N ARG A 27 18.27 15.70 25.48
CA ARG A 27 18.55 17.08 25.80
C ARG A 27 17.93 18.02 24.79
N VAL A 28 18.03 17.63 23.52
CA VAL A 28 17.52 18.46 22.43
C VAL A 28 16.02 18.46 22.43
N ALA A 29 15.39 17.30 22.67
CA ALA A 29 13.94 17.21 22.76
C ALA A 29 13.41 18.21 23.75
N GLN A 30 13.87 18.12 24.99
CA GLN A 30 13.43 19.03 26.07
C GLN A 30 13.72 20.49 25.72
N GLU A 31 14.82 20.72 25.03
CA GLU A 31 15.18 22.08 24.59
C GLU A 31 14.12 22.65 23.60
N GLN A 32 13.22 21.79 23.11
CA GLN A 32 12.21 22.19 22.14
C GLN A 32 10.75 21.98 22.63
N GLY A 33 10.60 21.59 23.91
CA GLY A 33 9.27 21.47 24.54
C GLY A 33 8.81 20.07 24.92
N ALA A 34 9.38 19.05 24.29
CA ALA A 34 8.98 17.71 24.61
C ALA A 34 9.12 17.50 26.10
N GLN A 35 8.09 16.92 26.72
CA GLN A 35 8.20 16.47 28.11
C GLN A 35 8.64 15.03 27.99
N LEU A 36 9.75 14.69 28.61
CA LEU A 36 10.33 13.39 28.42
C LEU A 36 10.08 12.38 29.51
N VAL A 37 10.12 11.12 29.11
CA VAL A 37 10.19 9.99 30.00
C VAL A 37 11.44 9.22 29.55
N LEU A 38 12.35 8.97 30.48
CA LEU A 38 13.62 8.29 30.19
C LEU A 38 13.57 6.87 30.72
N THR A 39 14.27 5.95 30.04
CA THR A 39 14.39 4.56 30.52
C THR A 39 15.86 4.18 30.59
N GLY A 40 16.19 3.24 31.50
CA GLY A 40 17.57 2.80 31.72
C GLY A 40 17.72 1.28 31.87
N PHE A 41 18.90 0.77 31.49
CA PHE A 41 19.17 -0.67 31.49
C PHE A 41 19.63 -1.25 32.85
N ASP A 42 20.93 -1.19 33.13
CA ASP A 42 21.46 -1.85 34.33
C ASP A 42 21.84 -0.87 35.44
N ARG A 43 22.80 0.02 35.16
CA ARG A 43 23.30 0.99 36.15
C ARG A 43 22.26 2.08 36.42
N LEU A 44 21.16 1.68 37.07
CA LEU A 44 20.03 2.58 37.36
C LEU A 44 20.40 3.86 38.10
N ARG A 45 21.29 3.76 39.09
CA ARG A 45 21.65 4.95 39.92
C ARG A 45 22.73 5.83 39.28
N LEU A 46 23.55 5.26 38.39
CA LEU A 46 24.59 6.02 37.68
C LEU A 46 23.95 6.93 36.64
N ILE A 47 23.16 6.33 35.75
CA ILE A 47 22.46 7.09 34.67
C ILE A 47 21.42 8.07 35.24
N GLN A 48 20.96 7.82 36.47
CA GLN A 48 20.10 8.78 37.20
C GLN A 48 20.89 10.09 37.36
N ARG A 49 22.16 9.95 37.75
CA ARG A 49 23.03 11.11 37.96
C ARG A 49 23.44 11.80 36.64
N ILE A 50 23.39 11.08 35.53
CA ILE A 50 23.68 11.68 34.22
C ILE A 50 22.44 12.38 33.65
N THR A 51 21.25 11.78 33.86
CA THR A 51 19.99 12.40 33.40
C THR A 51 19.74 13.73 34.11
N ASP A 52 20.19 13.82 35.37
CA ASP A 52 20.03 15.06 36.15
C ASP A 52 20.77 16.23 35.48
N ARG A 53 21.71 15.94 34.58
CA ARG A 53 22.46 17.00 33.86
C ARG A 53 21.74 17.49 32.59
N LEU A 54 20.54 16.94 32.31
CA LEU A 54 19.68 17.44 31.22
C LEU A 54 19.11 18.81 31.61
N PRO A 55 18.67 19.60 30.61
CA PRO A 55 18.04 20.90 30.89
C PRO A 55 16.92 20.81 31.92
N ALA A 56 16.17 19.69 31.88
CA ALA A 56 15.10 19.43 32.82
C ALA A 56 15.07 17.95 33.21
N LYS A 57 14.49 17.68 34.36
CA LYS A 57 14.40 16.30 34.88
C LYS A 57 13.23 15.51 34.25
N ALA A 58 13.30 14.17 34.35
CA ALA A 58 12.26 13.28 33.81
C ALA A 58 12.20 11.92 34.55
N PRO A 59 10.98 11.37 34.73
CA PRO A 59 10.69 10.05 35.33
C PRO A 59 11.47 8.85 34.75
N LEU A 60 12.77 8.80 34.98
CA LEU A 60 13.62 7.70 34.51
C LEU A 60 13.00 6.38 34.90
N LEU A 61 13.06 5.39 33.99
CA LEU A 61 12.49 4.05 34.26
C LEU A 61 13.41 2.89 33.88
N GLU A 62 13.30 1.78 34.61
CA GLU A 62 14.10 0.61 34.33
C GLU A 62 13.58 -0.08 33.08
N LEU A 63 14.50 -0.43 32.18
CA LEU A 63 14.13 -1.12 30.93
C LEU A 63 15.29 -1.95 30.34
N ASP A 64 15.33 -3.23 30.73
CA ASP A 64 16.18 -4.27 30.16
C ASP A 64 15.30 -4.95 29.13
N VAL A 65 15.66 -4.77 27.85
CA VAL A 65 14.82 -5.27 26.75
C VAL A 65 14.77 -6.78 26.63
N GLN A 66 15.70 -7.48 27.29
CA GLN A 66 15.71 -8.94 27.28
C GLN A 66 14.80 -9.52 28.33
N ASN A 67 14.36 -8.70 29.29
CA ASN A 67 13.49 -9.16 30.37
C ASN A 67 12.01 -8.99 30.02
N GLU A 68 11.30 -10.11 30.05
CA GLU A 68 9.91 -10.12 29.62
C GLU A 68 9.01 -9.31 30.56
N GLU A 69 9.16 -9.52 31.87
CA GLU A 69 8.39 -8.76 32.88
C GLU A 69 8.56 -7.24 32.73
N HIS A 70 9.76 -6.80 32.34
CA HIS A 70 10.03 -5.35 32.13
C HIS A 70 9.17 -4.81 30.99
N LEU A 71 8.99 -5.59 29.93
CA LEU A 71 8.16 -5.17 28.80
C LEU A 71 6.67 -5.17 29.19
N ALA A 72 6.18 -6.31 29.68
CA ALA A 72 4.79 -6.42 30.15
C ALA A 72 4.39 -5.20 31.02
N SER A 73 5.15 -4.95 32.09
CA SER A 73 4.89 -3.80 32.92
C SER A 73 5.06 -2.48 32.14
N LEU A 74 6.21 -2.33 31.47
CA LEU A 74 6.59 -1.09 30.73
C LEU A 74 5.46 -0.09 30.44
N ALA A 75 4.49 -0.48 29.63
CA ALA A 75 3.40 0.42 29.22
C ALA A 75 2.74 1.13 30.41
N GLY A 76 2.22 0.33 31.35
CA GLY A 76 1.48 0.86 32.53
C GLY A 76 2.31 1.73 33.46
N ARG A 77 3.61 1.45 33.53
CA ARG A 77 4.52 2.26 34.32
C ARG A 77 4.68 3.64 33.71
N VAL A 78 4.66 3.71 32.36
CA VAL A 78 4.78 5.00 31.63
C VAL A 78 3.54 5.87 31.86
N THR A 79 2.39 5.21 31.95
CA THR A 79 1.12 5.86 32.25
C THR A 79 1.16 6.56 33.63
N GLU A 80 1.77 5.90 34.62
CA GLU A 80 1.90 6.44 35.99
C GLU A 80 2.77 7.70 36.07
N ALA A 81 3.68 7.87 35.11
CA ALA A 81 4.69 8.95 35.15
C ALA A 81 4.23 10.28 34.51
N ILE A 82 3.33 10.20 33.54
CA ILE A 82 2.76 11.38 32.89
C ILE A 82 1.29 11.58 33.26
N GLY A 83 0.77 10.66 34.08
CA GLY A 83 -0.62 10.68 34.51
C GLY A 83 -1.50 9.89 33.55
N ALA A 84 -2.42 9.10 34.11
CA ALA A 84 -3.34 8.30 33.30
C ALA A 84 -4.16 9.20 32.38
N GLY A 85 -4.69 8.63 31.30
CA GLY A 85 -5.44 9.41 30.31
C GLY A 85 -4.56 10.38 29.51
N ASN A 86 -3.24 10.22 29.63
CA ASN A 86 -2.26 10.89 28.77
C ASN A 86 -1.48 9.78 28.05
N LYS A 87 -1.26 9.94 26.74
CA LYS A 87 -0.50 8.95 25.98
C LYS A 87 0.78 9.56 25.45
N LEU A 88 1.60 8.70 24.84
CA LEU A 88 2.89 9.08 24.25
C LEU A 88 2.80 9.50 22.79
N ASP A 89 3.39 10.64 22.47
CA ASP A 89 3.45 11.10 21.08
C ASP A 89 4.66 10.52 20.33
N GLY A 90 5.76 10.27 21.07
CA GLY A 90 6.98 9.72 20.47
C GLY A 90 7.71 8.71 21.35
N VAL A 91 8.55 7.89 20.71
CA VAL A 91 9.40 6.90 21.39
C VAL A 91 10.72 6.80 20.63
N VAL A 92 11.82 6.64 21.37
CA VAL A 92 13.13 6.57 20.79
C VAL A 92 13.88 5.34 21.27
N HIS A 93 14.16 4.45 20.33
CA HIS A 93 14.98 3.26 20.59
C HIS A 93 16.43 3.60 20.21
N SER A 94 17.27 3.86 21.20
CA SER A 94 18.69 4.17 20.93
C SER A 94 19.56 3.21 21.73
N ILE A 95 19.48 1.94 21.34
CA ILE A 95 20.12 0.85 22.06
C ILE A 95 20.80 -0.11 21.14
N GLY A 96 21.96 -0.60 21.55
CA GLY A 96 22.65 -1.60 20.80
C GLY A 96 23.62 -2.38 21.67
N PHE A 97 23.90 -3.61 21.28
CA PHE A 97 24.82 -4.42 22.03
C PHE A 97 25.28 -5.62 21.23
N MET A 98 26.58 -5.82 21.23
CA MET A 98 27.19 -6.95 20.60
C MET A 98 28.43 -7.25 21.44
N PRO A 99 28.52 -8.47 21.98
CA PRO A 99 29.72 -8.89 22.68
C PRO A 99 31.00 -8.78 21.80
N GLN A 100 32.15 -8.54 22.45
CA GLN A 100 33.46 -8.38 21.76
C GLN A 100 33.72 -9.55 20.80
N THR A 101 33.14 -10.69 21.13
CA THR A 101 33.31 -11.93 20.41
C THR A 101 32.99 -11.78 18.95
N GLY A 102 31.94 -11.02 18.63
CA GLY A 102 31.52 -10.86 17.23
C GLY A 102 31.61 -9.45 16.69
N MET A 103 32.39 -8.60 17.36
CA MET A 103 32.47 -7.18 17.02
C MET A 103 33.82 -6.61 17.44
N GLY A 104 34.53 -5.96 16.52
CA GLY A 104 35.85 -5.37 16.82
C GLY A 104 36.99 -6.10 16.12
N ILE A 105 37.96 -6.58 16.89
CA ILE A 105 39.12 -7.18 16.31
C ILE A 105 38.98 -8.69 16.08
N ASN A 106 38.02 -9.31 16.77
CA ASN A 106 37.79 -10.75 16.67
C ASN A 106 37.30 -11.19 15.28
N PRO A 107 37.98 -12.20 14.68
CA PRO A 107 37.60 -12.72 13.38
C PRO A 107 36.10 -12.95 13.27
N PHE A 108 35.53 -12.57 12.13
CA PHE A 108 34.11 -12.76 11.85
C PHE A 108 33.63 -14.20 12.18
N PHE A 109 34.42 -15.20 11.75
CA PHE A 109 34.10 -16.62 11.95
C PHE A 109 34.16 -17.13 13.40
N ASP A 110 34.91 -16.44 14.25
CA ASP A 110 35.11 -16.90 15.64
C ASP A 110 34.03 -16.43 16.64
N ALA A 111 32.88 -16.02 16.13
CA ALA A 111 31.81 -15.54 16.98
C ALA A 111 30.67 -16.58 17.11
N PRO A 112 30.52 -17.22 18.31
CA PRO A 112 29.42 -18.19 18.52
C PRO A 112 28.04 -17.56 18.39
N TYR A 113 27.06 -18.34 17.94
CA TYR A 113 25.71 -17.81 17.75
C TYR A 113 25.08 -17.31 19.05
N ALA A 114 25.38 -17.97 20.15
CA ALA A 114 24.85 -17.57 21.46
C ALA A 114 25.25 -16.14 21.80
N ASP A 115 26.42 -15.70 21.30
CA ASP A 115 26.91 -14.32 21.44
C ASP A 115 26.25 -13.39 20.45
N VAL A 116 25.94 -13.92 19.28
CA VAL A 116 25.38 -13.11 18.19
C VAL A 116 23.92 -12.87 18.42
N SER A 117 23.22 -13.93 18.81
CA SER A 117 21.77 -13.89 19.11
C SER A 117 21.46 -12.87 20.19
N LYS A 118 22.31 -12.76 21.21
CA LYS A 118 22.11 -11.76 22.28
C LYS A 118 22.37 -10.38 21.73
N GLY A 119 23.28 -10.30 20.75
CA GLY A 119 23.55 -9.06 20.05
C GLY A 119 22.36 -8.62 19.19
N ILE A 120 21.69 -9.60 18.56
CA ILE A 120 20.54 -9.32 17.70
C ILE A 120 19.26 -9.11 18.54
N HIS A 121 19.19 -9.82 19.67
CA HIS A 121 18.07 -9.69 20.61
C HIS A 121 17.96 -8.22 21.02
N ILE A 122 19.05 -7.66 21.52
CA ILE A 122 19.06 -6.29 22.08
C ILE A 122 19.09 -5.19 21.01
N SER A 123 19.77 -5.43 19.90
CA SER A 123 19.95 -4.42 18.85
C SER A 123 18.84 -4.39 17.78
N ALA A 124 18.27 -5.54 17.43
CA ALA A 124 17.27 -5.64 16.35
C ALA A 124 15.86 -6.01 16.85
N TYR A 125 15.73 -7.17 17.45
CA TYR A 125 14.41 -7.67 17.86
C TYR A 125 13.74 -6.74 18.84
N SER A 126 14.53 -6.15 19.74
CA SER A 126 14.00 -5.31 20.79
C SER A 126 13.42 -4.02 20.23
N TYR A 127 13.48 -3.86 18.91
CA TYR A 127 12.84 -2.70 18.25
C TYR A 127 11.35 -2.97 18.16
N ALA A 128 11.01 -4.15 17.64
CA ALA A 128 9.66 -4.65 17.57
C ALA A 128 9.03 -4.75 18.96
N SER A 129 9.74 -5.43 19.87
CA SER A 129 9.27 -5.69 21.24
C SER A 129 8.93 -4.39 21.99
N MET A 130 9.78 -3.39 21.80
CA MET A 130 9.55 -2.06 22.37
C MET A 130 8.32 -1.40 21.74
N ALA A 131 8.20 -1.49 20.41
CA ALA A 131 7.00 -1.02 19.74
C ALA A 131 5.76 -1.72 20.36
N LYS A 132 5.79 -3.06 20.40
CA LYS A 132 4.72 -3.89 20.94
C LYS A 132 4.26 -3.39 22.30
N ALA A 133 5.20 -3.20 23.21
CA ALA A 133 4.89 -2.76 24.57
C ALA A 133 4.29 -1.37 24.63
N LEU A 134 4.54 -0.55 23.62
CA LEU A 134 4.23 0.90 23.68
C LEU A 134 3.15 1.44 22.76
N LEU A 135 2.93 0.79 21.60
CA LEU A 135 1.94 1.27 20.66
C LEU A 135 0.61 1.58 21.37
N PRO A 136 0.06 0.59 22.11
CA PRO A 136 -1.22 0.79 22.82
C PRO A 136 -1.35 2.13 23.61
N ILE A 137 -0.25 2.63 24.14
CA ILE A 137 -0.28 3.89 24.88
C ILE A 137 0.32 5.08 24.06
N MET A 138 0.19 5.03 22.73
CA MET A 138 0.62 6.13 21.86
C MET A 138 -0.57 6.79 21.17
N ASN A 139 -0.38 8.08 20.83
CA ASN A 139 -1.36 8.91 20.09
C ASN A 139 -1.16 8.84 18.56
N PRO A 140 -2.26 8.95 17.78
CA PRO A 140 -2.08 9.02 16.32
C PRO A 140 -1.24 10.25 15.91
N GLY A 141 -0.54 10.14 14.79
CA GLY A 141 0.35 11.19 14.33
C GLY A 141 1.68 11.16 15.07
N GLY A 142 1.89 10.09 15.86
CA GLY A 142 3.10 9.93 16.67
C GLY A 142 4.22 9.25 15.92
N SER A 143 5.42 9.16 16.54
CA SER A 143 6.62 8.66 15.85
C SER A 143 7.55 7.74 16.70
N ILE A 144 8.01 6.64 16.09
CA ILE A 144 8.99 5.73 16.71
C ILE A 144 10.25 5.77 15.86
N VAL A 145 11.38 6.03 16.49
CA VAL A 145 12.62 6.22 15.75
C VAL A 145 13.79 5.60 16.46
N GLY A 146 14.47 4.71 15.73
CA GLY A 146 15.60 3.93 16.27
C GLY A 146 16.90 4.16 15.53
N MET A 147 18.02 3.88 16.19
CA MET A 147 19.32 4.23 15.65
C MET A 147 19.84 3.18 14.72
N ASP A 148 20.50 3.65 13.67
CA ASP A 148 20.99 2.76 12.63
C ASP A 148 22.41 3.20 12.29
N PHE A 149 23.12 2.35 11.53
CA PHE A 149 24.46 2.71 11.00
C PHE A 149 24.56 1.97 9.68
N ASP A 150 24.78 2.70 8.59
CA ASP A 150 24.65 2.10 7.26
C ASP A 150 25.33 0.72 7.22
N PRO A 151 24.53 -0.35 7.06
CA PRO A 151 24.99 -1.72 6.98
C PRO A 151 24.91 -2.38 5.58
N SER A 152 24.53 -1.60 4.57
CA SER A 152 24.35 -2.13 3.21
C SER A 152 25.64 -2.63 2.59
N ARG A 153 26.78 -2.19 3.13
CA ARG A 153 28.11 -2.70 2.72
C ARG A 153 28.95 -3.14 3.95
N ALA A 154 29.90 -4.03 3.71
CA ALA A 154 30.74 -4.53 4.79
C ALA A 154 31.90 -3.57 5.12
N MET A 155 32.61 -3.88 6.20
CA MET A 155 33.70 -3.03 6.70
C MET A 155 34.50 -3.81 7.76
N PRO A 156 35.68 -3.30 8.12
CA PRO A 156 36.36 -3.90 9.26
C PRO A 156 35.69 -3.59 10.60
N ALA A 157 35.98 -4.45 11.58
CA ALA A 157 35.56 -4.27 12.97
C ALA A 157 34.06 -4.41 13.21
N TYR A 158 33.23 -3.70 12.43
CA TYR A 158 31.80 -3.67 12.72
C TYR A 158 31.20 -5.09 12.73
N ASN A 159 31.80 -5.99 11.93
CA ASN A 159 31.43 -7.42 11.92
C ASN A 159 29.93 -7.67 12.07
N TRP A 160 29.56 -8.38 13.15
CA TRP A 160 28.17 -8.83 13.38
C TRP A 160 27.22 -7.76 13.88
N MET A 161 27.73 -6.63 14.30
CA MET A 161 26.84 -5.55 14.63
C MET A 161 26.15 -5.08 13.34
N THR A 162 26.93 -5.08 12.25
CA THR A 162 26.45 -4.73 10.92
C THR A 162 25.29 -5.63 10.52
N VAL A 163 25.44 -6.91 10.83
CA VAL A 163 24.42 -7.88 10.56
C VAL A 163 23.19 -7.61 11.44
N ALA A 164 23.40 -7.01 12.62
CA ALA A 164 22.28 -6.67 13.52
C ALA A 164 21.55 -5.45 12.99
N LYS A 165 22.30 -4.49 12.45
CA LYS A 165 21.71 -3.29 11.85
C LYS A 165 20.87 -3.67 10.61
N SER A 166 21.38 -4.56 9.77
CA SER A 166 20.60 -5.08 8.64
C SER A 166 19.32 -5.84 9.11
N ALA A 167 19.40 -6.48 10.27
CA ALA A 167 18.21 -7.08 10.90
C ALA A 167 17.22 -5.97 11.32
N LEU A 168 17.77 -4.88 11.90
CA LEU A 168 16.99 -3.73 12.39
C LEU A 168 16.17 -3.12 11.26
N GLU A 169 16.84 -2.90 10.13
CA GLU A 169 16.24 -2.24 9.01
C GLU A 169 15.05 -3.04 8.51
N SER A 170 15.22 -4.36 8.47
CA SER A 170 14.11 -5.22 8.08
C SER A 170 13.04 -5.09 9.18
N VAL A 171 13.44 -5.22 10.45
CA VAL A 171 12.48 -5.07 11.54
C VAL A 171 11.74 -3.72 11.49
N ASN A 172 12.41 -2.67 11.04
CA ASN A 172 11.78 -1.36 10.99
C ASN A 172 10.58 -1.35 10.07
N ARG A 173 10.77 -1.98 8.92
CA ARG A 173 9.74 -2.01 7.87
C ARG A 173 8.50 -2.76 8.31
N PHE A 174 8.66 -3.81 9.10
CA PHE A 174 7.50 -4.55 9.63
C PHE A 174 6.82 -3.79 10.76
N VAL A 175 7.59 -3.19 11.66
CA VAL A 175 7.00 -2.45 12.74
C VAL A 175 6.14 -1.29 12.16
N ALA A 176 6.57 -0.76 11.01
CA ALA A 176 5.82 0.29 10.33
C ALA A 176 4.42 -0.21 9.98
N ARG A 177 4.36 -1.41 9.39
CA ARG A 177 3.09 -2.03 9.05
C ARG A 177 2.21 -2.00 10.27
N GLU A 178 2.72 -2.60 11.34
CA GLU A 178 1.97 -2.71 12.57
C GLU A 178 1.69 -1.31 13.17
N ALA A 179 2.71 -0.44 13.20
CA ALA A 179 2.56 0.90 13.79
C ALA A 179 1.51 1.76 13.06
N GLY A 180 1.33 1.53 11.75
CA GLY A 180 0.36 2.33 10.95
C GLY A 180 -1.10 2.28 11.44
N LYS A 181 -1.46 1.21 12.14
CA LYS A 181 -2.82 1.00 12.66
C LYS A 181 -3.17 1.98 13.79
N TYR A 182 -2.15 2.56 14.40
CA TYR A 182 -2.33 3.56 15.44
C TYR A 182 -2.12 4.94 14.87
N GLY A 183 -1.85 5.04 13.57
CA GLY A 183 -1.47 6.30 12.92
C GLY A 183 -0.09 6.68 13.41
N VAL A 184 0.75 5.67 13.57
CA VAL A 184 2.09 5.88 14.08
C VAL A 184 3.13 5.56 12.99
N ARG A 185 4.18 6.40 12.92
CA ARG A 185 5.26 6.25 11.93
C ARG A 185 6.51 5.65 12.57
N SER A 186 7.17 4.78 11.82
CA SER A 186 8.40 4.12 12.29
C SER A 186 9.56 4.37 11.32
N ASN A 187 10.60 5.02 11.81
CA ASN A 187 11.77 5.32 11.01
C ASN A 187 13.06 5.07 11.78
N LEU A 188 14.13 4.91 11.00
CA LEU A 188 15.47 4.73 11.51
C LEU A 188 16.28 5.92 11.09
N VAL A 189 17.17 6.37 11.95
CA VAL A 189 18.10 7.42 11.59
C VAL A 189 19.45 6.77 11.52
N ALA A 190 20.01 6.67 10.31
CA ALA A 190 21.36 6.11 10.15
C ALA A 190 22.35 7.24 10.40
N ALA A 191 23.07 7.18 11.52
CA ALA A 191 24.03 8.25 11.85
C ALA A 191 25.44 7.94 11.37
N GLY A 192 26.25 8.98 11.31
CA GLY A 192 27.66 8.82 11.05
C GLY A 192 28.29 8.41 12.37
N PRO A 193 29.58 8.02 12.35
CA PRO A 193 30.26 7.56 13.58
C PRO A 193 30.48 8.64 14.66
N ILE A 194 30.06 8.35 15.88
CA ILE A 194 30.19 9.29 16.97
C ILE A 194 31.04 8.70 18.10
N ARG A 195 31.98 9.50 18.58
CA ARG A 195 32.86 9.16 19.71
C ARG A 195 32.06 8.85 21.00
N THR A 196 32.04 7.57 21.39
CA THR A 196 31.39 7.14 22.65
C THR A 196 31.82 5.70 23.07
N LEU A 217 40.94 5.84 10.24
CA LEU A 217 40.83 5.62 8.80
C LEU A 217 39.38 5.85 8.33
N LEU A 218 38.45 5.08 8.89
CA LEU A 218 37.03 5.20 8.56
C LEU A 218 36.47 6.60 8.86
N GLU A 219 37.00 7.27 9.88
CA GLU A 219 36.52 8.63 10.24
C GLU A 219 37.24 9.77 9.51
N GLU A 220 38.47 9.55 9.05
CA GLU A 220 39.14 10.56 8.25
C GLU A 220 38.58 10.54 6.82
N GLY A 221 38.05 9.37 6.42
CA GLY A 221 37.42 9.21 5.12
C GLY A 221 35.96 9.61 5.11
N TRP A 222 35.30 9.48 6.26
CA TRP A 222 33.92 9.90 6.41
C TRP A 222 33.80 11.40 6.17
N ASP A 223 34.60 12.15 6.91
CA ASP A 223 34.63 13.61 6.81
C ASP A 223 35.11 14.09 5.43
N GLN A 224 35.88 13.27 4.73
CA GLN A 224 36.26 13.59 3.37
C GLN A 224 35.06 13.45 2.47
N ARG A 225 34.48 12.24 2.49
CA ARG A 225 33.27 11.91 1.71
C ARG A 225 32.06 12.85 1.95
N ALA A 226 31.85 13.22 3.20
CA ALA A 226 30.78 14.15 3.53
C ALA A 226 31.00 15.47 2.79
N PRO A 227 30.02 15.90 1.97
CA PRO A 227 30.13 17.16 1.25
C PRO A 227 30.05 18.38 2.12
N ILE A 228 29.62 18.22 3.37
CA ILE A 228 29.56 19.32 4.35
C ILE A 228 30.38 19.00 5.60
N GLY A 229 31.14 17.92 5.54
CA GLY A 229 31.97 17.49 6.64
C GLY A 229 31.25 16.61 7.66
N TRP A 230 32.05 16.04 8.57
CA TRP A 230 31.56 15.23 9.64
C TRP A 230 32.48 15.38 10.81
N ASN A 231 31.93 15.86 11.92
CA ASN A 231 32.64 16.02 13.20
C ASN A 231 32.19 14.93 14.22
N MET A 232 32.98 13.87 14.32
CA MET A 232 32.63 12.72 15.14
C MET A 232 32.57 13.01 16.65
N LYS A 233 32.93 14.23 17.04
CA LYS A 233 32.85 14.65 18.43
C LYS A 233 31.54 15.40 18.70
N ASP A 234 30.77 15.66 17.63
CA ASP A 234 29.51 16.44 17.73
C ASP A 234 28.26 15.57 17.46
N ALA A 235 27.52 15.26 18.52
CA ALA A 235 26.33 14.41 18.41
C ALA A 235 25.04 15.21 18.27
N THR A 236 25.14 16.53 18.25
CA THR A 236 23.94 17.37 18.16
C THR A 236 23.23 17.27 16.78
N PRO A 237 24.01 17.29 15.67
CA PRO A 237 23.39 17.20 14.34
C PRO A 237 22.59 15.91 14.15
N VAL A 238 22.90 14.88 14.93
CA VAL A 238 22.15 13.63 14.88
C VAL A 238 20.86 13.73 15.71
N ALA A 239 20.93 14.43 16.84
CA ALA A 239 19.74 14.65 17.70
C ALA A 239 18.69 15.55 17.03
N LYS A 240 19.13 16.62 16.40
CA LYS A 240 18.22 17.49 15.71
C LYS A 240 17.43 16.69 14.69
N THR A 241 18.09 15.74 14.03
CA THR A 241 17.44 14.92 13.00
C THR A 241 16.42 13.91 13.62
N VAL A 242 16.67 13.42 14.82
CA VAL A 242 15.65 12.56 15.49
C VAL A 242 14.42 13.40 15.93
N CYS A 243 14.64 14.67 16.31
CA CYS A 243 13.54 15.60 16.68
C CYS A 243 12.65 15.87 15.47
N ALA A 244 13.26 16.06 14.31
CA ALA A 244 12.52 16.23 13.07
C ALA A 244 11.64 15.01 12.82
N LEU A 245 12.17 13.82 13.09
CA LEU A 245 11.39 12.58 12.93
C LEU A 245 10.31 12.46 14.01
N LEU A 246 10.55 13.08 15.16
CA LEU A 246 9.56 13.06 16.25
C LEU A 246 8.60 14.24 16.13
N SER A 247 8.82 15.10 15.14
CA SER A 247 7.95 16.25 14.91
C SER A 247 6.84 15.90 13.92
N ASP A 248 6.07 16.91 13.52
CA ASP A 248 5.00 16.72 12.53
C ASP A 248 5.45 17.06 11.14
N TRP A 249 6.70 17.50 10.97
CA TRP A 249 7.18 17.95 9.66
C TRP A 249 7.70 16.85 8.69
N LEU A 250 7.53 15.59 9.06
CA LEU A 250 7.74 14.47 8.17
C LEU A 250 6.58 13.48 8.30
N PRO A 251 5.33 13.96 8.14
CA PRO A 251 4.11 13.13 8.40
C PRO A 251 3.80 12.06 7.37
N ALA A 252 4.62 11.97 6.32
CA ALA A 252 4.34 11.06 5.23
C ALA A 252 5.46 10.06 5.01
N THR A 253 6.40 9.95 5.97
CA THR A 253 7.49 8.98 5.87
C THR A 253 7.50 8.05 7.05
N THR A 254 7.58 6.76 6.74
CA THR A 254 7.63 5.69 7.72
C THR A 254 8.22 4.42 7.09
N GLY A 255 8.63 3.47 7.92
CA GLY A 255 9.28 2.24 7.48
C GLY A 255 10.57 2.55 6.75
N ASP A 256 11.22 3.65 7.15
CA ASP A 256 12.25 4.23 6.33
C ASP A 256 13.49 4.64 7.12
N ILE A 257 14.53 4.99 6.36
CA ILE A 257 15.81 5.39 6.86
C ILE A 257 16.18 6.83 6.37
N ILE A 258 16.35 7.75 7.31
CA ILE A 258 16.95 9.08 7.05
C ILE A 258 18.41 8.94 7.39
N TYR A 259 19.27 9.63 6.65
CA TYR A 259 20.69 9.50 6.87
C TYR A 259 21.24 10.79 7.41
N ALA A 260 21.82 10.74 8.60
CA ALA A 260 22.52 11.89 9.21
C ALA A 260 23.99 11.52 9.34
N ASP A 261 24.66 11.46 8.20
CA ASP A 261 26.03 11.05 8.12
C ASP A 261 26.82 12.07 7.33
N GLY A 262 26.26 13.28 7.18
CA GLY A 262 26.92 14.39 6.48
C GLY A 262 26.83 14.25 4.97
N GLY A 263 26.06 13.26 4.50
CA GLY A 263 25.96 12.95 3.07
C GLY A 263 27.02 11.96 2.59
N ALA A 264 27.67 11.31 3.55
CA ALA A 264 28.73 10.37 3.25
C ALA A 264 28.30 9.21 2.39
N HIS A 265 27.20 8.57 2.79
CA HIS A 265 26.78 7.31 2.14
C HIS A 265 26.49 7.48 0.65
N THR A 266 26.27 8.71 0.19
CA THR A 266 25.93 8.97 -1.21
C THR A 266 27.15 9.38 -2.07
N GLN A 267 28.34 9.22 -1.49
CA GLN A 267 29.59 9.64 -2.13
C GLN A 267 30.56 8.49 -2.05
N LEU A 268 31.01 8.01 -3.23
CA LEU A 268 31.99 6.89 -3.32
C LEU A 268 33.36 7.36 -2.80
N LEU A 269 33.92 8.36 -3.47
CA LEU A 269 35.16 8.99 -3.04
C LEU A 269 34.89 10.47 -2.81
N THR B 2 31.73 -29.92 -23.65
CA THR B 2 31.69 -30.43 -22.25
C THR B 2 30.70 -29.59 -21.40
N GLY B 3 30.62 -29.92 -20.10
CA GLY B 3 29.74 -29.21 -19.19
C GLY B 3 30.31 -27.87 -18.77
N LEU B 4 29.56 -27.17 -17.91
CA LEU B 4 29.91 -25.82 -17.42
C LEU B 4 30.62 -25.89 -16.03
N LEU B 5 30.38 -26.99 -15.33
CA LEU B 5 30.97 -27.26 -14.02
C LEU B 5 31.84 -28.55 -14.15
N ASP B 6 32.59 -28.62 -15.24
CA ASP B 6 33.36 -29.82 -15.60
C ASP B 6 34.56 -30.08 -14.69
N GLY B 7 34.54 -31.18 -13.93
CA GLY B 7 35.66 -31.56 -13.06
C GLY B 7 35.85 -30.66 -11.85
N LYS B 8 34.78 -30.01 -11.43
CA LYS B 8 34.74 -29.19 -10.22
C LYS B 8 34.00 -30.00 -9.21
N ARG B 9 34.54 -30.15 -8.02
CA ARG B 9 33.86 -30.90 -6.95
C ARG B 9 33.02 -29.92 -6.13
N ILE B 10 31.71 -30.12 -6.12
CA ILE B 10 30.80 -29.19 -5.48
C ILE B 10 30.00 -29.82 -4.32
N LEU B 11 29.87 -29.09 -3.22
CA LEU B 11 29.01 -29.53 -2.11
C LEU B 11 27.63 -28.88 -2.26
N VAL B 12 26.56 -29.70 -2.18
CA VAL B 12 25.18 -29.19 -2.28
C VAL B 12 24.27 -29.66 -1.12
N SER B 13 23.89 -28.72 -0.25
CA SER B 13 23.04 -29.04 0.89
C SER B 13 21.62 -28.76 0.50
N GLY B 14 20.72 -28.77 1.48
CA GLY B 14 19.34 -28.32 1.30
C GLY B 14 18.32 -29.32 0.79
N ILE B 15 18.77 -30.36 0.06
CA ILE B 15 17.82 -31.37 -0.47
C ILE B 15 16.98 -32.00 0.64
N ILE B 16 15.68 -32.10 0.37
CA ILE B 16 14.71 -32.75 1.26
C ILE B 16 13.61 -33.48 0.41
N THR B 17 13.29 -32.92 -0.78
CA THR B 17 12.35 -33.54 -1.74
C THR B 17 12.82 -33.26 -3.19
N ASP B 18 12.03 -33.69 -4.19
CA ASP B 18 12.36 -33.46 -5.64
C ASP B 18 12.04 -32.03 -6.11
N SER B 19 11.08 -31.38 -5.43
CA SER B 19 10.71 -29.97 -5.72
C SER B 19 11.81 -29.02 -5.24
N SER B 20 12.49 -29.44 -4.18
CA SER B 20 13.51 -28.66 -3.44
C SER B 20 14.59 -28.00 -4.35
N ILE B 21 14.80 -26.70 -4.16
CA ILE B 21 15.76 -25.91 -4.95
C ILE B 21 17.07 -26.65 -5.10
N ALA B 22 17.60 -27.11 -3.97
CA ALA B 22 18.88 -27.84 -3.93
C ALA B 22 18.89 -29.07 -4.87
N PHE B 23 17.75 -29.77 -4.93
CA PHE B 23 17.63 -30.98 -5.75
C PHE B 23 17.92 -30.66 -7.21
N HIS B 24 17.20 -29.67 -7.74
CA HIS B 24 17.41 -29.25 -9.12
C HIS B 24 18.84 -28.68 -9.34
N ILE B 25 19.39 -28.00 -8.34
CA ILE B 25 20.76 -27.46 -8.47
C ILE B 25 21.77 -28.60 -8.67
N ALA B 26 21.70 -29.62 -7.84
CA ALA B 26 22.60 -30.75 -7.98
C ALA B 26 22.37 -31.40 -9.34
N ARG B 27 21.10 -31.70 -9.61
CA ARG B 27 20.68 -32.38 -10.85
C ARG B 27 21.35 -31.80 -12.08
N VAL B 28 21.35 -30.48 -12.17
CA VAL B 28 21.89 -29.79 -13.31
C VAL B 28 23.41 -29.81 -13.24
N ALA B 29 23.95 -29.66 -12.03
CA ALA B 29 25.41 -29.65 -11.82
C ALA B 29 26.07 -30.93 -12.37
N GLN B 30 25.42 -32.07 -12.12
CA GLN B 30 25.92 -33.35 -12.60
C GLN B 30 25.81 -33.41 -14.10
N GLU B 31 24.63 -33.03 -14.63
CA GLU B 31 24.44 -32.90 -16.10
C GLU B 31 25.55 -32.06 -16.68
N GLN B 32 26.07 -31.14 -15.86
CA GLN B 32 27.19 -30.30 -16.23
C GLN B 32 28.54 -30.89 -15.80
N GLY B 33 28.59 -32.23 -15.72
CA GLY B 33 29.83 -32.97 -15.47
C GLY B 33 30.50 -32.70 -14.14
N ALA B 34 29.69 -32.35 -13.13
CA ALA B 34 30.21 -32.03 -11.83
C ALA B 34 30.10 -33.23 -10.90
N GLN B 35 31.16 -33.47 -10.14
CA GLN B 35 31.23 -34.58 -9.19
C GLN B 35 30.76 -34.03 -7.84
N LEU B 36 29.56 -34.41 -7.42
CA LEU B 36 28.93 -33.78 -6.24
C LEU B 36 29.19 -34.40 -4.86
N VAL B 37 28.94 -33.57 -3.84
CA VAL B 37 28.84 -34.00 -2.45
C VAL B 37 27.56 -33.36 -1.93
N LEU B 38 26.80 -34.11 -1.13
CA LEU B 38 25.51 -33.64 -0.64
C LEU B 38 25.40 -33.76 0.88
N THR B 39 24.51 -32.95 1.48
CA THR B 39 24.30 -32.96 2.93
C THR B 39 22.82 -32.91 3.27
N GLY B 40 22.43 -33.64 4.31
CA GLY B 40 21.01 -33.75 4.70
C GLY B 40 20.81 -33.49 6.17
N PHE B 41 19.60 -33.07 6.54
CA PHE B 41 19.28 -32.63 7.90
C PHE B 41 18.66 -33.68 8.83
N ASP B 42 17.32 -33.77 8.85
CA ASP B 42 16.60 -34.55 9.90
C ASP B 42 16.27 -35.98 9.50
N ARG B 43 15.48 -36.12 8.43
CA ARG B 43 15.02 -37.43 7.96
C ARG B 43 16.02 -37.99 6.97
N LEU B 44 17.27 -38.12 7.40
CA LEU B 44 18.37 -38.63 6.54
C LEU B 44 18.02 -39.85 5.70
N ARG B 45 17.29 -40.78 6.30
CA ARG B 45 17.03 -42.07 5.70
C ARG B 45 16.09 -41.92 4.50
N LEU B 46 15.01 -41.16 4.70
CA LEU B 46 14.06 -40.87 3.62
C LEU B 46 14.75 -40.09 2.50
N ILE B 47 15.57 -39.10 2.85
CA ILE B 47 16.22 -38.26 1.83
C ILE B 47 17.30 -38.96 0.98
N GLN B 48 17.61 -40.21 1.32
CA GLN B 48 18.47 -41.03 0.42
C GLN B 48 17.65 -41.64 -0.70
N ARG B 49 16.36 -41.85 -0.46
CA ARG B 49 15.45 -42.36 -1.50
C ARG B 49 15.06 -41.20 -2.44
N ILE B 50 15.38 -39.97 -2.01
CA ILE B 50 15.22 -38.76 -2.82
C ILE B 50 16.48 -38.57 -3.69
N THR B 51 17.64 -38.55 -3.05
CA THR B 51 18.91 -38.38 -3.77
C THR B 51 19.23 -39.49 -4.77
N ASP B 52 18.45 -40.57 -4.74
CA ASP B 52 18.65 -41.68 -5.67
C ASP B 52 18.37 -41.28 -7.12
N ARG B 53 17.36 -40.42 -7.32
CA ARG B 53 16.92 -40.01 -8.65
C ARG B 53 17.92 -39.09 -9.36
N LEU B 54 18.67 -38.31 -8.60
CA LEU B 54 19.71 -37.48 -9.18
C LEU B 54 20.57 -38.41 -10.02
N PRO B 55 20.69 -38.11 -11.32
CA PRO B 55 21.33 -38.99 -12.28
C PRO B 55 22.38 -39.96 -11.69
N ALA B 56 23.50 -39.42 -11.20
CA ALA B 56 24.61 -40.26 -10.70
C ALA B 56 24.61 -40.42 -9.16
N LYS B 57 25.43 -41.37 -8.67
CA LYS B 57 25.53 -41.67 -7.23
C LYS B 57 26.46 -40.66 -6.54
N ALA B 58 25.95 -40.02 -5.47
CA ALA B 58 26.71 -39.00 -4.72
C ALA B 58 26.69 -39.27 -3.21
N PRO B 59 27.85 -39.11 -2.53
CA PRO B 59 27.96 -39.39 -1.08
C PRO B 59 27.13 -38.47 -0.15
N LEU B 60 26.00 -38.99 0.33
CA LEU B 60 25.07 -38.22 1.17
C LEU B 60 25.55 -38.15 2.62
N LEU B 61 26.40 -37.16 2.91
CA LEU B 61 26.89 -36.92 4.28
C LEU B 61 25.84 -36.19 5.11
N GLU B 62 25.90 -36.35 6.43
CA GLU B 62 24.92 -35.75 7.36
C GLU B 62 25.40 -34.35 7.78
N LEU B 63 24.49 -33.37 7.78
CA LEU B 63 24.83 -31.99 8.18
C LEU B 63 23.69 -31.27 8.81
N ASP B 64 23.89 -30.80 10.03
CA ASP B 64 22.90 -30.01 10.76
C ASP B 64 23.56 -28.72 11.15
N VAL B 65 23.16 -27.62 10.51
CA VAL B 65 23.79 -26.31 10.77
C VAL B 65 23.59 -25.75 12.21
N GLN B 66 22.73 -26.38 13.02
CA GLN B 66 22.59 -26.00 14.44
C GLN B 66 23.42 -26.91 15.38
N ASN B 67 24.03 -27.95 14.80
CA ASN B 67 24.85 -28.91 15.53
C ASN B 67 26.34 -28.57 15.32
N GLU B 68 27.01 -28.24 16.41
CA GLU B 68 28.44 -27.86 16.40
C GLU B 68 29.39 -29.01 15.96
N GLU B 69 29.07 -30.24 16.38
CA GLU B 69 29.91 -31.40 16.05
C GLU B 69 29.95 -31.79 14.57
N HIS B 70 28.78 -31.78 13.91
CA HIS B 70 28.68 -32.00 12.45
C HIS B 70 29.59 -31.03 11.69
N LEU B 71 29.58 -29.77 12.14
CA LEU B 71 30.41 -28.69 11.57
C LEU B 71 31.92 -28.97 11.69
N ALA B 72 32.37 -29.38 12.88
CA ALA B 72 33.81 -29.63 13.12
C ALA B 72 34.33 -30.80 12.27
N SER B 73 33.48 -31.81 12.13
CA SER B 73 33.83 -33.03 11.41
C SER B 73 33.54 -32.97 9.91
N LEU B 74 33.02 -31.84 9.42
CA LEU B 74 32.64 -31.71 8.00
C LEU B 74 33.78 -31.85 7.00
N ALA B 75 34.76 -30.98 7.08
CA ALA B 75 35.88 -31.00 6.15
C ALA B 75 36.54 -32.38 6.08
N GLY B 76 36.63 -33.06 7.23
CA GLY B 76 37.17 -34.40 7.31
C GLY B 76 36.23 -35.42 6.70
N ARG B 77 34.92 -35.22 6.91
CA ARG B 77 33.92 -36.14 6.34
C ARG B 77 33.70 -35.90 4.86
N VAL B 78 34.22 -34.79 4.35
CA VAL B 78 34.17 -34.48 2.92
C VAL B 78 35.48 -34.92 2.27
N THR B 79 36.58 -34.29 2.69
CA THR B 79 37.92 -34.62 2.20
C THR B 79 38.04 -36.14 1.94
N GLU B 80 37.45 -36.94 2.82
CA GLU B 80 37.45 -38.40 2.71
C GLU B 80 36.45 -38.88 1.63
N ALA B 81 35.30 -38.22 1.53
CA ALA B 81 34.30 -38.52 0.49
C ALA B 81 34.87 -38.28 -0.92
N ILE B 82 35.73 -37.26 -1.05
CA ILE B 82 36.38 -36.94 -2.35
C ILE B 82 37.83 -37.42 -2.41
N GLY B 83 38.25 -38.16 -1.36
CA GLY B 83 39.58 -38.73 -1.29
C GLY B 83 40.64 -37.73 -0.91
N ALA B 84 41.43 -38.05 0.12
CA ALA B 84 42.50 -37.18 0.59
C ALA B 84 43.31 -36.66 -0.60
N GLY B 85 43.56 -35.34 -0.63
CA GLY B 85 44.34 -34.71 -1.71
C GLY B 85 43.54 -33.80 -2.64
N ASN B 86 42.21 -33.95 -2.61
CA ASN B 86 41.31 -33.15 -3.44
C ASN B 86 40.43 -32.21 -2.59
N LYS B 87 40.22 -30.98 -3.08
CA LYS B 87 39.41 -29.98 -2.37
C LYS B 87 38.13 -29.63 -3.15
N LEU B 88 37.22 -28.90 -2.51
CA LEU B 88 36.00 -28.46 -3.17
C LEU B 88 36.26 -27.23 -4.04
N ASP B 89 35.43 -27.10 -5.09
CA ASP B 89 35.45 -25.95 -6.00
C ASP B 89 34.17 -25.10 -5.83
N GLY B 90 33.12 -25.68 -5.26
CA GLY B 90 31.91 -24.93 -5.01
C GLY B 90 31.14 -25.39 -3.79
N VAL B 91 30.43 -24.45 -3.17
CA VAL B 91 29.63 -24.74 -1.98
C VAL B 91 28.26 -24.14 -2.14
N VAL B 92 27.21 -24.94 -1.93
CA VAL B 92 25.83 -24.44 -2.02
C VAL B 92 25.03 -24.59 -0.71
N HIS B 93 24.52 -23.46 -0.24
CA HIS B 93 23.70 -23.38 0.96
C HIS B 93 22.27 -23.10 0.52
N SER B 94 21.40 -24.11 0.56
CA SER B 94 19.94 -23.90 0.28
C SER B 94 19.16 -24.30 1.51
N ILE B 95 19.37 -23.54 2.57
CA ILE B 95 18.87 -23.88 3.91
C ILE B 95 18.09 -22.72 4.55
N GLY B 96 16.89 -23.03 5.04
CA GLY B 96 16.07 -22.05 5.69
C GLY B 96 15.11 -22.67 6.68
N PHE B 97 14.79 -21.93 7.72
CA PHE B 97 13.78 -22.35 8.67
C PHE B 97 13.33 -21.18 9.52
N MET B 98 12.08 -21.24 9.91
CA MET B 98 11.48 -20.24 10.72
C MET B 98 10.22 -20.87 11.32
N PRO B 99 10.15 -20.95 12.63
CA PRO B 99 8.95 -21.47 13.27
C PRO B 99 7.68 -20.82 12.73
N GLN B 100 6.55 -21.48 12.92
CA GLN B 100 5.27 -20.97 12.43
C GLN B 100 4.87 -19.65 13.08
N THR B 101 5.25 -19.47 14.33
CA THR B 101 4.84 -18.29 15.11
C THR B 101 5.40 -16.98 14.57
N GLY B 102 6.48 -17.08 13.81
CA GLY B 102 7.12 -15.92 13.22
C GLY B 102 6.81 -15.75 11.75
N MET B 103 5.69 -16.33 11.27
CA MET B 103 5.32 -16.24 9.83
C MET B 103 3.83 -16.41 9.53
N GLY B 104 3.46 -16.00 8.31
CA GLY B 104 2.11 -16.13 7.81
C GLY B 104 1.18 -15.12 8.43
N ILE B 105 -0.01 -15.57 8.81
CA ILE B 105 -1.02 -14.73 9.49
C ILE B 105 -0.69 -14.52 10.99
N ASN B 106 0.27 -15.29 11.52
CA ASN B 106 0.72 -15.14 12.93
C ASN B 106 1.34 -13.76 13.17
N PRO B 107 0.70 -12.93 14.03
CA PRO B 107 1.15 -11.54 14.23
C PRO B 107 2.66 -11.41 14.34
N PHE B 108 3.15 -10.22 14.02
CA PHE B 108 4.60 -9.98 13.98
C PHE B 108 5.17 -9.88 15.39
N PHE B 109 4.41 -9.27 16.29
CA PHE B 109 4.86 -9.04 17.65
C PHE B 109 4.75 -10.25 18.61
N ASP B 110 3.98 -11.27 18.22
CA ASP B 110 3.79 -12.44 19.09
C ASP B 110 4.85 -13.52 18.82
N ALA B 111 5.83 -13.22 17.97
CA ALA B 111 6.93 -14.15 17.73
C ALA B 111 7.95 -14.03 18.87
N PRO B 112 8.06 -15.06 19.74
CA PRO B 112 9.02 -14.99 20.83
C PRO B 112 10.41 -15.00 20.28
N TYR B 113 11.32 -14.21 20.85
CA TYR B 113 12.64 -14.13 20.28
C TYR B 113 13.20 -15.52 19.98
N ALA B 114 13.09 -16.41 20.95
CA ALA B 114 13.61 -17.79 20.83
C ALA B 114 13.28 -18.46 19.49
N ASP B 115 12.06 -18.24 18.99
CA ASP B 115 11.65 -18.78 17.68
C ASP B 115 12.40 -18.02 16.54
N VAL B 116 12.47 -16.71 16.68
CA VAL B 116 13.13 -15.86 15.71
C VAL B 116 14.64 -16.14 15.70
N SER B 117 15.19 -16.45 16.88
CA SER B 117 16.60 -16.78 17.03
C SER B 117 16.93 -18.13 16.36
N LYS B 118 16.09 -19.13 16.60
CA LYS B 118 16.28 -20.38 15.93
C LYS B 118 16.29 -20.14 14.41
N GLY B 119 15.46 -19.20 13.96
CA GLY B 119 15.32 -18.87 12.55
C GLY B 119 16.52 -18.17 11.94
N ILE B 120 17.13 -17.25 12.67
CA ILE B 120 18.34 -16.53 12.19
C ILE B 120 19.55 -17.51 12.12
N HIS B 121 19.71 -18.30 13.19
CA HIS B 121 20.81 -19.27 13.31
C HIS B 121 20.88 -20.12 12.06
N ILE B 122 19.73 -20.66 11.69
CA ILE B 122 19.63 -21.60 10.60
C ILE B 122 19.63 -20.88 9.25
N SER B 123 18.89 -19.78 9.16
CA SER B 123 18.67 -19.11 7.87
C SER B 123 19.74 -18.11 7.49
N ALA B 124 20.32 -17.42 8.48
CA ALA B 124 21.35 -16.40 8.22
C ALA B 124 22.75 -16.84 8.69
N TYR B 125 22.88 -17.07 9.99
CA TYR B 125 24.17 -17.38 10.58
C TYR B 125 24.81 -18.64 9.99
N SER B 126 23.97 -19.64 9.69
CA SER B 126 24.43 -20.91 9.14
C SER B 126 25.28 -20.76 7.86
N TYR B 127 25.12 -19.63 7.17
CA TYR B 127 25.86 -19.39 5.94
C TYR B 127 27.32 -19.12 6.24
N ALA B 128 27.55 -18.43 7.35
CA ALA B 128 28.89 -18.10 7.79
C ALA B 128 29.57 -19.30 8.41
N SER B 129 28.79 -20.16 9.06
CA SER B 129 29.35 -21.34 9.73
C SER B 129 29.69 -22.48 8.76
N MET B 130 28.96 -22.58 7.65
CA MET B 130 29.31 -23.53 6.57
C MET B 130 30.56 -23.05 5.85
N ALA B 131 30.77 -21.74 5.81
CA ALA B 131 31.92 -21.17 5.14
C ALA B 131 33.16 -21.40 5.99
N LYS B 132 33.05 -21.13 7.29
CA LYS B 132 34.14 -21.38 8.24
C LYS B 132 34.60 -22.84 8.14
N ALA B 133 33.64 -23.74 8.02
CA ALA B 133 33.91 -25.15 7.99
C ALA B 133 34.52 -25.65 6.69
N LEU B 134 34.30 -24.95 5.57
CA LEU B 134 34.71 -25.48 4.26
C LEU B 134 35.69 -24.61 3.45
N LEU B 135 35.96 -23.38 3.87
CA LEU B 135 37.01 -22.59 3.22
C LEU B 135 38.38 -23.32 3.25
N PRO B 136 38.76 -23.95 4.41
CA PRO B 136 40.07 -24.63 4.52
C PRO B 136 40.27 -25.75 3.50
N ILE B 137 39.18 -26.41 3.09
CA ILE B 137 39.26 -27.46 2.06
C ILE B 137 38.66 -27.00 0.69
N MET B 138 38.85 -25.73 0.33
CA MET B 138 38.37 -25.21 -0.96
C MET B 138 39.51 -24.69 -1.81
N ASN B 139 39.44 -24.99 -3.11
CA ASN B 139 40.46 -24.57 -4.08
C ASN B 139 40.31 -23.12 -4.49
N PRO B 140 41.43 -22.46 -4.84
CA PRO B 140 41.34 -21.16 -5.53
C PRO B 140 40.40 -21.22 -6.77
N GLY B 141 39.82 -20.08 -7.13
CA GLY B 141 38.82 -20.04 -8.20
C GLY B 141 37.49 -20.62 -7.75
N GLY B 142 37.35 -20.86 -6.43
CA GLY B 142 36.14 -21.47 -5.85
C GLY B 142 34.97 -20.50 -5.69
N SER B 143 33.77 -21.07 -5.47
CA SER B 143 32.52 -20.28 -5.39
C SER B 143 31.54 -20.83 -4.37
N ILE B 144 31.14 -19.98 -3.42
CA ILE B 144 30.13 -20.35 -2.42
C ILE B 144 28.87 -19.61 -2.80
N VAL B 145 27.72 -20.27 -2.69
CA VAL B 145 26.47 -19.64 -3.08
C VAL B 145 25.32 -19.96 -2.13
N GLY B 146 24.47 -18.96 -1.90
CA GLY B 146 23.33 -19.10 -1.00
C GLY B 146 22.03 -18.69 -1.66
N MET B 147 20.92 -19.22 -1.16
CA MET B 147 19.63 -18.91 -1.71
C MET B 147 19.06 -17.80 -0.91
N ASP B 148 18.66 -16.72 -1.61
CA ASP B 148 18.12 -15.51 -0.94
C ASP B 148 16.71 -15.23 -1.44
N PHE B 149 15.87 -14.63 -0.61
CA PHE B 149 14.58 -14.12 -1.06
C PHE B 149 14.57 -12.63 -0.75
N ASP B 150 14.41 -11.81 -1.79
CA ASP B 150 14.61 -10.37 -1.71
C ASP B 150 13.84 -9.72 -0.56
N PRO B 151 14.57 -9.19 0.47
CA PRO B 151 13.95 -8.60 1.65
C PRO B 151 14.02 -7.08 1.75
N SER B 152 14.40 -6.40 0.67
CA SER B 152 14.51 -4.91 0.66
C SER B 152 13.26 -4.21 1.19
N ARG B 153 12.10 -4.80 0.93
CA ARG B 153 10.84 -4.25 1.36
C ARG B 153 10.08 -5.28 2.16
N ALA B 154 9.31 -4.81 3.15
CA ALA B 154 8.41 -5.70 3.93
C ALA B 154 7.23 -6.16 3.08
N MET B 155 6.62 -7.29 3.47
CA MET B 155 5.56 -7.93 2.66
C MET B 155 4.64 -8.78 3.53
N PRO B 156 3.48 -9.17 3.00
CA PRO B 156 2.67 -10.13 3.76
C PRO B 156 3.33 -11.50 3.92
N ALA B 157 3.03 -12.17 5.05
CA ALA B 157 3.35 -13.64 5.26
C ALA B 157 4.78 -14.05 5.61
N TYR B 158 5.76 -13.63 4.82
CA TYR B 158 7.20 -14.03 5.03
C TYR B 158 7.73 -13.58 6.39
N ASN B 159 7.15 -12.49 6.92
CA ASN B 159 7.48 -11.94 8.26
C ASN B 159 8.98 -11.97 8.69
N TRP B 160 9.30 -12.71 9.76
CA TRP B 160 10.67 -12.77 10.30
C TRP B 160 11.66 -13.46 9.37
N MET B 161 11.15 -14.15 8.35
CA MET B 161 12.01 -14.79 7.36
C MET B 161 12.69 -13.75 6.54
N THR B 162 11.99 -12.66 6.27
CA THR B 162 12.59 -11.53 5.61
C THR B 162 13.74 -11.03 6.52
N VAL B 163 13.48 -10.94 7.81
CA VAL B 163 14.49 -10.45 8.74
C VAL B 163 15.71 -11.38 8.70
N ALA B 164 15.46 -12.69 8.63
CA ALA B 164 16.54 -13.68 8.51
C ALA B 164 17.25 -13.51 7.16
N LYS B 165 16.47 -13.21 6.12
CA LYS B 165 17.00 -12.95 4.77
C LYS B 165 17.77 -11.62 4.69
N SER B 166 17.28 -10.60 5.38
CA SER B 166 18.00 -9.34 5.48
C SER B 166 19.35 -9.53 6.18
N ALA B 167 19.37 -10.38 7.22
CA ALA B 167 20.58 -10.70 7.97
C ALA B 167 21.52 -11.49 7.12
N LEU B 168 20.96 -12.40 6.33
CA LEU B 168 21.72 -13.29 5.47
C LEU B 168 22.50 -12.52 4.39
N GLU B 169 21.89 -11.46 3.85
CA GLU B 169 22.58 -10.62 2.82
C GLU B 169 23.76 -9.85 3.39
N SER B 170 23.61 -9.37 4.63
CA SER B 170 24.74 -8.76 5.34
C SER B 170 25.83 -9.81 5.51
N VAL B 171 25.51 -10.90 6.20
CA VAL B 171 26.46 -11.98 6.45
C VAL B 171 27.26 -12.28 5.20
N ASN B 172 26.55 -12.43 4.08
CA ASN B 172 27.15 -12.79 2.83
C ASN B 172 28.32 -11.88 2.44
N ARG B 173 28.15 -10.58 2.67
CA ARG B 173 29.19 -9.61 2.37
C ARG B 173 30.43 -9.86 3.21
N PHE B 174 30.22 -10.36 4.42
CA PHE B 174 31.32 -10.61 5.33
C PHE B 174 31.97 -11.95 5.04
N VAL B 175 31.19 -12.90 4.53
CA VAL B 175 31.76 -14.17 4.11
C VAL B 175 32.68 -13.93 2.90
N ALA B 176 32.27 -12.99 2.04
CA ALA B 176 33.04 -12.66 0.83
C ALA B 176 34.45 -12.14 1.16
N ARG B 177 34.58 -11.47 2.30
CA ARG B 177 35.90 -10.98 2.78
C ARG B 177 36.81 -12.15 3.14
N GLU B 178 36.25 -13.10 3.86
CA GLU B 178 36.99 -14.26 4.30
C GLU B 178 37.35 -15.11 3.12
N ALA B 179 36.36 -15.40 2.27
CA ALA B 179 36.58 -16.24 1.10
C ALA B 179 37.61 -15.62 0.13
N GLY B 180 37.69 -14.28 0.12
CA GLY B 180 38.69 -13.57 -0.68
C GLY B 180 40.12 -13.97 -0.31
N LYS B 181 40.33 -14.17 0.99
CA LYS B 181 41.63 -14.64 1.50
C LYS B 181 42.04 -15.92 0.76
N TYR B 182 41.06 -16.74 0.35
CA TYR B 182 41.31 -18.02 -0.38
C TYR B 182 41.16 -17.97 -1.94
N GLY B 183 40.77 -16.83 -2.49
CA GLY B 183 40.48 -16.72 -3.91
C GLY B 183 39.11 -17.29 -4.27
N VAL B 184 38.25 -17.42 -3.25
CA VAL B 184 36.91 -18.00 -3.39
C VAL B 184 35.87 -16.89 -3.27
N ARG B 185 34.79 -17.01 -4.05
CA ARG B 185 33.76 -16.00 -4.11
C ARG B 185 32.52 -16.44 -3.32
N SER B 186 31.75 -15.45 -2.85
CA SER B 186 30.53 -15.70 -2.08
C SER B 186 29.37 -14.81 -2.60
N ASN B 187 28.30 -15.43 -3.09
CA ASN B 187 27.16 -14.69 -3.63
C ASN B 187 25.86 -15.38 -3.31
N LEU B 188 24.78 -14.62 -3.32
CA LEU B 188 23.46 -15.17 -3.04
C LEU B 188 22.69 -15.17 -4.33
N VAL B 189 21.63 -16.00 -4.38
CA VAL B 189 20.73 -16.03 -5.52
C VAL B 189 19.32 -15.76 -4.99
N ALA B 190 18.75 -14.60 -5.35
CA ALA B 190 17.40 -14.22 -4.88
C ALA B 190 16.38 -14.80 -5.81
N ALA B 191 15.77 -15.89 -5.37
CA ALA B 191 14.88 -16.66 -6.20
C ALA B 191 13.47 -16.16 -6.08
N GLY B 192 12.71 -16.31 -7.16
CA GLY B 192 11.30 -16.04 -7.14
C GLY B 192 10.64 -17.26 -6.55
N PRO B 193 9.32 -17.17 -6.28
CA PRO B 193 8.57 -18.26 -5.67
C PRO B 193 8.74 -19.59 -6.40
N ILE B 194 9.09 -20.62 -5.66
CA ILE B 194 9.22 -21.96 -6.19
C ILE B 194 8.35 -22.82 -5.31
N ARG B 195 7.28 -23.38 -5.85
CA ARG B 195 6.33 -24.14 -5.03
C ARG B 195 6.96 -25.36 -4.30
N THR B 196 6.96 -25.30 -2.94
CA THR B 196 7.36 -26.44 -2.06
C THR B 196 6.36 -26.56 -0.91
N GLU B 220 0.58 -15.70 -9.71
CA GLU B 220 -0.09 -14.78 -10.65
C GLU B 220 0.68 -13.46 -10.76
N GLY B 221 0.68 -12.70 -9.67
CA GLY B 221 1.30 -11.37 -9.61
C GLY B 221 2.74 -11.36 -10.06
N TRP B 222 3.50 -12.37 -9.65
CA TRP B 222 4.91 -12.44 -10.00
C TRP B 222 5.05 -12.60 -11.52
N ASP B 223 4.20 -13.45 -12.11
CA ASP B 223 4.18 -13.67 -13.57
C ASP B 223 3.83 -12.39 -14.32
N GLN B 224 3.14 -11.49 -13.62
CA GLN B 224 2.72 -10.20 -14.17
C GLN B 224 3.90 -9.17 -14.20
N ARG B 225 4.39 -8.79 -13.01
CA ARG B 225 5.53 -7.85 -12.87
C ARG B 225 6.78 -8.31 -13.69
N ALA B 226 7.05 -9.61 -13.66
CA ALA B 226 8.15 -10.24 -14.42
C ALA B 226 7.98 -10.02 -15.92
N PRO B 227 8.87 -9.18 -16.55
CA PRO B 227 8.78 -8.94 -17.98
C PRO B 227 8.87 -10.20 -18.87
N ILE B 228 9.55 -11.24 -18.40
CA ILE B 228 9.64 -12.53 -19.11
C ILE B 228 8.78 -13.61 -18.45
N GLY B 229 7.88 -13.20 -17.57
CA GLY B 229 7.04 -14.15 -16.87
C GLY B 229 7.81 -14.90 -15.81
N TRP B 230 7.10 -15.74 -15.07
CA TRP B 230 7.69 -16.52 -14.00
C TRP B 230 6.87 -17.80 -13.77
N ASN B 231 7.55 -18.94 -13.70
CA ASN B 231 6.88 -20.24 -13.51
C ASN B 231 7.32 -20.89 -12.18
N MET B 232 6.45 -20.84 -11.16
CA MET B 232 6.81 -21.41 -9.83
C MET B 232 6.53 -22.92 -9.65
N LYS B 233 6.32 -23.60 -10.76
CA LYS B 233 6.32 -25.03 -10.76
C LYS B 233 7.66 -25.49 -11.39
N ASP B 234 8.46 -24.51 -11.85
CA ASP B 234 9.72 -24.75 -12.55
C ASP B 234 10.91 -24.14 -11.73
N ALA B 235 11.83 -24.99 -11.31
CA ALA B 235 13.00 -24.53 -10.54
C ALA B 235 14.32 -24.52 -11.34
N THR B 236 14.28 -25.00 -12.59
CA THR B 236 15.49 -25.11 -13.43
C THR B 236 16.28 -23.78 -13.69
N PRO B 237 15.56 -22.67 -14.05
CA PRO B 237 16.26 -21.37 -14.24
C PRO B 237 16.97 -20.87 -12.97
N VAL B 238 16.29 -20.99 -11.81
CA VAL B 238 16.93 -20.73 -10.52
C VAL B 238 18.14 -21.67 -10.38
N ALA B 239 17.90 -22.95 -10.70
CA ALA B 239 18.92 -24.00 -10.65
C ALA B 239 20.05 -23.71 -11.60
N LYS B 240 19.72 -23.23 -12.80
CA LYS B 240 20.74 -22.89 -13.80
C LYS B 240 21.63 -21.76 -13.27
N THR B 241 21.00 -20.72 -12.73
CA THR B 241 21.73 -19.52 -12.27
C THR B 241 22.71 -19.82 -11.12
N VAL B 242 22.31 -20.73 -10.23
CA VAL B 242 23.21 -21.21 -9.16
C VAL B 242 24.44 -21.88 -9.81
N CYS B 243 24.23 -22.62 -10.91
CA CYS B 243 25.35 -23.22 -11.67
C CYS B 243 26.28 -22.15 -12.27
N ALA B 244 25.71 -21.07 -12.77
CA ALA B 244 26.53 -19.99 -13.33
C ALA B 244 27.47 -19.41 -12.27
N LEU B 245 26.94 -19.26 -11.05
CA LEU B 245 27.75 -18.71 -9.94
C LEU B 245 28.88 -19.67 -9.55
N LEU B 246 28.65 -20.96 -9.78
CA LEU B 246 29.67 -21.98 -9.52
C LEU B 246 30.70 -22.06 -10.67
N SER B 247 30.33 -21.54 -11.84
CA SER B 247 31.19 -21.58 -13.01
C SER B 247 32.33 -20.60 -12.86
N ASP B 248 33.21 -20.59 -13.85
CA ASP B 248 34.29 -19.63 -13.91
C ASP B 248 33.86 -18.42 -14.78
N TRP B 249 32.55 -18.31 -15.06
CA TRP B 249 32.03 -17.26 -15.97
C TRP B 249 31.52 -16.00 -15.30
N LEU B 250 31.64 -15.94 -13.97
CA LEU B 250 31.33 -14.71 -13.22
C LEU B 250 32.47 -14.44 -12.22
N PRO B 251 33.73 -14.42 -12.71
CA PRO B 251 34.93 -14.41 -11.85
C PRO B 251 35.14 -13.13 -11.06
N ALA B 252 34.30 -12.12 -11.33
CA ALA B 252 34.44 -10.81 -10.71
C ALA B 252 33.24 -10.37 -9.79
N THR B 253 32.23 -11.21 -9.64
CA THR B 253 31.12 -10.92 -8.75
C THR B 253 31.43 -11.56 -7.41
N THR B 254 31.30 -10.80 -6.31
CA THR B 254 31.51 -11.40 -4.97
C THR B 254 30.85 -10.54 -3.87
N GLY B 255 30.43 -11.19 -2.79
CA GLY B 255 29.67 -10.48 -1.72
C GLY B 255 28.46 -9.74 -2.29
N ASP B 256 27.78 -10.38 -3.23
CA ASP B 256 26.81 -9.73 -4.08
C ASP B 256 25.57 -10.60 -4.19
N ILE B 257 24.57 -10.13 -4.96
CA ILE B 257 23.26 -10.79 -5.10
C ILE B 257 22.74 -10.75 -6.54
N ILE B 258 22.50 -11.95 -7.11
CA ILE B 258 21.94 -12.10 -8.46
C ILE B 258 20.49 -12.56 -8.34
N TYR B 259 19.60 -11.86 -9.00
CA TYR B 259 18.18 -12.17 -8.92
C TYR B 259 17.75 -13.03 -10.07
N ALA B 260 17.23 -14.20 -9.71
CA ALA B 260 16.64 -15.12 -10.65
C ALA B 260 15.14 -15.03 -10.40
N ASP B 261 14.55 -13.87 -10.71
CA ASP B 261 13.15 -13.60 -10.39
C ASP B 261 12.32 -13.19 -11.62
N GLY B 262 12.88 -13.38 -12.81
CA GLY B 262 12.22 -12.91 -14.02
C GLY B 262 12.23 -11.39 -14.10
N GLY B 263 13.15 -10.75 -13.38
CA GLY B 263 13.22 -9.28 -13.32
C GLY B 263 12.06 -8.60 -12.60
N ALA B 264 11.39 -9.30 -11.69
CA ALA B 264 10.20 -8.77 -10.98
C ALA B 264 10.56 -7.67 -10.00
N HIS B 265 11.68 -7.83 -9.33
CA HIS B 265 12.14 -6.82 -8.40
C HIS B 265 12.52 -5.51 -9.14
N THR B 266 12.65 -5.55 -10.47
CA THR B 266 13.04 -4.34 -11.23
C THR B 266 11.85 -3.55 -11.72
N GLN B 267 10.63 -4.01 -11.46
CA GLN B 267 9.41 -3.32 -11.93
C GLN B 267 8.44 -2.95 -10.79
N LEU B 268 8.06 -1.68 -10.72
CA LEU B 268 7.04 -1.24 -9.74
C LEU B 268 5.71 -1.87 -10.10
N LEU B 269 5.23 -1.61 -11.30
CA LEU B 269 3.94 -2.17 -11.77
C LEU B 269 4.04 -2.61 -13.24
N THR C 2 -17.69 -4.70 -6.27
CA THR C 2 -19.06 -4.12 -6.50
C THR C 2 -20.02 -4.45 -5.33
N GLY C 3 -19.58 -4.16 -4.09
CA GLY C 3 -20.37 -4.44 -2.93
C GLY C 3 -21.45 -3.38 -2.72
N LEU C 4 -22.25 -3.59 -1.68
CA LEU C 4 -23.40 -2.74 -1.36
C LEU C 4 -22.98 -1.30 -0.99
N LEU C 5 -21.80 -1.15 -0.39
CA LEU C 5 -21.34 0.11 0.18
C LEU C 5 -20.03 0.64 -0.42
N ASP C 6 -19.72 0.21 -1.66
CA ASP C 6 -18.44 0.61 -2.31
C ASP C 6 -18.14 2.11 -2.28
N GLY C 7 -16.96 2.47 -1.80
CA GLY C 7 -16.51 3.85 -1.79
C GLY C 7 -17.01 4.66 -0.63
N LYS C 8 -17.90 4.07 0.17
CA LYS C 8 -18.49 4.80 1.29
C LYS C 8 -17.63 4.73 2.59
N ARG C 9 -17.22 5.90 3.05
CA ARG C 9 -16.45 6.01 4.28
C ARG C 9 -17.43 6.04 5.45
N ILE C 10 -17.38 4.99 6.25
CA ILE C 10 -18.36 4.79 7.30
C ILE C 10 -17.75 4.58 8.68
N LEU C 11 -18.19 5.42 9.63
CA LEU C 11 -17.77 5.32 11.02
C LEU C 11 -18.62 4.30 11.73
N VAL C 12 -17.98 3.46 12.53
CA VAL C 12 -18.72 2.49 13.29
C VAL C 12 -18.29 2.48 14.72
N SER C 13 -19.18 2.93 15.60
CA SER C 13 -18.93 2.89 17.02
C SER C 13 -19.36 1.57 17.52
N GLY C 14 -19.06 1.30 18.78
CA GLY C 14 -19.73 0.22 19.50
C GLY C 14 -19.07 -1.10 19.75
N ILE C 15 -17.97 -1.41 19.04
CA ILE C 15 -17.32 -2.75 19.19
C ILE C 15 -16.63 -2.91 20.53
N ILE C 16 -16.91 -3.99 21.23
CA ILE C 16 -16.22 -4.30 22.47
C ILE C 16 -15.67 -5.72 22.42
N THR C 17 -16.49 -6.67 21.95
CA THR C 17 -16.02 -8.04 21.68
C THR C 17 -16.40 -8.38 20.23
N ASP C 18 -16.15 -9.62 19.82
CA ASP C 18 -16.55 -10.04 18.47
C ASP C 18 -17.97 -10.62 18.42
N SER C 19 -18.64 -10.68 19.57
CA SER C 19 -20.08 -10.99 19.64
C SER C 19 -20.93 -9.71 19.55
N SER C 20 -20.25 -8.56 19.54
CA SER C 20 -20.88 -7.24 19.46
C SER C 20 -21.58 -7.02 18.13
N ILE C 21 -22.79 -6.48 18.18
CA ILE C 21 -23.55 -6.19 16.97
C ILE C 21 -22.71 -5.30 16.04
N ALA C 22 -21.93 -4.39 16.62
CA ALA C 22 -21.09 -3.49 15.84
C ALA C 22 -19.98 -4.24 15.10
N PHE C 23 -19.56 -5.39 15.64
CA PHE C 23 -18.51 -6.18 15.00
C PHE C 23 -19.00 -6.69 13.68
N HIS C 24 -20.16 -7.34 13.69
CA HIS C 24 -20.73 -7.85 12.45
C HIS C 24 -21.14 -6.71 11.46
N ILE C 25 -21.67 -5.58 11.98
CA ILE C 25 -22.02 -4.44 11.11
C ILE C 25 -20.81 -4.01 10.34
N ALA C 26 -19.69 -3.89 11.05
CA ALA C 26 -18.40 -3.56 10.40
C ALA C 26 -18.00 -4.64 9.41
N ARG C 27 -17.88 -5.87 9.90
CA ARG C 27 -17.49 -7.00 9.08
C ARG C 27 -18.28 -7.01 7.77
N VAL C 28 -19.59 -6.92 7.89
CA VAL C 28 -20.46 -6.99 6.72
C VAL C 28 -20.23 -5.79 5.85
N ALA C 29 -20.09 -4.63 6.45
CA ALA C 29 -19.88 -3.43 5.67
C ALA C 29 -18.53 -3.52 4.92
N GLN C 30 -17.52 -4.09 5.59
CA GLN C 30 -16.19 -4.30 4.95
C GLN C 30 -16.23 -5.31 3.79
N GLU C 31 -16.97 -6.41 3.99
CA GLU C 31 -17.25 -7.36 2.91
C GLU C 31 -17.97 -6.66 1.74
N GLN C 32 -18.81 -5.67 2.04
CA GLN C 32 -19.54 -4.92 0.99
C GLN C 32 -18.79 -3.71 0.44
N GLY C 33 -17.48 -3.61 0.71
CA GLY C 33 -16.62 -2.60 0.06
C GLY C 33 -16.53 -1.24 0.73
N ALA C 34 -16.96 -1.16 1.98
CA ALA C 34 -16.92 0.10 2.70
C ALA C 34 -15.55 0.30 3.32
N GLN C 35 -15.12 1.55 3.40
CA GLN C 35 -13.88 1.91 4.09
C GLN C 35 -14.31 2.40 5.50
N LEU C 36 -13.73 1.83 6.54
CA LEU C 36 -14.18 2.07 7.91
C LEU C 36 -13.30 2.95 8.77
N VAL C 37 -13.96 3.53 9.77
CA VAL C 37 -13.32 4.29 10.81
C VAL C 37 -14.06 3.84 12.05
N LEU C 38 -13.32 3.33 13.03
CA LEU C 38 -13.93 2.68 14.17
C LEU C 38 -13.70 3.49 15.42
N THR C 39 -14.67 3.48 16.36
CA THR C 39 -14.47 4.11 17.67
C THR C 39 -14.61 3.08 18.79
N GLY C 40 -13.89 3.30 19.88
CA GLY C 40 -13.94 2.38 21.02
C GLY C 40 -13.94 3.11 22.35
N PHE C 41 -14.59 2.54 23.34
CA PHE C 41 -14.76 3.27 24.58
C PHE C 41 -13.65 3.05 25.63
N ASP C 42 -13.52 1.84 26.16
CA ASP C 42 -12.65 1.66 27.33
C ASP C 42 -11.42 0.80 27.09
N ARG C 43 -11.63 -0.50 26.86
CA ARG C 43 -10.53 -1.42 26.69
C ARG C 43 -10.00 -1.30 25.23
N LEU C 44 -9.28 -0.20 24.98
CA LEU C 44 -8.80 0.10 23.64
C LEU C 44 -7.82 -0.93 23.10
N ARG C 45 -6.94 -1.46 23.94
CA ARG C 45 -6.02 -2.50 23.47
C ARG C 45 -6.79 -3.78 23.17
N LEU C 46 -7.74 -4.14 24.04
CA LEU C 46 -8.54 -5.36 23.83
C LEU C 46 -9.16 -5.30 22.44
N ILE C 47 -9.87 -4.21 22.17
CA ILE C 47 -10.57 -4.09 20.89
C ILE C 47 -9.64 -3.79 19.71
N GLN C 48 -8.43 -3.26 19.97
CA GLN C 48 -7.39 -3.15 18.90
C GLN C 48 -7.12 -4.53 18.39
N ARG C 49 -7.04 -5.47 19.32
CA ARG C 49 -6.85 -6.88 19.03
C ARG C 49 -8.09 -7.47 18.36
N ILE C 50 -9.28 -7.10 18.85
CA ILE C 50 -10.56 -7.55 18.25
C ILE C 50 -10.74 -7.04 16.80
N THR C 51 -10.42 -5.77 16.55
CA THR C 51 -10.64 -5.18 15.22
C THR C 51 -9.59 -5.64 14.21
N ASP C 52 -8.51 -6.26 14.69
CA ASP C 52 -7.51 -6.85 13.79
C ASP C 52 -8.09 -8.13 13.13
N ARG C 53 -9.07 -8.76 13.77
CA ARG C 53 -9.73 -9.97 13.25
C ARG C 53 -10.89 -9.68 12.29
N LEU C 54 -10.96 -8.43 11.82
CA LEU C 54 -11.92 -8.03 10.83
C LEU C 54 -11.27 -8.12 9.45
N PRO C 55 -12.09 -8.35 8.40
CA PRO C 55 -11.63 -8.51 7.02
C PRO C 55 -10.61 -7.49 6.52
N ALA C 56 -10.55 -6.31 7.13
CA ALA C 56 -9.66 -5.26 6.63
C ALA C 56 -9.13 -4.33 7.72
N LYS C 57 -8.29 -3.39 7.29
CA LYS C 57 -7.67 -2.41 8.19
C LYS C 57 -8.57 -1.18 8.34
N ALA C 58 -8.63 -0.67 9.56
CA ALA C 58 -9.46 0.46 9.86
C ALA C 58 -8.91 1.18 11.08
N PRO C 59 -8.73 2.52 10.98
CA PRO C 59 -8.29 3.25 12.16
C PRO C 59 -9.30 3.13 13.31
N LEU C 60 -8.77 3.12 14.53
CA LEU C 60 -9.54 2.92 15.72
C LEU C 60 -9.33 4.13 16.60
N LEU C 61 -10.38 4.93 16.76
CA LEU C 61 -10.27 6.17 17.52
C LEU C 61 -10.96 5.99 18.88
N GLU C 62 -10.46 6.68 19.90
CA GLU C 62 -11.07 6.61 21.23
C GLU C 62 -12.23 7.58 21.30
N LEU C 63 -13.36 7.10 21.86
CA LEU C 63 -14.53 7.94 22.08
C LEU C 63 -15.39 7.47 23.25
N ASP C 64 -15.25 8.14 24.38
CA ASP C 64 -16.18 8.03 25.49
C ASP C 64 -17.20 9.11 25.18
N VAL C 65 -18.44 8.68 24.98
CA VAL C 65 -19.51 9.61 24.62
C VAL C 65 -19.86 10.55 25.75
N GLN C 66 -19.46 10.20 26.98
CA GLN C 66 -19.58 11.11 28.12
C GLN C 66 -18.38 12.05 28.24
N ASN C 67 -17.51 12.06 27.24
CA ASN C 67 -16.32 12.89 27.26
C ASN C 67 -16.46 14.08 26.32
N GLU C 68 -16.63 15.24 26.92
CA GLU C 68 -16.88 16.44 26.15
C GLU C 68 -15.71 16.72 25.20
N GLU C 69 -14.51 16.32 25.62
CA GLU C 69 -13.34 16.52 24.78
C GLU C 69 -13.22 15.51 23.64
N HIS C 70 -13.60 14.26 23.86
CA HIS C 70 -13.62 13.29 22.78
C HIS C 70 -14.63 13.74 21.76
N LEU C 71 -15.76 14.26 22.24
CA LEU C 71 -16.78 14.78 21.34
C LEU C 71 -16.28 15.96 20.56
N ALA C 72 -15.69 16.93 21.26
CA ALA C 72 -15.24 18.17 20.57
C ALA C 72 -14.11 17.89 19.55
N SER C 73 -13.30 16.88 19.80
CA SER C 73 -12.20 16.57 18.92
C SER C 73 -12.60 15.61 17.80
N LEU C 74 -13.74 14.93 17.98
CA LEU C 74 -14.11 13.83 17.08
C LEU C 74 -13.87 14.11 15.60
N ALA C 75 -14.50 15.16 15.09
CA ALA C 75 -14.52 15.43 13.65
C ALA C 75 -13.13 15.57 13.06
N GLY C 76 -12.31 16.43 13.69
CA GLY C 76 -10.93 16.59 13.30
C GLY C 76 -10.20 15.25 13.24
N ARG C 77 -10.25 14.50 14.35
CA ARG C 77 -9.56 13.21 14.40
C ARG C 77 -10.07 12.26 13.34
N VAL C 78 -11.32 12.41 12.96
CA VAL C 78 -11.86 11.59 11.89
C VAL C 78 -11.27 12.07 10.57
N THR C 79 -11.30 13.36 10.31
CA THR C 79 -10.74 13.83 9.06
C THR C 79 -9.26 13.44 8.91
N GLU C 80 -8.46 13.64 9.95
CA GLU C 80 -7.05 13.22 9.90
C GLU C 80 -6.94 11.72 9.58
N ALA C 81 -7.87 10.92 10.07
CA ALA C 81 -7.85 9.47 9.82
C ALA C 81 -8.30 9.08 8.41
N ILE C 82 -8.98 10.01 7.71
CA ILE C 82 -9.44 9.75 6.32
C ILE C 82 -8.92 10.78 5.27
N GLY C 83 -8.20 11.78 5.75
CA GLY C 83 -7.54 12.70 4.90
C GLY C 83 -8.30 13.95 4.58
N ALA C 84 -7.72 15.08 4.92
CA ALA C 84 -8.26 16.33 4.48
C ALA C 84 -8.81 16.19 3.07
N GLY C 85 -10.10 16.50 2.90
CA GLY C 85 -10.79 16.54 1.58
C GLY C 85 -11.93 15.53 1.43
N ASN C 86 -11.90 14.48 2.22
CA ASN C 86 -12.93 13.46 2.17
C ASN C 86 -13.87 13.64 3.33
N LYS C 87 -15.05 13.06 3.22
CA LYS C 87 -16.05 13.13 4.29
C LYS C 87 -16.62 11.76 4.56
N LEU C 88 -17.46 11.67 5.59
CA LEU C 88 -18.13 10.42 5.93
C LEU C 88 -19.42 10.29 5.15
N ASP C 89 -19.86 9.06 4.91
CA ASP C 89 -21.17 8.79 4.28
C ASP C 89 -22.09 8.07 5.25
N GLY C 90 -21.50 7.44 6.26
CA GLY C 90 -22.25 6.65 7.18
C GLY C 90 -21.68 6.80 8.56
N VAL C 91 -22.56 6.71 9.56
CA VAL C 91 -22.18 6.74 10.95
C VAL C 91 -23.08 5.75 11.64
N VAL C 92 -22.51 4.88 12.48
CA VAL C 92 -23.32 3.89 13.24
C VAL C 92 -23.13 4.08 14.73
N HIS C 93 -24.24 4.31 15.41
CA HIS C 93 -24.27 4.40 16.87
C HIS C 93 -24.68 3.03 17.29
N SER C 94 -23.81 2.32 17.98
CA SER C 94 -24.12 0.94 18.44
C SER C 94 -23.61 0.91 19.85
N ILE C 95 -24.20 1.80 20.63
CA ILE C 95 -23.76 2.09 21.96
C ILE C 95 -24.94 2.03 22.88
N GLY C 96 -24.81 1.27 23.95
CA GLY C 96 -25.82 1.22 25.01
C GLY C 96 -25.12 1.01 26.36
N PHE C 97 -25.76 1.44 27.43
CA PHE C 97 -25.29 1.19 28.79
C PHE C 97 -26.35 1.53 29.84
N MET C 98 -26.42 0.70 30.87
CA MET C 98 -27.34 0.88 31.99
C MET C 98 -26.76 0.14 33.24
N PRO C 99 -26.56 0.86 34.34
CA PRO C 99 -26.08 0.15 35.51
C PRO C 99 -27.02 -1.00 35.93
N GLN C 100 -26.51 -1.92 36.76
CA GLN C 100 -27.33 -3.09 37.23
C GLN C 100 -28.56 -2.61 37.91
N THR C 101 -28.36 -1.55 38.66
CA THR C 101 -29.40 -0.83 39.31
C THR C 101 -30.67 -0.62 38.46
N GLY C 102 -30.50 -0.21 37.21
CA GLY C 102 -31.63 0.13 36.39
C GLY C 102 -32.06 -0.95 35.43
N MET C 103 -31.49 -2.13 35.55
CA MET C 103 -31.70 -3.14 34.54
C MET C 103 -31.27 -4.49 35.02
N GLY C 104 -32.15 -5.48 34.83
CA GLY C 104 -31.92 -6.87 35.26
C GLY C 104 -32.85 -7.33 36.40
N ILE C 105 -32.27 -7.74 37.52
CA ILE C 105 -33.07 -8.31 38.58
C ILE C 105 -33.46 -7.28 39.67
N ASN C 106 -32.80 -6.14 39.67
CA ASN C 106 -33.11 -5.05 40.60
C ASN C 106 -34.49 -4.43 40.32
N PRO C 107 -35.35 -4.34 41.36
CA PRO C 107 -36.67 -3.77 41.24
C PRO C 107 -36.72 -2.42 40.48
N PHE C 108 -37.71 -2.27 39.60
CA PHE C 108 -37.84 -1.06 38.84
C PHE C 108 -37.71 0.20 39.73
N PHE C 109 -38.47 0.28 40.82
CA PHE C 109 -38.43 1.49 41.71
C PHE C 109 -37.12 1.71 42.51
N ASP C 110 -36.17 0.78 42.48
CA ASP C 110 -34.99 0.93 43.34
C ASP C 110 -33.78 1.49 42.63
N ALA C 111 -33.91 1.82 41.37
CA ALA C 111 -32.78 2.44 40.68
C ALA C 111 -32.66 3.96 41.03
N PRO C 112 -31.51 4.39 41.60
CA PRO C 112 -31.30 5.83 41.77
C PRO C 112 -31.18 6.55 40.42
N TYR C 113 -31.70 7.76 40.36
CA TYR C 113 -31.71 8.53 39.11
C TYR C 113 -30.35 8.81 38.55
N ALA C 114 -29.40 9.14 39.43
CA ALA C 114 -28.05 9.33 38.98
C ALA C 114 -27.63 8.12 38.13
N ASP C 115 -28.05 6.93 38.53
CA ASP C 115 -27.74 5.72 37.77
C ASP C 115 -28.48 5.67 36.46
N VAL C 116 -29.74 6.06 36.48
CA VAL C 116 -30.55 6.09 35.27
C VAL C 116 -30.08 7.16 34.28
N SER C 117 -29.71 8.34 34.78
CA SER C 117 -29.30 9.47 33.96
C SER C 117 -28.01 9.12 33.22
N LYS C 118 -27.14 8.40 33.89
CA LYS C 118 -25.93 7.94 33.25
C LYS C 118 -26.25 7.03 32.06
N GLY C 119 -27.33 6.26 32.15
CA GLY C 119 -27.65 5.30 31.10
C GLY C 119 -28.30 5.94 29.91
N ILE C 120 -29.11 6.96 30.18
CA ILE C 120 -29.82 7.67 29.14
C ILE C 120 -28.83 8.50 28.36
N HIS C 121 -27.86 9.08 29.08
CA HIS C 121 -26.80 9.89 28.51
C HIS C 121 -26.05 9.08 27.45
N ILE C 122 -25.62 7.91 27.85
CA ILE C 122 -24.85 7.03 26.98
C ILE C 122 -25.72 6.43 25.89
N SER C 123 -26.86 5.86 26.28
CA SER C 123 -27.72 5.12 25.36
C SER C 123 -28.55 6.01 24.41
N ALA C 124 -29.01 7.20 24.88
CA ALA C 124 -29.94 8.10 24.11
C ALA C 124 -29.32 9.40 23.64
N TYR C 125 -28.93 10.25 24.60
CA TYR C 125 -28.38 11.57 24.29
C TYR C 125 -27.17 11.48 23.39
N SER C 126 -26.32 10.52 23.63
CA SER C 126 -25.13 10.34 22.81
C SER C 126 -25.41 10.24 21.29
N TYR C 127 -26.60 9.81 20.91
CA TYR C 127 -26.92 9.71 19.50
C TYR C 127 -26.99 11.14 18.96
N ALA C 128 -27.57 12.05 19.72
CA ALA C 128 -27.63 13.46 19.33
C ALA C 128 -26.22 14.07 19.29
N SER C 129 -25.49 13.94 20.38
CA SER C 129 -24.17 14.55 20.47
C SER C 129 -23.16 13.98 19.48
N MET C 130 -23.29 12.70 19.12
CA MET C 130 -22.50 12.14 18.02
C MET C 130 -22.91 12.81 16.71
N ALA C 131 -24.22 12.96 16.50
CA ALA C 131 -24.70 13.58 15.25
C ALA C 131 -24.14 14.98 15.11
N LYS C 132 -24.18 15.74 16.20
CA LYS C 132 -23.68 17.10 16.23
C LYS C 132 -22.20 17.15 15.85
N ALA C 133 -21.45 16.16 16.31
CA ALA C 133 -20.03 16.10 16.04
C ALA C 133 -19.79 15.80 14.60
N LEU C 134 -20.58 14.89 14.01
CA LEU C 134 -20.26 14.29 12.66
C LEU C 134 -21.00 14.82 11.43
N LEU C 135 -22.17 15.41 11.62
CA LEU C 135 -22.91 16.02 10.50
C LEU C 135 -22.03 17.03 9.76
N PRO C 136 -21.36 17.92 10.49
CA PRO C 136 -20.48 18.88 9.77
C PRO C 136 -19.38 18.25 8.89
N ILE C 137 -19.18 16.94 8.96
CA ILE C 137 -18.27 16.25 8.04
C ILE C 137 -18.89 15.00 7.34
N MET C 138 -20.18 15.04 7.03
CA MET C 138 -20.75 13.95 6.22
C MET C 138 -21.15 14.54 4.88
N ASN C 139 -21.22 13.68 3.88
CA ASN C 139 -21.65 14.11 2.58
C ASN C 139 -23.13 14.04 2.44
N PRO C 140 -23.68 14.87 1.55
CA PRO C 140 -25.07 14.65 1.17
C PRO C 140 -25.31 13.21 0.66
N GLY C 141 -26.42 12.63 1.06
CA GLY C 141 -26.78 11.28 0.67
C GLY C 141 -26.37 10.29 1.75
N GLY C 142 -25.72 10.78 2.78
CA GLY C 142 -25.26 9.93 3.86
C GLY C 142 -26.37 9.52 4.81
N SER C 143 -25.97 8.71 5.80
CA SER C 143 -26.88 7.98 6.65
C SER C 143 -26.29 7.77 8.02
N ILE C 144 -27.10 8.04 9.05
CA ILE C 144 -26.72 7.82 10.44
C ILE C 144 -27.67 6.78 10.98
N VAL C 145 -27.16 5.79 11.68
CA VAL C 145 -28.04 4.77 12.14
C VAL C 145 -27.68 4.28 13.51
N GLY C 146 -28.72 4.03 14.32
CA GLY C 146 -28.55 3.59 15.66
C GLY C 146 -29.30 2.31 15.94
N MET C 147 -28.91 1.65 17.04
CA MET C 147 -29.53 0.39 17.44
C MET C 147 -30.62 0.64 18.47
N ASP C 148 -31.77 0.01 18.25
CA ASP C 148 -32.92 0.14 19.12
C ASP C 148 -33.42 -1.28 19.58
N PHE C 149 -34.11 -1.33 20.71
CA PHE C 149 -34.83 -2.54 21.11
C PHE C 149 -36.23 -2.04 21.43
N ASP C 150 -37.23 -2.59 20.74
CA ASP C 150 -38.64 -2.11 20.84
C ASP C 150 -39.10 -1.77 22.27
N PRO C 151 -39.26 -0.46 22.57
CA PRO C 151 -39.63 0.01 23.88
C PRO C 151 -41.12 0.33 24.01
N SER C 152 -41.92 -0.08 23.02
CA SER C 152 -43.37 0.13 22.95
C SER C 152 -44.20 -0.40 24.10
N ARG C 153 -43.77 -1.52 24.66
CA ARG C 153 -44.50 -2.22 25.69
C ARG C 153 -43.54 -2.59 26.72
N ALA C 154 -43.93 -2.43 27.98
CA ALA C 154 -43.03 -2.77 29.05
C ALA C 154 -42.85 -4.29 29.11
N MET C 155 -41.92 -4.73 29.95
CA MET C 155 -41.52 -6.12 30.01
C MET C 155 -40.61 -6.34 31.17
N PRO C 156 -40.36 -7.60 31.56
CA PRO C 156 -39.42 -7.86 32.64
C PRO C 156 -37.98 -7.61 32.27
N ALA C 157 -37.21 -7.24 33.27
CA ALA C 157 -35.78 -7.09 33.16
C ALA C 157 -35.28 -5.80 32.51
N TYR C 158 -35.76 -5.50 31.32
CA TYR C 158 -35.19 -4.37 30.53
C TYR C 158 -35.34 -3.02 31.28
N ASN C 159 -36.41 -2.95 32.07
CA ASN C 159 -36.61 -1.87 33.00
C ASN C 159 -36.25 -0.51 32.40
N TRP C 160 -35.33 0.19 33.04
CA TRP C 160 -34.98 1.51 32.61
C TRP C 160 -34.25 1.52 31.31
N MET C 161 -33.63 0.41 30.88
CA MET C 161 -33.03 0.46 29.53
C MET C 161 -34.14 0.72 28.58
N THR C 162 -35.29 0.11 28.86
CA THR C 162 -36.48 0.28 28.06
C THR C 162 -36.83 1.75 27.93
N VAL C 163 -36.70 2.50 29.02
CA VAL C 163 -37.02 3.95 29.02
C VAL C 163 -35.98 4.71 28.25
N ALA C 164 -34.75 4.29 28.41
CA ALA C 164 -33.65 4.80 27.57
C ALA C 164 -33.93 4.56 26.07
N LYS C 165 -34.50 3.42 25.71
CA LYS C 165 -34.79 3.16 24.27
C LYS C 165 -35.92 4.06 23.74
N SER C 166 -37.00 4.17 24.51
CA SER C 166 -38.11 5.07 24.22
C SER C 166 -37.63 6.47 23.96
N ALA C 167 -36.62 6.88 24.74
CA ALA C 167 -36.04 8.23 24.66
C ALA C 167 -35.26 8.34 23.40
N LEU C 168 -34.48 7.29 23.11
CA LEU C 168 -33.66 7.24 21.89
C LEU C 168 -34.50 7.43 20.66
N GLU C 169 -35.66 6.76 20.61
CA GLU C 169 -36.51 6.82 19.44
C GLU C 169 -36.93 8.27 19.18
N SER C 170 -37.25 8.98 20.27
CA SER C 170 -37.65 10.37 20.18
C SER C 170 -36.44 11.25 19.71
N VAL C 171 -35.26 10.99 20.26
CA VAL C 171 -34.04 11.73 19.87
C VAL C 171 -33.69 11.54 18.34
N ASN C 172 -33.95 10.34 17.82
CA ASN C 172 -33.76 10.04 16.43
C ASN C 172 -34.58 10.89 15.48
N ARG C 173 -35.83 11.13 15.84
CA ARG C 173 -36.73 11.97 15.05
C ARG C 173 -36.25 13.40 15.01
N PHE C 174 -35.73 13.89 16.13
CA PHE C 174 -35.20 15.21 16.16
C PHE C 174 -33.85 15.31 15.43
N VAL C 175 -33.02 14.28 15.54
CA VAL C 175 -31.74 14.29 14.80
C VAL C 175 -32.05 14.30 13.32
N ALA C 176 -33.07 13.57 12.93
CA ALA C 176 -33.46 13.52 11.53
C ALA C 176 -33.65 14.95 11.01
N ARG C 177 -34.27 15.81 11.81
CA ARG C 177 -34.48 17.20 11.44
C ARG C 177 -33.20 17.95 11.18
N GLU C 178 -32.23 17.78 12.06
CA GLU C 178 -30.96 18.45 11.89
C GLU C 178 -30.22 17.84 10.70
N ALA C 179 -30.21 16.50 10.67
CA ALA C 179 -29.51 15.75 9.65
C ALA C 179 -30.01 16.06 8.27
N GLY C 180 -31.29 16.44 8.16
CA GLY C 180 -31.88 16.73 6.85
C GLY C 180 -31.29 17.94 6.13
N LYS C 181 -30.78 18.89 6.91
CA LYS C 181 -30.17 20.10 6.35
C LYS C 181 -28.83 19.80 5.63
N TYR C 182 -28.30 18.57 5.80
CA TYR C 182 -27.06 18.16 5.15
C TYR C 182 -27.34 17.10 4.12
N GLY C 183 -28.63 16.85 3.85
CA GLY C 183 -29.03 15.76 2.93
C GLY C 183 -28.69 14.36 3.49
N VAL C 184 -28.79 14.23 4.81
CA VAL C 184 -28.41 12.99 5.49
C VAL C 184 -29.59 12.41 6.30
N ARG C 185 -29.77 11.10 6.19
CA ARG C 185 -30.85 10.38 6.84
C ARG C 185 -30.40 9.89 8.19
N SER C 186 -31.39 9.67 9.07
CA SER C 186 -31.14 9.23 10.44
C SER C 186 -32.22 8.22 10.78
N ASN C 187 -31.83 7.04 11.22
CA ASN C 187 -32.78 5.95 11.47
C ASN C 187 -32.23 5.01 12.45
N LEU C 188 -33.13 4.25 13.05
CA LEU C 188 -32.78 3.27 14.07
C LEU C 188 -33.11 1.94 13.50
N VAL C 189 -32.42 0.90 13.95
CA VAL C 189 -32.80 -0.47 13.64
C VAL C 189 -33.20 -1.13 14.95
N ALA C 190 -34.43 -1.59 15.01
CA ALA C 190 -34.89 -2.30 16.17
C ALA C 190 -34.61 -3.76 15.96
N ALA C 191 -33.66 -4.27 16.72
CA ALA C 191 -33.24 -5.64 16.59
C ALA C 191 -33.93 -6.56 17.56
N GLY C 192 -34.04 -7.84 17.17
CA GLY C 192 -34.47 -8.93 18.11
C GLY C 192 -33.32 -9.21 19.07
N PRO C 193 -33.55 -10.06 20.07
CA PRO C 193 -32.49 -10.28 21.07
C PRO C 193 -31.29 -11.02 20.48
N ILE C 194 -30.09 -10.66 20.93
CA ILE C 194 -28.85 -11.22 20.41
C ILE C 194 -27.86 -11.53 21.57
N ARG C 195 -27.54 -12.81 21.75
CA ARG C 195 -26.53 -13.27 22.72
C ARG C 195 -25.27 -12.36 22.70
N THR C 196 -25.31 -11.28 23.46
CA THR C 196 -24.21 -10.30 23.53
C THR C 196 -23.82 -10.01 24.98
N GLY C 205 -28.50 -17.84 33.56
CA GLY C 205 -28.58 -18.18 34.98
C GLY C 205 -27.55 -17.47 35.84
N ALA C 206 -26.83 -16.50 35.26
CA ALA C 206 -25.86 -15.66 35.99
C ALA C 206 -26.57 -14.72 36.92
N LEU C 207 -27.84 -14.45 36.62
CA LEU C 207 -28.66 -13.55 37.42
C LEU C 207 -29.63 -14.38 38.28
N GLY C 208 -29.47 -15.70 38.22
CA GLY C 208 -30.24 -16.63 39.01
C GLY C 208 -31.26 -17.40 38.21
N GLU C 209 -31.99 -18.28 38.89
CA GLU C 209 -33.07 -19.10 38.31
C GLU C 209 -34.13 -18.29 37.54
N GLU C 210 -34.57 -17.19 38.16
CA GLU C 210 -35.63 -16.33 37.63
C GLU C 210 -35.22 -15.79 36.26
N ALA C 211 -34.06 -15.16 36.21
CA ALA C 211 -33.52 -14.60 34.98
C ALA C 211 -33.13 -15.68 33.97
N GLY C 212 -32.65 -16.80 34.46
CA GLY C 212 -32.38 -17.92 33.59
C GLY C 212 -33.65 -18.35 32.88
N ALA C 213 -34.79 -18.18 33.57
CA ALA C 213 -36.11 -18.58 33.06
C ALA C 213 -36.77 -17.50 32.25
N GLN C 214 -36.65 -16.27 32.73
CA GLN C 214 -37.37 -15.16 32.13
C GLN C 214 -36.74 -14.79 30.83
N ILE C 215 -35.50 -14.35 30.86
CA ILE C 215 -34.83 -14.02 29.61
C ILE C 215 -35.09 -15.20 28.62
N GLN C 216 -34.72 -16.43 28.98
CA GLN C 216 -34.95 -17.61 28.11
C GLN C 216 -36.37 -17.73 27.51
N LEU C 217 -37.39 -17.37 28.26
CA LEU C 217 -38.75 -17.38 27.71
C LEU C 217 -38.83 -16.40 26.52
N LEU C 218 -38.17 -15.24 26.66
CA LEU C 218 -38.09 -14.26 25.56
C LEU C 218 -37.42 -14.85 24.34
N GLU C 219 -36.43 -15.71 24.55
CA GLU C 219 -35.65 -16.31 23.47
C GLU C 219 -36.55 -17.28 22.68
N GLU C 220 -37.32 -18.03 23.44
CA GLU C 220 -38.22 -19.03 22.92
C GLU C 220 -39.42 -18.33 22.28
N GLY C 221 -39.96 -17.33 22.99
CA GLY C 221 -41.15 -16.60 22.53
C GLY C 221 -40.91 -15.80 21.27
N TRP C 222 -39.71 -15.28 21.12
CA TRP C 222 -39.33 -14.52 19.94
C TRP C 222 -39.31 -15.36 18.67
N ASP C 223 -38.74 -16.54 18.78
CA ASP C 223 -38.63 -17.43 17.66
C ASP C 223 -40.01 -17.87 17.23
N GLN C 224 -40.88 -18.05 18.20
CA GLN C 224 -42.24 -18.44 17.92
C GLN C 224 -43.04 -17.29 17.28
N ARG C 225 -43.18 -16.16 17.96
CA ARG C 225 -43.88 -15.04 17.37
C ARG C 225 -43.39 -14.77 15.94
N ALA C 226 -42.08 -14.71 15.73
CA ALA C 226 -41.52 -14.45 14.38
C ALA C 226 -42.06 -15.38 13.27
N PRO C 227 -42.76 -14.81 12.27
CA PRO C 227 -43.16 -15.64 11.15
C PRO C 227 -42.00 -16.39 10.48
N ILE C 228 -40.86 -15.74 10.31
CA ILE C 228 -39.67 -16.35 9.64
C ILE C 228 -38.64 -16.93 10.61
N GLY C 229 -38.92 -16.94 11.90
CA GLY C 229 -37.98 -17.46 12.89
C GLY C 229 -37.01 -16.39 13.39
N TRP C 230 -36.35 -16.72 14.50
CA TRP C 230 -35.38 -15.81 15.08
C TRP C 230 -34.27 -16.58 15.81
N ASN C 231 -33.02 -16.28 15.43
CA ASN C 231 -31.87 -16.94 16.00
C ASN C 231 -30.96 -15.96 16.74
N MET C 232 -30.97 -16.05 18.08
CA MET C 232 -30.19 -15.15 18.94
C MET C 232 -28.68 -15.22 18.75
N LYS C 233 -28.22 -16.26 18.10
CA LYS C 233 -26.79 -16.50 17.92
C LYS C 233 -26.30 -15.98 16.58
N ASP C 234 -27.17 -15.27 15.85
CA ASP C 234 -26.79 -14.76 14.54
C ASP C 234 -27.10 -13.32 14.41
N ALA C 235 -26.05 -12.52 14.51
CA ALA C 235 -26.13 -11.09 14.35
C ALA C 235 -26.25 -10.64 12.90
N THR C 236 -25.94 -11.53 11.94
CA THR C 236 -25.80 -11.16 10.52
C THR C 236 -27.06 -10.48 9.92
N PRO C 237 -28.24 -11.11 10.09
CA PRO C 237 -29.50 -10.45 9.67
C PRO C 237 -29.63 -8.96 10.14
N VAL C 238 -29.22 -8.64 11.36
CA VAL C 238 -29.20 -7.25 11.80
C VAL C 238 -28.08 -6.42 11.12
N ALA C 239 -26.91 -7.00 10.95
CA ALA C 239 -25.81 -6.29 10.31
C ALA C 239 -26.18 -5.90 8.91
N LYS C 240 -26.83 -6.83 8.20
CA LYS C 240 -27.26 -6.61 6.81
C LYS C 240 -28.26 -5.48 6.73
N THR C 241 -29.18 -5.44 7.67
CA THR C 241 -30.20 -4.40 7.73
C THR C 241 -29.59 -3.03 7.96
N VAL C 242 -28.64 -2.94 8.89
CA VAL C 242 -27.90 -1.72 9.11
C VAL C 242 -27.25 -1.31 7.80
N CYS C 243 -26.58 -2.25 7.14
CA CYS C 243 -25.93 -1.90 5.85
C CYS C 243 -26.94 -1.35 4.83
N ALA C 244 -28.09 -2.01 4.73
CA ALA C 244 -29.17 -1.58 3.84
C ALA C 244 -29.53 -0.11 4.04
N LEU C 245 -29.48 0.34 5.30
CA LEU C 245 -29.77 1.71 5.70
C LEU C 245 -28.61 2.63 5.44
N LEU C 246 -27.42 2.08 5.43
CA LEU C 246 -26.24 2.88 5.15
C LEU C 246 -26.08 3.13 3.64
N SER C 247 -26.72 2.27 2.84
CA SER C 247 -26.64 2.31 1.38
C SER C 247 -27.53 3.39 0.80
N ASP C 248 -27.85 3.24 -0.48
CA ASP C 248 -28.71 4.18 -1.20
C ASP C 248 -30.09 3.58 -1.52
N TRP C 249 -30.34 2.37 -1.06
CA TRP C 249 -31.56 1.71 -1.39
C TRP C 249 -32.70 1.95 -0.38
N LEU C 250 -32.57 2.98 0.46
CA LEU C 250 -33.66 3.43 1.35
C LEU C 250 -33.53 4.94 1.51
N PRO C 251 -33.56 5.67 0.36
CA PRO C 251 -33.24 7.10 0.33
C PRO C 251 -34.35 8.05 0.76
N ALA C 252 -35.55 7.53 0.93
CA ALA C 252 -36.64 8.38 1.34
C ALA C 252 -37.05 8.11 2.77
N THR C 253 -36.29 7.27 3.51
CA THR C 253 -36.65 6.91 4.87
C THR C 253 -35.67 7.46 5.88
N THR C 254 -36.21 8.27 6.82
CA THR C 254 -35.46 8.94 7.86
C THR C 254 -36.42 9.29 9.00
N GLY C 255 -35.85 9.58 10.18
CA GLY C 255 -36.64 9.80 11.40
C GLY C 255 -37.42 8.55 11.80
N ASP C 256 -37.00 7.38 11.27
CA ASP C 256 -37.83 6.19 11.35
C ASP C 256 -37.13 5.05 12.04
N ILE C 257 -37.84 3.92 12.16
CA ILE C 257 -37.34 2.70 12.82
C ILE C 257 -37.59 1.45 11.95
N ILE C 258 -36.54 0.82 11.44
CA ILE C 258 -36.76 -0.46 10.73
C ILE C 258 -36.50 -1.56 11.70
N TYR C 259 -37.32 -2.60 11.65
CA TYR C 259 -37.26 -3.70 12.62
C TYR C 259 -36.65 -4.93 12.01
N ALA C 260 -35.48 -5.32 12.52
CA ALA C 260 -34.85 -6.55 12.10
C ALA C 260 -35.04 -7.46 13.27
N ASP C 261 -36.23 -8.05 13.35
CA ASP C 261 -36.65 -8.87 14.52
C ASP C 261 -37.39 -10.14 14.13
N GLY C 262 -37.27 -10.53 12.87
CA GLY C 262 -37.94 -11.69 12.38
C GLY C 262 -39.44 -11.53 12.29
N GLY C 263 -39.90 -10.29 12.35
CA GLY C 263 -41.33 -10.02 12.34
C GLY C 263 -42.03 -10.20 13.70
N ALA C 264 -41.25 -10.43 14.74
CA ALA C 264 -41.82 -10.69 16.04
C ALA C 264 -42.81 -9.57 16.45
N HIS C 265 -42.33 -8.32 16.44
CA HIS C 265 -43.11 -7.15 16.85
C HIS C 265 -44.47 -6.98 16.16
N THR C 266 -44.75 -7.74 15.09
CA THR C 266 -46.02 -7.66 14.34
C THR C 266 -47.02 -8.74 14.68
N GLN C 267 -46.63 -9.68 15.53
CA GLN C 267 -47.49 -10.82 15.86
C GLN C 267 -47.74 -10.78 17.32
N LEU C 268 -48.96 -11.05 17.71
CA LEU C 268 -49.30 -10.93 19.11
C LEU C 268 -48.87 -12.18 19.80
N LEU C 269 -49.07 -13.32 19.13
CA LEU C 269 -48.85 -14.63 19.75
C LEU C 269 -48.18 -15.60 18.78
N THR D 2 -22.23 -5.57 -10.05
CA THR D 2 -23.42 -6.47 -10.11
C THR D 2 -24.59 -5.88 -9.29
N GLY D 3 -25.77 -5.82 -9.91
CA GLY D 3 -26.90 -5.21 -9.30
C GLY D 3 -27.48 -5.94 -8.09
N LEU D 4 -28.32 -5.20 -7.37
CA LEU D 4 -28.97 -5.67 -6.14
C LEU D 4 -29.77 -6.95 -6.32
N LEU D 5 -30.43 -7.09 -7.45
CA LEU D 5 -31.38 -8.18 -7.64
C LEU D 5 -30.91 -9.19 -8.67
N ASP D 6 -29.61 -9.36 -8.74
CA ASP D 6 -28.98 -10.19 -9.74
C ASP D 6 -29.45 -11.66 -9.71
N GLY D 7 -30.00 -12.12 -10.83
CA GLY D 7 -30.46 -13.51 -10.97
C GLY D 7 -31.75 -13.80 -10.22
N LYS D 8 -32.36 -12.78 -9.64
CA LYS D 8 -33.61 -13.00 -8.92
C LYS D 8 -34.79 -12.91 -9.91
N ARG D 9 -35.75 -13.80 -9.72
CA ARG D 9 -36.95 -13.81 -10.56
C ARG D 9 -38.03 -13.06 -9.79
N ILE D 10 -38.59 -12.01 -10.41
CA ILE D 10 -39.49 -11.12 -9.72
C ILE D 10 -40.76 -10.75 -10.47
N LEU D 11 -41.90 -11.19 -9.98
CA LEU D 11 -43.19 -10.82 -10.60
C LEU D 11 -43.59 -9.38 -10.21
N VAL D 12 -44.03 -8.60 -11.17
CA VAL D 12 -44.34 -7.21 -10.90
C VAL D 12 -45.66 -6.81 -11.45
N SER D 13 -46.67 -6.73 -10.58
CA SER D 13 -47.99 -6.36 -11.00
C SER D 13 -48.12 -4.84 -11.06
N GLY D 14 -49.28 -4.35 -11.49
CA GLY D 14 -49.63 -2.95 -11.29
C GLY D 14 -49.42 -1.95 -12.39
N ILE D 15 -48.72 -2.31 -13.47
CA ILE D 15 -48.41 -1.34 -14.52
C ILE D 15 -49.66 -1.04 -15.30
N ILE D 16 -49.98 0.25 -15.42
CA ILE D 16 -50.98 0.74 -16.36
C ILE D 16 -50.34 1.80 -17.28
N THR D 17 -49.64 2.78 -16.72
CA THR D 17 -48.91 3.76 -17.55
C THR D 17 -47.41 3.82 -17.19
N ASP D 18 -46.67 4.67 -17.91
CA ASP D 18 -45.23 4.85 -17.71
C ASP D 18 -44.96 5.76 -16.51
N SER D 19 -46.04 6.11 -15.81
CA SER D 19 -46.01 6.95 -14.63
C SER D 19 -46.37 6.13 -13.37
N SER D 20 -46.72 4.85 -13.57
CA SER D 20 -47.14 3.99 -12.48
C SER D 20 -45.97 3.70 -11.59
N ILE D 21 -46.25 3.58 -10.30
CA ILE D 21 -45.20 3.25 -9.36
C ILE D 21 -44.56 1.91 -9.75
N ALA D 22 -45.37 0.95 -10.20
CA ALA D 22 -44.81 -0.34 -10.63
C ALA D 22 -43.97 -0.24 -11.92
N PHE D 23 -44.15 0.81 -12.72
CA PHE D 23 -43.29 0.93 -13.89
C PHE D 23 -41.86 1.11 -13.40
N HIS D 24 -41.66 2.09 -12.54
CA HIS D 24 -40.33 2.40 -11.99
C HIS D 24 -39.78 1.31 -11.10
N ILE D 25 -40.68 0.49 -10.53
CA ILE D 25 -40.24 -0.64 -9.73
C ILE D 25 -39.61 -1.66 -10.65
N ALA D 26 -40.21 -1.82 -11.82
CA ALA D 26 -39.72 -2.77 -12.82
C ALA D 26 -38.39 -2.30 -13.40
N ARG D 27 -38.35 -1.04 -13.82
CA ARG D 27 -37.16 -0.51 -14.43
C ARG D 27 -36.01 -0.60 -13.46
N VAL D 28 -36.23 -0.17 -12.22
CA VAL D 28 -35.16 -0.22 -11.21
C VAL D 28 -34.72 -1.66 -10.93
N ALA D 29 -35.69 -2.55 -10.80
CA ALA D 29 -35.37 -3.93 -10.57
C ALA D 29 -34.55 -4.44 -11.74
N GLN D 30 -34.97 -4.08 -12.96
CA GLN D 30 -34.26 -4.52 -14.18
C GLN D 30 -32.88 -3.91 -14.31
N GLU D 31 -32.75 -2.61 -14.05
CA GLU D 31 -31.44 -1.99 -14.03
C GLU D 31 -30.53 -2.68 -13.00
N GLN D 32 -31.12 -3.42 -12.06
CA GLN D 32 -30.31 -4.15 -11.08
C GLN D 32 -30.20 -5.63 -11.38
N GLY D 33 -30.52 -6.02 -12.61
CA GLY D 33 -30.33 -7.41 -13.05
C GLY D 33 -31.29 -8.49 -12.55
N ALA D 34 -32.52 -8.09 -12.26
CA ALA D 34 -33.56 -9.01 -11.91
C ALA D 34 -34.21 -9.51 -13.20
N GLN D 35 -34.67 -10.75 -13.18
CA GLN D 35 -35.38 -11.33 -14.30
C GLN D 35 -36.89 -11.28 -13.94
N LEU D 36 -37.67 -10.51 -14.71
CA LEU D 36 -39.08 -10.20 -14.37
C LEU D 36 -40.19 -10.97 -15.12
N VAL D 37 -41.36 -11.01 -14.46
CA VAL D 37 -42.64 -11.40 -15.04
C VAL D 37 -43.60 -10.24 -14.70
N LEU D 38 -44.40 -9.82 -15.66
CA LEU D 38 -45.29 -8.71 -15.47
C LEU D 38 -46.71 -9.20 -15.66
N THR D 39 -47.65 -8.68 -14.85
CA THR D 39 -49.07 -8.99 -15.03
C THR D 39 -49.77 -7.69 -15.27
N GLY D 40 -50.95 -7.77 -15.90
CA GLY D 40 -51.76 -6.59 -16.24
C GLY D 40 -53.24 -6.92 -16.21
N PHE D 41 -54.06 -5.89 -16.00
CA PHE D 41 -55.51 -6.05 -15.73
C PHE D 41 -56.51 -6.12 -16.95
N ASP D 42 -56.73 -5.00 -17.64
CA ASP D 42 -57.75 -4.95 -18.72
C ASP D 42 -57.15 -4.56 -20.07
N ARG D 43 -56.66 -3.33 -20.15
CA ARG D 43 -56.10 -2.78 -21.39
C ARG D 43 -54.69 -3.39 -21.62
N LEU D 44 -54.67 -4.64 -22.05
CA LEU D 44 -53.45 -5.40 -22.17
C LEU D 44 -52.57 -4.93 -23.35
N ARG D 45 -53.17 -4.79 -24.52
CA ARG D 45 -52.44 -4.36 -25.71
C ARG D 45 -51.85 -2.96 -25.48
N LEU D 46 -52.53 -2.13 -24.68
CA LEU D 46 -52.03 -0.80 -24.38
C LEU D 46 -50.81 -0.84 -23.47
N ILE D 47 -50.87 -1.62 -22.38
CA ILE D 47 -49.71 -1.71 -21.48
C ILE D 47 -48.58 -2.56 -22.12
N GLN D 48 -48.94 -3.40 -23.10
CA GLN D 48 -47.93 -4.06 -23.95
C GLN D 48 -47.02 -3.00 -24.50
N ARG D 49 -47.62 -1.97 -25.09
CA ARG D 49 -46.88 -0.81 -25.61
C ARG D 49 -46.09 -0.06 -24.50
N ILE D 50 -46.68 0.01 -23.29
CA ILE D 50 -46.02 0.65 -22.12
C ILE D 50 -44.82 -0.17 -21.60
N THR D 51 -44.93 -1.50 -21.53
CA THR D 51 -43.84 -2.33 -20.99
C THR D 51 -42.72 -2.53 -22.00
N ASP D 52 -42.97 -2.17 -23.27
CA ASP D 52 -41.91 -2.19 -24.30
C ASP D 52 -40.82 -1.13 -23.97
N ARG D 53 -41.17 -0.11 -23.17
CA ARG D 53 -40.21 0.97 -22.78
C ARG D 53 -39.40 0.65 -21.47
N LEU D 54 -39.54 -0.56 -20.95
CA LEU D 54 -38.68 -1.01 -19.87
C LEU D 54 -37.33 -1.37 -20.46
N PRO D 55 -36.25 -1.22 -19.69
CA PRO D 55 -34.88 -1.58 -20.09
C PRO D 55 -34.72 -2.92 -20.81
N ALA D 56 -35.54 -3.91 -20.48
CA ALA D 56 -35.45 -5.24 -21.08
C ALA D 56 -36.82 -5.92 -21.28
N LYS D 57 -36.85 -6.89 -22.19
CA LYS D 57 -38.06 -7.69 -22.44
C LYS D 57 -38.44 -8.47 -21.20
N ALA D 58 -39.73 -8.78 -21.10
CA ALA D 58 -40.25 -9.48 -19.95
C ALA D 58 -41.58 -9.98 -20.36
N PRO D 59 -41.87 -11.26 -20.06
CA PRO D 59 -43.25 -11.73 -20.33
C PRO D 59 -44.30 -10.87 -19.58
N LEU D 60 -45.52 -10.83 -20.14
CA LEU D 60 -46.59 -9.98 -19.62
C LEU D 60 -47.92 -10.71 -19.67
N LEU D 61 -48.29 -11.31 -18.54
CA LEU D 61 -49.50 -12.16 -18.45
C LEU D 61 -50.70 -11.37 -17.99
N GLU D 62 -51.88 -11.99 -18.09
CA GLU D 62 -53.13 -11.34 -17.74
C GLU D 62 -53.53 -11.71 -16.32
N LEU D 63 -53.94 -10.72 -15.54
CA LEU D 63 -54.38 -10.96 -14.16
C LEU D 63 -55.36 -9.93 -13.69
N ASP D 64 -56.62 -10.34 -13.60
CA ASP D 64 -57.68 -9.55 -13.01
C ASP D 64 -57.85 -10.15 -11.65
N VAL D 65 -57.42 -9.43 -10.62
CA VAL D 65 -57.44 -9.96 -9.24
C VAL D 65 -58.80 -10.38 -8.76
N GLN D 66 -59.86 -9.88 -9.40
CA GLN D 66 -61.25 -10.32 -9.09
C GLN D 66 -61.63 -11.56 -9.85
N ASN D 67 -60.69 -12.12 -10.60
CA ASN D 67 -60.96 -13.22 -11.48
C ASN D 67 -60.51 -14.52 -10.88
N GLU D 68 -61.45 -15.35 -10.50
CA GLU D 68 -61.11 -16.59 -9.80
C GLU D 68 -60.26 -17.56 -10.66
N GLU D 69 -60.52 -17.58 -11.96
CA GLU D 69 -59.78 -18.45 -12.87
C GLU D 69 -58.40 -17.86 -13.24
N HIS D 70 -58.29 -16.53 -13.43
CA HIS D 70 -56.96 -15.94 -13.66
C HIS D 70 -56.03 -16.30 -12.52
N LEU D 71 -56.61 -16.39 -11.30
CA LEU D 71 -55.85 -16.67 -10.07
C LEU D 71 -55.51 -18.12 -9.90
N ALA D 72 -56.44 -19.00 -10.23
CA ALA D 72 -56.21 -20.44 -10.15
C ALA D 72 -55.13 -20.93 -11.15
N SER D 73 -54.89 -20.16 -12.22
CA SER D 73 -53.94 -20.54 -13.24
C SER D 73 -52.64 -19.75 -13.18
N LEU D 74 -52.62 -18.67 -12.40
CA LEU D 74 -51.47 -17.77 -12.33
C LEU D 74 -50.15 -18.49 -12.21
N ALA D 75 -50.09 -19.43 -11.27
CA ALA D 75 -48.88 -20.17 -10.98
C ALA D 75 -48.39 -20.98 -12.19
N GLY D 76 -49.27 -21.80 -12.75
CA GLY D 76 -48.94 -22.56 -13.95
C GLY D 76 -48.44 -21.66 -15.06
N ARG D 77 -49.07 -20.49 -15.22
CA ARG D 77 -48.66 -19.55 -16.27
C ARG D 77 -47.30 -18.93 -16.02
N VAL D 78 -46.94 -18.75 -14.76
CA VAL D 78 -45.64 -18.18 -14.43
C VAL D 78 -44.59 -19.23 -14.70
N THR D 79 -44.83 -20.46 -14.20
CA THR D 79 -43.87 -21.57 -14.33
C THR D 79 -43.45 -21.78 -15.77
N GLU D 80 -44.44 -21.82 -16.63
CA GLU D 80 -44.24 -21.94 -18.07
C GLU D 80 -43.47 -20.73 -18.65
N ALA D 81 -43.59 -19.56 -18.05
CA ALA D 81 -42.86 -18.36 -18.55
C ALA D 81 -41.42 -18.27 -18.06
N ILE D 82 -41.13 -18.83 -16.90
CA ILE D 82 -39.79 -18.77 -16.30
C ILE D 82 -39.04 -20.12 -16.36
N GLY D 83 -39.77 -21.20 -16.65
CA GLY D 83 -39.19 -22.51 -16.80
C GLY D 83 -39.49 -23.50 -15.71
N ALA D 84 -40.00 -24.66 -16.10
CA ALA D 84 -40.25 -25.73 -15.17
C ALA D 84 -38.99 -25.98 -14.34
N GLY D 85 -39.15 -25.98 -13.01
CA GLY D 85 -38.05 -26.16 -12.06
C GLY D 85 -37.58 -24.82 -11.49
N ASN D 86 -37.88 -23.74 -12.21
CA ASN D 86 -37.50 -22.42 -11.76
C ASN D 86 -38.64 -21.81 -10.91
N LYS D 87 -38.26 -20.96 -9.95
CA LYS D 87 -39.23 -20.34 -9.03
C LYS D 87 -39.02 -18.86 -8.85
N LEU D 88 -40.06 -18.19 -8.39
CA LEU D 88 -40.01 -16.77 -8.16
C LEU D 88 -39.27 -16.52 -6.85
N ASP D 89 -38.57 -15.40 -6.81
CA ASP D 89 -37.87 -14.96 -5.61
C ASP D 89 -38.56 -13.72 -5.03
N GLY D 90 -39.38 -13.07 -5.85
CA GLY D 90 -40.01 -11.82 -5.45
C GLY D 90 -41.31 -11.60 -6.17
N VAL D 91 -42.25 -10.96 -5.46
CA VAL D 91 -43.57 -10.61 -6.00
C VAL D 91 -43.91 -9.20 -5.54
N VAL D 92 -44.35 -8.36 -6.47
CA VAL D 92 -44.80 -7.01 -6.11
C VAL D 92 -46.28 -6.88 -6.35
N HIS D 93 -46.99 -6.43 -5.33
CA HIS D 93 -48.39 -6.05 -5.43
C HIS D 93 -48.33 -4.55 -5.54
N SER D 94 -48.85 -3.98 -6.62
CA SER D 94 -48.84 -2.51 -6.80
C SER D 94 -50.16 -2.22 -7.45
N ILE D 95 -51.19 -2.44 -6.67
CA ILE D 95 -52.52 -2.57 -7.17
C ILE D 95 -53.47 -1.99 -6.20
N GLY D 96 -54.29 -1.08 -6.68
CA GLY D 96 -55.38 -0.54 -5.86
C GLY D 96 -56.51 -0.05 -6.73
N PHE D 97 -57.68 0.09 -6.11
CA PHE D 97 -58.86 0.61 -6.78
C PHE D 97 -59.91 1.07 -5.77
N MET D 98 -60.55 2.19 -6.06
CA MET D 98 -61.67 2.64 -5.30
C MET D 98 -62.62 3.41 -6.20
N PRO D 99 -63.91 3.03 -6.24
CA PRO D 99 -64.77 3.84 -7.09
C PRO D 99 -64.85 5.30 -6.63
N GLN D 100 -65.06 6.20 -7.57
CA GLN D 100 -65.18 7.66 -7.28
C GLN D 100 -66.08 7.93 -6.09
N THR D 101 -67.02 7.03 -5.85
CA THR D 101 -67.97 7.19 -4.78
C THR D 101 -67.35 7.09 -3.38
N GLY D 102 -66.27 6.31 -3.27
CA GLY D 102 -65.61 6.11 -2.00
C GLY D 102 -64.34 6.90 -1.85
N MET D 103 -64.11 7.83 -2.74
CA MET D 103 -62.82 8.46 -2.79
C MET D 103 -62.85 9.71 -3.62
N GLY D 104 -62.42 10.81 -3.03
CA GLY D 104 -62.33 12.08 -3.72
C GLY D 104 -63.24 13.14 -3.14
N ILE D 105 -64.17 13.64 -3.96
CA ILE D 105 -64.98 14.76 -3.53
C ILE D 105 -66.42 14.34 -3.10
N ASN D 106 -66.64 13.05 -2.93
CA ASN D 106 -67.92 12.54 -2.52
C ASN D 106 -67.94 12.25 -1.04
N PRO D 107 -68.99 12.68 -0.32
CA PRO D 107 -69.00 12.47 1.12
C PRO D 107 -68.78 11.01 1.56
N PHE D 108 -67.94 10.83 2.58
CA PHE D 108 -67.67 9.53 3.12
C PHE D 108 -68.94 8.64 3.21
N PHE D 109 -69.98 9.09 3.91
CA PHE D 109 -71.24 8.32 4.14
C PHE D 109 -72.05 7.96 2.88
N ASP D 110 -71.81 8.65 1.78
CA ASP D 110 -72.59 8.37 0.57
C ASP D 110 -71.98 7.28 -0.32
N ALA D 111 -70.92 6.63 0.13
CA ALA D 111 -70.38 5.51 -0.64
C ALA D 111 -71.16 4.25 -0.31
N PRO D 112 -71.86 3.66 -1.31
CA PRO D 112 -72.51 2.38 -1.12
C PRO D 112 -71.53 1.22 -0.98
N TYR D 113 -71.85 0.28 -0.10
CA TYR D 113 -70.95 -0.80 0.20
C TYR D 113 -70.51 -1.58 -1.01
N ALA D 114 -71.40 -1.80 -1.98
CA ALA D 114 -70.99 -2.52 -3.20
C ALA D 114 -69.72 -1.92 -3.69
N ASP D 115 -69.67 -0.60 -3.77
CA ASP D 115 -68.50 0.10 -4.29
C ASP D 115 -67.32 0.01 -3.40
N VAL D 116 -67.55 0.00 -2.09
CA VAL D 116 -66.48 -0.11 -1.10
C VAL D 116 -65.90 -1.53 -1.10
N SER D 117 -66.80 -2.50 -1.22
CA SER D 117 -66.43 -3.90 -1.22
C SER D 117 -65.55 -4.17 -2.36
N LYS D 118 -65.91 -3.64 -3.51
CA LYS D 118 -65.15 -3.88 -4.72
C LYS D 118 -63.74 -3.34 -4.55
N GLY D 119 -63.61 -2.23 -3.79
CA GLY D 119 -62.30 -1.58 -3.61
C GLY D 119 -61.37 -2.30 -2.67
N ILE D 120 -61.93 -2.91 -1.65
CA ILE D 120 -61.18 -3.63 -0.67
C ILE D 120 -60.73 -4.97 -1.27
N HIS D 121 -61.56 -5.50 -2.15
CA HIS D 121 -61.28 -6.72 -2.82
C HIS D 121 -59.96 -6.50 -3.60
N ILE D 122 -59.96 -5.51 -4.47
CA ILE D 122 -58.82 -5.24 -5.32
C ILE D 122 -57.63 -4.66 -4.54
N SER D 123 -57.87 -3.75 -3.58
CA SER D 123 -56.77 -3.09 -2.89
C SER D 123 -56.21 -3.85 -1.69
N ALA D 124 -57.03 -4.66 -1.04
CA ALA D 124 -56.61 -5.33 0.18
C ALA D 124 -56.63 -6.84 0.05
N TYR D 125 -57.79 -7.40 -0.21
CA TYR D 125 -57.93 -8.85 -0.32
C TYR D 125 -56.97 -9.48 -1.32
N SER D 126 -56.92 -8.89 -2.52
CA SER D 126 -56.14 -9.43 -3.61
C SER D 126 -54.65 -9.61 -3.26
N TYR D 127 -54.19 -8.97 -2.18
CA TYR D 127 -52.82 -9.18 -1.69
C TYR D 127 -52.69 -10.58 -1.12
N ALA D 128 -53.69 -11.00 -0.37
CA ALA D 128 -53.71 -12.33 0.19
C ALA D 128 -53.87 -13.38 -0.90
N SER D 129 -54.79 -13.13 -1.83
CA SER D 129 -55.08 -14.11 -2.86
C SER D 129 -53.95 -14.21 -3.91
N MET D 130 -53.18 -13.15 -4.11
CA MET D 130 -51.97 -13.31 -4.91
C MET D 130 -50.98 -14.20 -4.15
N ALA D 131 -50.82 -13.97 -2.84
CA ALA D 131 -49.92 -14.79 -2.01
C ALA D 131 -50.36 -16.23 -2.06
N LYS D 132 -51.64 -16.47 -1.94
CA LYS D 132 -52.13 -17.84 -2.05
C LYS D 132 -51.65 -18.46 -3.39
N ALA D 133 -51.73 -17.69 -4.45
CA ALA D 133 -51.45 -18.19 -5.79
C ALA D 133 -49.98 -18.43 -5.97
N LEU D 134 -49.11 -17.58 -5.40
CA LEU D 134 -47.66 -17.62 -5.68
C LEU D 134 -46.74 -18.15 -4.60
N LEU D 135 -47.23 -18.33 -3.37
CA LEU D 135 -46.37 -18.86 -2.33
C LEU D 135 -45.82 -20.25 -2.74
N PRO D 136 -46.71 -21.14 -3.23
CA PRO D 136 -46.30 -22.49 -3.70
C PRO D 136 -45.28 -22.51 -4.84
N ILE D 137 -44.98 -21.36 -5.47
CA ILE D 137 -43.91 -21.34 -6.47
C ILE D 137 -42.93 -20.21 -6.22
N MET D 138 -42.60 -20.01 -4.95
CA MET D 138 -41.57 -19.04 -4.57
C MET D 138 -40.49 -19.75 -3.76
N ASN D 139 -39.24 -19.28 -3.94
CA ASN D 139 -38.08 -19.82 -3.27
C ASN D 139 -37.93 -19.39 -1.85
N PRO D 140 -37.35 -20.25 -1.04
CA PRO D 140 -36.86 -19.83 0.25
C PRO D 140 -36.00 -18.57 0.16
N GLY D 141 -36.25 -17.64 1.07
CA GLY D 141 -35.53 -16.39 1.11
C GLY D 141 -36.20 -15.32 0.27
N GLY D 142 -37.36 -15.66 -0.26
CA GLY D 142 -38.10 -14.74 -1.10
C GLY D 142 -38.80 -13.63 -0.34
N SER D 143 -39.39 -12.72 -1.11
CA SER D 143 -39.87 -11.44 -0.64
C SER D 143 -41.13 -11.07 -1.38
N ILE D 144 -42.20 -10.79 -0.64
CA ILE D 144 -43.44 -10.32 -1.23
C ILE D 144 -43.66 -8.90 -0.72
N VAL D 145 -43.95 -7.97 -1.63
CA VAL D 145 -44.09 -6.58 -1.22
C VAL D 145 -45.18 -5.80 -1.97
N GLY D 146 -45.97 -5.04 -1.20
CA GLY D 146 -47.09 -4.26 -1.71
C GLY D 146 -47.01 -2.80 -1.27
N MET D 147 -47.74 -1.94 -1.97
CA MET D 147 -47.64 -0.51 -1.78
C MET D 147 -48.72 -0.05 -0.82
N ASP D 148 -48.35 0.80 0.12
CA ASP D 148 -49.26 1.28 1.13
C ASP D 148 -49.23 2.82 1.17
N PHE D 149 -50.28 3.41 1.71
CA PHE D 149 -50.31 4.83 1.99
C PHE D 149 -50.81 4.84 3.40
N ASP D 150 -50.04 5.54 4.25
CA ASP D 150 -50.21 5.52 5.68
C ASP D 150 -51.62 5.90 6.20
N PRO D 151 -52.44 4.90 6.56
CA PRO D 151 -53.81 5.15 6.91
C PRO D 151 -54.04 5.29 8.43
N SER D 152 -52.97 5.48 9.19
CA SER D 152 -53.04 5.59 10.64
C SER D 152 -54.04 6.62 11.10
N ARG D 153 -54.16 7.70 10.32
CA ARG D 153 -54.94 8.86 10.68
C ARG D 153 -55.81 9.30 9.56
N ALA D 154 -56.99 9.83 9.87
CA ALA D 154 -57.90 10.20 8.81
C ALA D 154 -57.45 11.45 8.04
N MET D 155 -58.11 11.69 6.91
CA MET D 155 -57.74 12.80 6.06
C MET D 155 -58.82 13.12 5.02
N PRO D 156 -58.75 14.30 4.42
CA PRO D 156 -59.68 14.56 3.35
C PRO D 156 -59.39 13.68 2.12
N ALA D 157 -60.46 13.38 1.38
CA ALA D 157 -60.41 12.76 0.05
C ALA D 157 -60.17 11.23 -0.03
N TYR D 158 -59.13 10.73 0.63
CA TYR D 158 -58.75 9.33 0.50
C TYR D 158 -59.89 8.45 0.99
N ASN D 159 -60.55 8.90 2.06
CA ASN D 159 -61.80 8.30 2.53
C ASN D 159 -61.73 6.77 2.55
N TRP D 160 -62.58 6.10 1.82
CA TRP D 160 -62.63 4.64 1.90
C TRP D 160 -61.36 3.93 1.46
N MET D 161 -60.51 4.56 0.63
CA MET D 161 -59.21 3.95 0.31
C MET D 161 -58.39 3.87 1.58
N THR D 162 -58.53 4.88 2.42
CA THR D 162 -57.84 4.89 3.68
C THR D 162 -58.27 3.67 4.47
N VAL D 163 -59.52 3.29 4.34
CA VAL D 163 -60.02 2.12 5.01
C VAL D 163 -59.47 0.86 4.36
N ALA D 164 -59.45 0.86 3.03
CA ALA D 164 -58.81 -0.23 2.27
C ALA D 164 -57.35 -0.44 2.68
N LYS D 165 -56.57 0.64 2.80
CA LYS D 165 -55.16 0.54 3.19
C LYS D 165 -54.97 -0.05 4.62
N SER D 166 -55.75 0.45 5.57
CA SER D 166 -55.77 -0.06 6.96
C SER D 166 -56.00 -1.56 6.96
N ALA D 167 -56.87 -2.00 6.05
CA ALA D 167 -57.16 -3.42 5.88
C ALA D 167 -55.92 -4.13 5.34
N LEU D 168 -55.28 -3.52 4.33
CA LEU D 168 -54.10 -4.10 3.70
C LEU D 168 -53.03 -4.39 4.73
N GLU D 169 -52.76 -3.40 5.60
CA GLU D 169 -51.71 -3.52 6.57
C GLU D 169 -51.98 -4.71 7.42
N SER D 170 -53.26 -4.89 7.72
CA SER D 170 -53.64 -5.98 8.58
C SER D 170 -53.53 -7.32 7.80
N VAL D 171 -54.01 -7.35 6.56
CA VAL D 171 -53.82 -8.52 5.67
C VAL D 171 -52.33 -8.86 5.47
N ASN D 172 -51.47 -7.86 5.41
CA ASN D 172 -50.02 -8.11 5.34
C ASN D 172 -49.46 -8.94 6.50
N ARG D 173 -49.89 -8.62 7.71
CA ARG D 173 -49.43 -9.35 8.88
C ARG D 173 -49.81 -10.83 8.81
N PHE D 174 -50.99 -11.13 8.28
CA PHE D 174 -51.38 -12.54 8.19
C PHE D 174 -50.69 -13.23 7.04
N VAL D 175 -50.58 -12.54 5.92
CA VAL D 175 -49.86 -13.09 4.79
C VAL D 175 -48.43 -13.50 5.25
N ALA D 176 -47.85 -12.71 6.14
CA ALA D 176 -46.56 -12.99 6.66
C ALA D 176 -46.53 -14.28 7.50
N ARG D 177 -47.63 -14.62 8.16
CA ARG D 177 -47.68 -15.89 8.88
C ARG D 177 -47.65 -17.03 7.85
N GLU D 178 -48.42 -16.91 6.77
CA GLU D 178 -48.42 -17.93 5.74
C GLU D 178 -47.05 -18.03 5.07
N ALA D 179 -46.59 -16.89 4.53
CA ALA D 179 -45.32 -16.80 3.81
C ALA D 179 -44.06 -17.26 4.59
N GLY D 180 -44.11 -17.22 5.91
CA GLY D 180 -43.01 -17.66 6.71
C GLY D 180 -42.84 -19.14 6.62
N LYS D 181 -43.96 -19.84 6.41
CA LYS D 181 -43.93 -21.29 6.24
C LYS D 181 -43.08 -21.78 5.01
N TYR D 182 -42.82 -20.89 4.05
CA TYR D 182 -42.03 -21.16 2.86
C TYR D 182 -40.68 -20.41 2.90
N GLY D 183 -40.37 -19.79 4.04
CA GLY D 183 -39.16 -18.94 4.19
C GLY D 183 -39.23 -17.61 3.43
N VAL D 184 -40.44 -17.08 3.27
CA VAL D 184 -40.65 -15.89 2.44
C VAL D 184 -41.22 -14.73 3.29
N ARG D 185 -40.64 -13.55 3.14
CA ARG D 185 -41.04 -12.37 3.87
C ARG D 185 -42.17 -11.68 3.16
N SER D 186 -42.95 -10.91 3.93
CA SER D 186 -44.06 -10.13 3.40
C SER D 186 -44.01 -8.74 3.99
N ASN D 187 -43.90 -7.73 3.14
CA ASN D 187 -43.83 -6.36 3.59
C ASN D 187 -44.52 -5.36 2.68
N LEU D 188 -44.71 -4.18 3.22
CA LEU D 188 -45.50 -3.20 2.57
C LEU D 188 -44.63 -1.98 2.58
N VAL D 189 -44.68 -1.20 1.51
CA VAL D 189 -43.91 0.03 1.42
C VAL D 189 -44.92 1.19 1.46
N ALA D 190 -44.81 2.02 2.49
CA ALA D 190 -45.69 3.15 2.62
C ALA D 190 -45.05 4.34 1.94
N ALA D 191 -45.54 4.64 0.73
CA ALA D 191 -44.98 5.74 -0.05
C ALA D 191 -45.67 7.04 0.25
N GLY D 192 -44.95 8.15 0.10
CA GLY D 192 -45.59 9.48 0.10
C GLY D 192 -46.35 9.64 -1.22
N PRO D 193 -47.00 10.79 -1.44
CA PRO D 193 -47.80 10.93 -2.68
C PRO D 193 -46.98 11.13 -3.96
N ILE D 194 -47.32 10.41 -5.01
CA ILE D 194 -46.65 10.55 -6.31
C ILE D 194 -47.70 10.94 -7.35
N ARG D 195 -47.38 11.88 -8.25
CA ARG D 195 -48.33 12.28 -9.33
C ARG D 195 -48.45 11.14 -10.35
N THR D 196 -49.45 10.29 -10.18
CA THR D 196 -49.50 9.02 -10.92
C THR D 196 -50.72 8.87 -11.86
N GLY D 205 -56.84 17.27 -7.62
CA GLY D 205 -56.45 18.19 -8.69
C GLY D 205 -57.63 18.85 -9.38
N ALA D 206 -57.42 19.24 -10.65
CA ALA D 206 -58.48 19.89 -11.48
C ALA D 206 -59.76 19.06 -11.50
N LEU D 207 -59.60 17.74 -11.51
CA LEU D 207 -60.68 16.78 -11.23
C LEU D 207 -61.91 17.46 -10.66
N GLY D 208 -61.91 17.66 -9.33
CA GLY D 208 -63.05 18.25 -8.61
C GLY D 208 -62.59 19.57 -8.06
N GLU D 209 -62.33 20.50 -8.97
CA GLU D 209 -61.71 21.80 -8.68
C GLU D 209 -62.22 22.57 -7.47
N GLU D 210 -61.52 23.68 -7.20
CA GLU D 210 -61.81 24.58 -6.10
C GLU D 210 -61.47 23.89 -4.78
N ALA D 211 -62.34 22.99 -4.30
CA ALA D 211 -62.06 22.27 -3.06
C ALA D 211 -60.82 21.37 -3.25
N GLY D 212 -60.89 20.47 -4.24
CA GLY D 212 -59.75 19.58 -4.58
C GLY D 212 -58.49 20.33 -5.05
N ALA D 213 -58.68 21.44 -5.75
CA ALA D 213 -57.55 22.27 -6.15
C ALA D 213 -56.73 22.63 -4.92
N GLN D 214 -57.43 22.98 -3.83
CA GLN D 214 -56.84 23.32 -2.53
C GLN D 214 -56.12 22.13 -1.90
N ILE D 215 -56.74 20.95 -1.97
CA ILE D 215 -56.19 19.70 -1.35
C ILE D 215 -54.73 19.39 -1.79
N GLN D 216 -54.24 20.10 -2.82
CA GLN D 216 -52.78 20.23 -3.11
C GLN D 216 -51.95 20.48 -1.84
N LEU D 217 -52.59 21.03 -0.81
CA LEU D 217 -51.97 21.26 0.48
C LEU D 217 -51.06 20.12 0.87
N LEU D 218 -51.32 18.91 0.32
CA LEU D 218 -50.44 17.75 0.51
C LEU D 218 -49.06 17.93 -0.01
N GLU D 219 -48.99 18.30 -1.29
CA GLU D 219 -47.72 18.50 -1.95
C GLU D 219 -46.83 19.45 -1.12
N GLU D 220 -47.44 20.51 -0.59
CA GLU D 220 -46.69 21.49 0.20
C GLU D 220 -46.39 20.96 1.60
N GLY D 221 -47.40 20.40 2.24
CA GLY D 221 -47.27 19.90 3.61
C GLY D 221 -46.38 18.70 3.77
N TRP D 222 -46.24 17.91 2.72
CA TRP D 222 -45.36 16.72 2.75
C TRP D 222 -43.89 17.16 2.63
N ASP D 223 -43.60 17.89 1.58
CA ASP D 223 -42.26 18.38 1.38
C ASP D 223 -41.76 19.15 2.61
N GLN D 224 -42.69 19.86 3.28
CA GLN D 224 -42.41 20.61 4.51
C GLN D 224 -42.05 19.68 5.66
N ARG D 225 -42.98 18.79 6.03
CA ARG D 225 -42.73 17.84 7.13
C ARG D 225 -41.52 16.95 6.87
N ALA D 226 -41.43 16.41 5.65
CA ALA D 226 -40.30 15.55 5.27
C ALA D 226 -38.97 16.24 5.60
N PRO D 227 -38.20 15.71 6.55
CA PRO D 227 -36.92 16.34 6.86
C PRO D 227 -35.89 16.30 5.71
N ILE D 228 -36.08 15.45 4.71
CA ILE D 228 -35.21 15.46 3.51
C ILE D 228 -35.96 15.94 2.28
N GLY D 229 -37.15 16.49 2.49
CA GLY D 229 -37.94 16.99 1.37
C GLY D 229 -38.65 15.85 0.70
N TRP D 230 -39.56 16.19 -0.21
CA TRP D 230 -40.32 15.17 -0.94
C TRP D 230 -40.67 15.66 -2.34
N ASN D 231 -40.50 14.78 -3.35
CA ASN D 231 -40.81 15.12 -4.73
C ASN D 231 -41.90 14.22 -5.34
N MET D 232 -43.08 14.78 -5.54
CA MET D 232 -44.20 14.04 -6.05
C MET D 232 -44.04 13.55 -7.46
N LYS D 233 -43.03 14.08 -8.16
CA LYS D 233 -42.78 13.70 -9.56
C LYS D 233 -41.74 12.56 -9.71
N ASP D 234 -41.05 12.21 -8.62
CA ASP D 234 -40.00 11.17 -8.65
C ASP D 234 -40.43 9.97 -7.87
N ALA D 235 -40.63 8.85 -8.58
CA ALA D 235 -41.02 7.60 -7.97
C ALA D 235 -39.82 6.74 -7.66
N THR D 236 -38.62 7.18 -8.03
CA THR D 236 -37.45 6.31 -7.91
C THR D 236 -37.11 6.03 -6.47
N PRO D 237 -37.15 7.07 -5.63
CA PRO D 237 -36.93 6.81 -4.19
C PRO D 237 -37.85 5.71 -3.65
N VAL D 238 -39.06 5.62 -4.18
CA VAL D 238 -39.96 4.54 -3.79
C VAL D 238 -39.62 3.20 -4.48
N ALA D 239 -39.35 3.27 -5.78
CA ALA D 239 -38.89 2.08 -6.53
C ALA D 239 -37.71 1.41 -5.87
N LYS D 240 -36.77 2.21 -5.39
CA LYS D 240 -35.56 1.67 -4.77
C LYS D 240 -35.85 0.99 -3.47
N THR D 241 -36.81 1.56 -2.72
CA THR D 241 -37.14 1.02 -1.41
C THR D 241 -37.74 -0.36 -1.56
N VAL D 242 -38.59 -0.53 -2.59
CA VAL D 242 -39.18 -1.84 -2.90
C VAL D 242 -38.05 -2.83 -3.26
N CYS D 243 -37.11 -2.43 -4.11
CA CYS D 243 -36.00 -3.35 -4.47
C CYS D 243 -35.21 -3.78 -3.23
N ALA D 244 -35.05 -2.86 -2.30
CA ALA D 244 -34.36 -3.14 -1.04
C ALA D 244 -35.08 -4.23 -0.28
N LEU D 245 -36.42 -4.22 -0.31
CA LEU D 245 -37.23 -5.27 0.35
C LEU D 245 -37.20 -6.59 -0.42
N LEU D 246 -37.03 -6.48 -1.74
CA LEU D 246 -36.94 -7.63 -2.61
C LEU D 246 -35.55 -8.25 -2.55
N SER D 247 -34.55 -7.45 -2.19
CA SER D 247 -33.19 -7.97 -2.12
C SER D 247 -33.04 -8.84 -0.88
N ASP D 248 -31.81 -9.22 -0.57
CA ASP D 248 -31.52 -10.00 0.63
C ASP D 248 -30.98 -9.12 1.79
N TRP D 249 -30.95 -7.79 1.61
CA TRP D 249 -30.42 -6.89 2.64
C TRP D 249 -31.43 -6.46 3.75
N LEU D 250 -32.62 -7.10 3.79
CA LEU D 250 -33.62 -6.88 4.84
C LEU D 250 -34.23 -8.23 5.19
N PRO D 251 -33.37 -9.19 5.54
CA PRO D 251 -33.71 -10.60 5.70
C PRO D 251 -34.44 -10.97 6.96
N ALA D 252 -34.67 -10.01 7.83
CA ALA D 252 -35.26 -10.29 9.11
C ALA D 252 -36.48 -9.42 9.37
N THR D 253 -36.96 -8.73 8.30
CA THR D 253 -38.17 -7.90 8.42
C THR D 253 -39.30 -8.45 7.54
N THR D 254 -40.47 -8.60 8.17
CA THR D 254 -41.61 -9.23 7.60
C THR D 254 -42.81 -8.87 8.48
N GLY D 255 -44.00 -8.95 7.89
CA GLY D 255 -45.21 -8.44 8.53
C GLY D 255 -45.17 -6.94 8.80
N ASP D 256 -44.18 -6.24 8.25
CA ASP D 256 -43.88 -4.87 8.63
C ASP D 256 -44.16 -3.84 7.54
N ILE D 257 -43.94 -2.56 7.87
CA ILE D 257 -44.14 -1.47 6.90
C ILE D 257 -42.88 -0.60 6.88
N ILE D 258 -42.19 -0.54 5.73
CA ILE D 258 -41.10 0.39 5.59
C ILE D 258 -41.68 1.62 4.96
N TYR D 259 -41.39 2.81 5.51
CA TYR D 259 -41.91 4.09 4.97
C TYR D 259 -40.92 4.74 4.03
N ALA D 260 -41.30 4.93 2.78
CA ALA D 260 -40.52 5.71 1.83
C ALA D 260 -41.29 6.99 1.61
N ASP D 261 -41.33 7.83 2.61
CA ASP D 261 -42.22 8.96 2.57
C ASP D 261 -41.50 10.25 2.87
N GLY D 262 -40.18 10.24 2.69
CA GLY D 262 -39.37 11.39 2.98
C GLY D 262 -39.20 11.63 4.47
N GLY D 263 -39.72 10.71 5.29
CA GLY D 263 -39.73 10.89 6.75
C GLY D 263 -40.94 11.69 7.26
N ALA D 264 -41.87 12.00 6.36
CA ALA D 264 -43.01 12.83 6.71
C ALA D 264 -43.77 12.30 7.92
N HIS D 265 -44.11 11.00 7.88
CA HIS D 265 -44.92 10.39 8.96
C HIS D 265 -44.37 10.47 10.37
N THR D 266 -43.08 10.84 10.51
CA THR D 266 -42.42 10.92 11.85
C THR D 266 -42.40 12.35 12.36
N GLN D 267 -42.97 13.27 11.60
CA GLN D 267 -42.90 14.70 11.98
C GLN D 267 -44.28 15.27 12.03
N LEU D 268 -44.61 15.90 13.14
CA LEU D 268 -45.96 16.43 13.34
C LEU D 268 -46.14 17.67 12.52
N LEU D 269 -45.33 18.67 12.76
CA LEU D 269 -45.46 19.94 12.07
C LEU D 269 -44.22 20.23 11.22
N THR E 2 7.40 30.73 17.47
CA THR E 2 8.06 31.09 16.18
C THR E 2 7.46 30.23 15.03
N GLY E 3 8.00 30.40 13.83
CA GLY E 3 7.64 29.57 12.71
C GLY E 3 8.83 28.69 12.40
N LEU E 4 8.57 27.51 11.84
CA LEU E 4 9.63 26.56 11.49
C LEU E 4 10.71 27.16 10.55
N LEU E 5 10.35 28.15 9.73
CA LEU E 5 11.26 28.73 8.71
C LEU E 5 11.35 30.28 8.80
N ASP E 6 11.76 30.78 9.97
CA ASP E 6 11.55 32.17 10.30
C ASP E 6 12.63 33.15 9.90
N GLY E 7 12.24 34.18 9.16
CA GLY E 7 13.18 35.14 8.65
C GLY E 7 14.07 34.52 7.60
N LYS E 8 13.60 33.43 6.98
CA LYS E 8 14.36 32.74 5.95
C LYS E 8 13.89 33.20 4.57
N ARG E 9 14.85 33.57 3.75
CA ARG E 9 14.57 34.01 2.40
C ARG E 9 14.75 32.85 1.43
N ILE E 10 13.62 32.27 1.03
CA ILE E 10 13.58 31.07 0.21
C ILE E 10 13.05 31.37 -1.20
N LEU E 11 13.75 30.86 -2.19
CA LEU E 11 13.29 30.94 -3.54
C LEU E 11 12.52 29.66 -3.88
N VAL E 12 11.28 29.82 -4.31
CA VAL E 12 10.47 28.71 -4.74
C VAL E 12 10.28 28.83 -6.26
N SER E 13 10.22 27.69 -6.94
CA SER E 13 10.03 27.65 -8.37
C SER E 13 8.97 26.58 -8.68
N GLY E 14 8.32 26.67 -9.84
CA GLY E 14 7.41 25.59 -10.27
C GLY E 14 5.92 25.74 -9.95
N ILE E 15 5.47 26.91 -9.55
CA ILE E 15 4.02 27.15 -9.39
C ILE E 15 3.43 27.51 -10.76
N ILE E 16 2.50 26.69 -11.25
CA ILE E 16 1.74 27.05 -12.49
C ILE E 16 0.22 27.15 -12.22
N THR E 17 -0.34 26.16 -11.51
CA THR E 17 -1.72 26.22 -11.05
C THR E 17 -1.75 26.12 -9.54
N ASP E 18 -2.93 26.34 -8.96
CA ASP E 18 -3.09 26.28 -7.51
C ASP E 18 -2.96 24.84 -6.96
N SER E 19 -2.90 23.84 -7.85
CA SER E 19 -2.66 22.43 -7.43
C SER E 19 -1.16 22.06 -7.44
N SER E 20 -0.32 22.92 -8.02
CA SER E 20 1.12 22.64 -8.08
C SER E 20 1.64 22.28 -6.69
N ILE E 21 2.53 21.31 -6.64
CA ILE E 21 3.22 20.99 -5.41
C ILE E 21 3.87 22.28 -4.92
N ALA E 22 4.56 22.97 -5.83
CA ALA E 22 5.20 24.25 -5.49
C ALA E 22 4.25 25.27 -4.82
N PHE E 23 2.96 25.24 -5.13
CA PHE E 23 2.03 26.22 -4.52
C PHE E 23 1.85 25.92 -3.04
N HIS E 24 1.78 24.64 -2.68
CA HIS E 24 1.63 24.21 -1.26
C HIS E 24 2.94 24.24 -0.46
N ILE E 25 4.10 24.05 -1.13
CA ILE E 25 5.41 24.22 -0.46
C ILE E 25 5.48 25.67 0.00
N ALA E 26 5.08 26.57 -0.90
CA ALA E 26 5.05 28.00 -0.63
C ALA E 26 3.99 28.36 0.41
N ARG E 27 2.76 27.88 0.21
CA ARG E 27 1.66 28.17 1.16
C ARG E 27 2.11 27.84 2.58
N VAL E 28 2.72 26.67 2.75
CA VAL E 28 3.22 26.24 4.07
C VAL E 28 4.41 27.10 4.50
N ALA E 29 5.42 27.16 3.64
CA ALA E 29 6.59 27.99 3.91
C ALA E 29 6.19 29.30 4.66
N GLN E 30 5.21 30.04 4.14
CA GLN E 30 4.80 31.35 4.76
C GLN E 30 4.10 31.19 6.11
N GLU E 31 3.18 30.23 6.22
CA GLU E 31 2.55 29.95 7.50
C GLU E 31 3.65 29.82 8.54
N GLN E 32 4.82 29.33 8.09
CA GLN E 32 5.99 29.12 8.96
C GLN E 32 7.04 30.23 8.86
N GLY E 33 6.62 31.43 8.45
CA GLY E 33 7.49 32.62 8.50
C GLY E 33 8.48 32.89 7.38
N ALA E 34 8.57 32.01 6.39
CA ALA E 34 9.51 32.27 5.30
C ALA E 34 9.15 33.55 4.49
N GLN E 35 10.18 34.23 3.98
CA GLN E 35 10.00 35.35 3.07
C GLN E 35 10.33 34.80 1.69
N LEU E 36 9.38 34.84 0.76
CA LEU E 36 9.55 34.16 -0.54
C LEU E 36 9.89 35.04 -1.74
N VAL E 37 10.70 34.46 -2.64
CA VAL E 37 10.93 34.96 -4.01
C VAL E 37 10.43 33.82 -4.90
N LEU E 38 9.55 34.14 -5.85
CA LEU E 38 9.02 33.11 -6.72
C LEU E 38 9.60 33.24 -8.10
N THR E 39 9.75 32.11 -8.79
CA THR E 39 10.13 32.10 -10.20
C THR E 39 9.01 31.41 -11.00
N GLY E 40 8.68 31.99 -12.16
CA GLY E 40 7.64 31.46 -13.04
C GLY E 40 8.18 31.20 -14.41
N PHE E 41 7.52 30.34 -15.16
CA PHE E 41 8.06 29.91 -16.44
C PHE E 41 7.62 30.77 -17.62
N ASP E 42 6.41 30.57 -18.08
CA ASP E 42 6.03 31.04 -19.40
C ASP E 42 4.83 32.00 -19.38
N ARG E 43 3.64 31.49 -19.08
CA ARG E 43 2.48 32.34 -18.94
C ARG E 43 2.67 33.11 -17.64
N LEU E 44 3.50 34.15 -17.71
CA LEU E 44 3.97 34.91 -16.54
C LEU E 44 2.85 35.76 -15.93
N ARG E 45 1.95 36.22 -16.81
CA ARG E 45 0.79 36.99 -16.40
C ARG E 45 -0.19 36.12 -15.62
N LEU E 46 -0.56 34.97 -16.17
CA LEU E 46 -1.54 34.05 -15.53
C LEU E 46 -1.12 33.59 -14.12
N ILE E 47 0.18 33.31 -13.93
CA ILE E 47 0.69 32.81 -12.62
C ILE E 47 0.75 33.90 -11.51
N GLN E 48 0.88 35.17 -11.91
CA GLN E 48 0.72 36.31 -10.98
C GLN E 48 -0.62 36.22 -10.25
N ARG E 49 -1.62 35.69 -10.95
CA ARG E 49 -2.99 35.61 -10.45
C ARG E 49 -3.23 34.36 -9.58
N ILE E 50 -2.22 33.48 -9.52
CA ILE E 50 -2.23 32.33 -8.62
C ILE E 50 -1.41 32.71 -7.36
N THR E 51 -0.29 33.40 -7.60
CA THR E 51 0.63 33.83 -6.54
C THR E 51 -0.02 34.84 -5.61
N ASP E 52 -0.91 35.67 -6.17
CA ASP E 52 -1.73 36.59 -5.38
C ASP E 52 -2.38 35.80 -4.26
N ARG E 53 -2.99 34.66 -4.63
CA ARG E 53 -3.82 33.87 -3.71
C ARG E 53 -3.02 32.95 -2.77
N LEU E 54 -1.76 33.26 -2.53
CA LEU E 54 -0.95 32.60 -1.50
C LEU E 54 -1.25 33.29 -0.15
N PRO E 55 -0.74 32.75 0.97
CA PRO E 55 -0.83 33.48 2.24
C PRO E 55 -0.33 34.95 2.16
N ALA E 56 0.60 35.25 1.26
CA ALA E 56 1.15 36.60 1.15
C ALA E 56 1.75 36.87 -0.24
N LYS E 57 1.58 38.10 -0.73
CA LYS E 57 2.15 38.49 -2.03
C LYS E 57 3.69 38.60 -1.97
N ALA E 58 4.36 38.03 -2.97
CA ALA E 58 5.83 38.00 -3.05
C ALA E 58 6.22 38.15 -4.51
N PRO E 59 7.49 38.53 -4.75
CA PRO E 59 7.94 38.86 -6.11
C PRO E 59 8.06 37.68 -7.09
N LEU E 60 7.38 37.80 -8.23
CA LEU E 60 7.47 36.81 -9.27
C LEU E 60 8.56 37.20 -10.23
N LEU E 61 9.38 36.23 -10.60
CA LEU E 61 10.48 36.43 -11.53
C LEU E 61 10.36 35.44 -12.65
N GLU E 62 10.86 35.80 -13.82
CA GLU E 62 10.92 34.87 -14.95
C GLU E 62 12.06 33.89 -14.76
N LEU E 63 11.81 32.62 -15.07
CA LEU E 63 12.88 31.64 -15.09
C LEU E 63 12.53 30.51 -16.04
N ASP E 64 12.94 30.67 -17.29
CA ASP E 64 12.86 29.61 -18.25
C ASP E 64 14.21 28.96 -18.19
N VAL E 65 14.30 27.83 -17.48
CA VAL E 65 15.62 27.19 -17.21
C VAL E 65 16.27 26.53 -18.42
N GLN E 66 15.74 26.79 -19.62
CA GLN E 66 16.45 26.48 -20.87
C GLN E 66 17.02 27.77 -21.49
N ASN E 67 16.87 28.87 -20.79
CA ASN E 67 17.38 30.14 -21.23
C ASN E 67 18.61 30.43 -20.41
N GLU E 68 19.76 30.46 -21.07
CA GLU E 68 21.02 30.65 -20.38
C GLU E 68 21.13 32.09 -19.83
N GLU E 69 20.50 33.03 -20.53
CA GLU E 69 20.41 34.41 -20.03
C GLU E 69 19.63 34.50 -18.72
N HIS E 70 18.47 33.83 -18.63
CA HIS E 70 17.68 33.80 -17.40
C HIS E 70 18.53 33.40 -16.17
N LEU E 71 19.50 32.47 -16.36
CA LEU E 71 20.36 31.99 -15.25
C LEU E 71 21.44 32.98 -14.86
N ALA E 72 22.05 33.61 -15.88
CA ALA E 72 23.14 34.57 -15.65
C ALA E 72 22.65 35.86 -14.96
N SER E 73 21.34 36.09 -14.99
CA SER E 73 20.75 37.28 -14.39
C SER E 73 19.83 36.95 -13.19
N LEU E 74 19.61 35.66 -12.93
CA LEU E 74 18.69 35.23 -11.86
C LEU E 74 19.15 35.74 -10.50
N ALA E 75 20.46 35.58 -10.25
CA ALA E 75 21.05 35.91 -8.94
C ALA E 75 20.94 37.39 -8.60
N GLY E 76 21.20 38.24 -9.59
CA GLY E 76 21.12 39.70 -9.41
C GLY E 76 19.69 40.15 -9.24
N ARG E 77 18.79 39.51 -9.98
CA ARG E 77 17.37 39.79 -9.90
C ARG E 77 16.78 39.34 -8.59
N VAL E 78 17.31 38.26 -8.03
CA VAL E 78 16.88 37.81 -6.71
C VAL E 78 17.39 38.83 -5.69
N THR E 79 18.71 38.99 -5.64
CA THR E 79 19.36 39.93 -4.72
C THR E 79 18.62 41.28 -4.69
N GLU E 80 18.26 41.75 -5.88
CA GLU E 80 17.52 42.99 -6.05
C GLU E 80 16.15 42.93 -5.37
N ALA E 81 15.43 41.83 -5.58
CA ALA E 81 14.07 41.65 -5.03
C ALA E 81 14.06 41.59 -3.51
N ILE E 82 15.11 41.00 -2.94
CA ILE E 82 15.20 40.80 -1.48
C ILE E 82 16.06 41.87 -0.80
N GLY E 83 16.70 42.72 -1.61
CA GLY E 83 17.49 43.84 -1.11
C GLY E 83 18.96 43.50 -1.03
N ALA E 84 19.82 44.40 -1.53
CA ALA E 84 21.25 44.20 -1.46
C ALA E 84 21.66 44.00 0.00
N GLY E 85 22.69 43.16 0.21
CA GLY E 85 23.10 42.77 1.56
C GLY E 85 22.41 41.49 2.04
N ASN E 86 21.33 41.10 1.36
CA ASN E 86 20.56 39.89 1.70
C ASN E 86 20.83 38.69 0.76
N LYS E 87 20.79 37.49 1.33
CA LYS E 87 21.01 36.26 0.58
C LYS E 87 19.93 35.23 0.88
N LEU E 88 19.73 34.30 -0.05
CA LEU E 88 18.75 33.23 0.11
C LEU E 88 19.24 32.22 1.14
N ASP E 89 18.28 31.68 1.91
CA ASP E 89 18.55 30.60 2.87
C ASP E 89 18.05 29.22 2.32
N GLY E 90 17.17 29.27 1.30
CA GLY E 90 16.62 28.06 0.66
C GLY E 90 16.33 28.23 -0.82
N VAL E 91 16.32 27.11 -1.54
CA VAL E 91 15.89 27.10 -2.95
C VAL E 91 15.07 25.84 -3.16
N VAL E 92 13.95 25.94 -3.89
CA VAL E 92 13.10 24.78 -4.16
C VAL E 92 12.99 24.56 -5.70
N HIS E 93 13.42 23.37 -6.15
CA HIS E 93 13.29 23.00 -7.55
C HIS E 93 12.07 22.12 -7.65
N SER E 94 10.97 22.71 -8.08
CA SER E 94 9.74 21.97 -8.25
C SER E 94 9.38 22.07 -9.72
N ILE E 95 10.39 21.91 -10.57
CA ILE E 95 10.24 22.01 -12.00
C ILE E 95 10.38 20.64 -12.62
N GLY E 96 9.56 20.36 -13.62
CA GLY E 96 9.66 19.09 -14.38
C GLY E 96 8.86 19.15 -15.67
N PHE E 97 9.35 18.49 -16.72
CA PHE E 97 8.64 18.48 -18.01
C PHE E 97 9.12 17.34 -18.89
N MET E 98 8.19 16.73 -19.63
CA MET E 98 8.50 15.65 -20.57
C MET E 98 7.37 15.54 -21.56
N PRO E 99 7.67 15.59 -22.88
CA PRO E 99 6.59 15.55 -23.86
C PRO E 99 5.74 14.26 -23.83
N GLN E 100 4.46 14.38 -24.21
CA GLN E 100 3.47 13.24 -24.32
C GLN E 100 4.11 12.06 -25.04
N THR E 101 5.02 12.42 -25.92
CA THR E 101 5.79 11.55 -26.74
C THR E 101 6.56 10.52 -25.85
N GLY E 102 7.22 11.02 -24.78
CA GLY E 102 8.00 10.18 -23.93
C GLY E 102 7.31 9.90 -22.62
N MET E 103 5.98 9.96 -22.62
CA MET E 103 5.25 9.90 -21.37
C MET E 103 3.75 9.87 -21.57
N GLY E 104 3.11 8.75 -21.23
CA GLY E 104 1.67 8.61 -21.44
C GLY E 104 1.40 7.23 -21.96
N ILE E 105 0.64 7.11 -23.06
CA ILE E 105 0.43 5.80 -23.66
C ILE E 105 1.34 5.58 -24.84
N ASN E 106 2.19 6.57 -25.15
CA ASN E 106 3.13 6.41 -26.26
C ASN E 106 4.10 5.28 -25.95
N PRO E 107 4.38 4.42 -26.94
CA PRO E 107 5.41 3.40 -26.76
C PRO E 107 6.76 3.99 -26.37
N PHE E 108 7.42 3.31 -25.47
CA PHE E 108 8.68 3.74 -24.94
C PHE E 108 9.67 4.02 -26.10
N PHE E 109 9.74 3.09 -27.06
CA PHE E 109 10.67 3.20 -28.20
C PHE E 109 10.34 4.35 -29.20
N ASP E 110 9.13 4.90 -29.12
CA ASP E 110 8.68 5.91 -30.12
C ASP E 110 8.99 7.36 -29.75
N ALA E 111 9.58 7.60 -28.56
CA ALA E 111 9.99 8.96 -28.16
C ALA E 111 11.30 9.37 -28.86
N PRO E 112 11.21 10.29 -29.86
CA PRO E 112 12.43 10.72 -30.55
C PRO E 112 13.36 11.43 -29.58
N TYR E 113 14.66 11.22 -29.74
CA TYR E 113 15.58 11.73 -28.76
C TYR E 113 15.46 13.24 -28.53
N ALA E 114 15.02 14.00 -29.53
CA ALA E 114 14.89 15.47 -29.36
C ALA E 114 13.93 15.85 -28.20
N ASP E 115 12.88 15.05 -28.03
CA ASP E 115 11.86 15.31 -27.00
C ASP E 115 12.40 14.93 -25.65
N VAL E 116 12.84 13.67 -25.53
CA VAL E 116 13.53 13.18 -24.33
C VAL E 116 14.57 14.20 -23.81
N SER E 117 15.38 14.73 -24.73
CA SER E 117 16.44 15.71 -24.39
C SER E 117 15.86 16.99 -23.79
N LYS E 118 14.69 17.42 -24.28
CA LYS E 118 14.02 18.60 -23.71
C LYS E 118 13.57 18.27 -22.26
N GLY E 119 13.12 17.03 -22.08
CA GLY E 119 12.70 16.55 -20.78
C GLY E 119 13.83 16.47 -19.78
N ILE E 120 14.98 15.98 -20.22
CA ILE E 120 16.13 15.82 -19.32
C ILE E 120 16.73 17.14 -18.94
N HIS E 121 16.78 18.05 -19.92
CA HIS E 121 17.27 19.40 -19.67
C HIS E 121 16.44 20.01 -18.52
N ILE E 122 15.13 20.07 -18.73
CA ILE E 122 14.24 20.77 -17.83
C ILE E 122 14.06 20.05 -16.49
N SER E 123 14.00 18.73 -16.51
CA SER E 123 13.72 17.93 -15.30
C SER E 123 14.95 17.57 -14.46
N ALA E 124 16.11 17.39 -15.09
CA ALA E 124 17.33 17.01 -14.35
C ALA E 124 18.40 18.09 -14.42
N TYR E 125 18.79 18.47 -15.62
CA TYR E 125 19.88 19.47 -15.79
C TYR E 125 19.63 20.79 -15.08
N SER E 126 18.38 21.26 -15.10
CA SER E 126 17.97 22.51 -14.43
C SER E 126 18.41 22.56 -12.99
N TYR E 127 18.41 21.39 -12.34
CA TYR E 127 18.78 21.30 -10.93
C TYR E 127 20.21 21.74 -10.75
N ALA E 128 21.08 21.27 -11.63
CA ALA E 128 22.49 21.74 -11.67
C ALA E 128 22.60 23.27 -12.02
N SER E 129 21.73 23.76 -12.91
CA SER E 129 21.80 25.18 -13.33
C SER E 129 21.33 26.12 -12.20
N MET E 130 20.10 25.92 -11.71
CA MET E 130 19.59 26.73 -10.60
C MET E 130 20.60 26.76 -9.47
N ALA E 131 21.07 25.59 -9.08
CA ALA E 131 22.08 25.45 -8.03
C ALA E 131 23.29 26.29 -8.38
N LYS E 132 23.76 26.17 -9.62
CA LYS E 132 24.89 26.98 -10.10
C LYS E 132 24.59 28.48 -9.98
N ALA E 133 23.37 28.88 -10.32
CA ALA E 133 22.98 30.28 -10.36
C ALA E 133 22.71 30.91 -8.99
N LEU E 134 22.17 30.13 -8.05
CA LEU E 134 21.71 30.70 -6.76
C LEU E 134 22.62 30.41 -5.59
N LEU E 135 23.66 29.62 -5.81
CA LEU E 135 24.53 29.19 -4.73
C LEU E 135 25.43 30.34 -4.23
N PRO E 136 26.10 31.07 -5.17
CA PRO E 136 26.91 32.24 -4.75
C PRO E 136 26.17 33.32 -3.91
N ILE E 137 24.83 33.28 -3.92
CA ILE E 137 24.01 34.15 -3.05
C ILE E 137 23.14 33.33 -2.09
N MET E 138 23.80 32.48 -1.31
CA MET E 138 23.16 31.67 -0.26
C MET E 138 24.03 31.63 0.98
N ASN E 139 23.42 31.80 2.15
CA ASN E 139 24.10 31.74 3.43
C ASN E 139 24.51 30.33 3.82
N PRO E 140 25.63 30.20 4.56
CA PRO E 140 26.01 28.88 5.01
C PRO E 140 24.94 28.35 5.93
N GLY E 141 24.57 27.09 5.73
CA GLY E 141 23.48 26.49 6.46
C GLY E 141 22.26 26.35 5.56
N GLY E 142 22.30 27.01 4.40
CA GLY E 142 21.20 26.98 3.44
C GLY E 142 20.92 25.59 2.87
N SER E 143 19.83 25.50 2.09
CA SER E 143 19.31 24.21 1.59
C SER E 143 18.65 24.31 0.20
N ILE E 144 18.92 23.30 -0.63
CA ILE E 144 18.29 23.20 -1.94
C ILE E 144 17.55 21.88 -1.98
N VAL E 145 16.30 21.90 -2.37
CA VAL E 145 15.54 20.67 -2.48
C VAL E 145 14.75 20.67 -3.76
N GLY E 146 14.71 19.52 -4.42
CA GLY E 146 13.93 19.38 -5.63
C GLY E 146 12.97 18.25 -5.48
N MET E 147 11.96 18.20 -6.33
CA MET E 147 10.94 17.15 -6.27
C MET E 147 11.33 15.97 -7.12
N ASP E 148 11.15 14.77 -6.56
CA ASP E 148 11.53 13.54 -7.23
C ASP E 148 10.36 12.54 -7.16
N PHE E 149 10.42 11.47 -7.97
CA PHE E 149 9.39 10.43 -7.95
C PHE E 149 10.11 9.10 -8.22
N ASP E 150 10.48 8.43 -7.12
CA ASP E 150 11.21 7.16 -7.10
C ASP E 150 11.29 6.41 -8.44
N PRO E 151 12.39 6.61 -9.21
CA PRO E 151 12.65 5.98 -10.50
C PRO E 151 13.33 4.58 -10.45
N SER E 152 13.51 4.04 -9.23
CA SER E 152 14.19 2.75 -8.98
C SER E 152 13.70 1.60 -9.81
N ARG E 153 12.40 1.57 -10.04
CA ARG E 153 11.81 0.50 -10.79
C ARG E 153 11.04 1.06 -11.99
N ALA E 154 10.93 0.25 -13.03
CA ALA E 154 10.17 0.63 -14.21
C ALA E 154 8.67 0.46 -13.92
N MET E 155 7.86 1.21 -14.68
CA MET E 155 6.44 1.24 -14.47
C MET E 155 5.74 1.71 -15.74
N PRO E 156 4.38 1.60 -15.78
CA PRO E 156 3.73 2.07 -16.97
C PRO E 156 3.60 3.59 -16.97
N ALA E 157 3.63 4.15 -18.18
CA ALA E 157 3.31 5.55 -18.42
C ALA E 157 4.43 6.54 -18.14
N TYR E 158 4.96 6.54 -16.92
CA TYR E 158 5.99 7.50 -16.54
C TYR E 158 7.14 7.50 -17.61
N ASN E 159 7.38 6.33 -18.20
CA ASN E 159 8.31 6.15 -19.32
C ASN E 159 9.68 6.87 -19.23
N TRP E 160 9.84 7.98 -19.98
CA TRP E 160 11.11 8.70 -19.99
C TRP E 160 11.26 9.68 -18.86
N MET E 161 10.16 10.21 -18.31
CA MET E 161 10.27 11.02 -17.09
C MET E 161 10.91 10.18 -15.96
N THR E 162 10.69 8.87 -15.97
CA THR E 162 11.35 7.97 -15.01
C THR E 162 12.89 8.06 -15.11
N VAL E 163 13.38 8.18 -16.36
CA VAL E 163 14.79 8.32 -16.68
C VAL E 163 15.32 9.71 -16.26
N ALA E 164 14.47 10.72 -16.45
CA ALA E 164 14.80 12.06 -16.03
C ALA E 164 15.01 12.08 -14.53
N LYS E 165 14.16 11.37 -13.80
CA LYS E 165 14.20 11.33 -12.35
C LYS E 165 15.44 10.60 -11.84
N SER E 166 15.82 9.53 -12.55
CA SER E 166 17.05 8.79 -12.23
C SER E 166 18.27 9.69 -12.45
N ALA E 167 18.26 10.46 -13.57
CA ALA E 167 19.34 11.41 -13.84
C ALA E 167 19.35 12.51 -12.78
N LEU E 168 18.15 12.98 -12.41
CA LEU E 168 17.96 14.02 -11.34
C LEU E 168 18.56 13.55 -9.97
N GLU E 169 18.33 12.31 -9.61
CA GLU E 169 18.94 11.80 -8.39
C GLU E 169 20.46 11.86 -8.50
N SER E 170 21.02 11.42 -9.64
CA SER E 170 22.50 11.44 -9.87
C SER E 170 23.00 12.88 -9.88
N VAL E 171 22.26 13.76 -10.56
CA VAL E 171 22.61 15.17 -10.54
C VAL E 171 22.52 15.76 -9.13
N ASN E 172 21.55 15.32 -8.33
CA ASN E 172 21.46 15.79 -6.90
C ASN E 172 22.76 15.49 -6.13
N ARG E 173 23.16 14.23 -6.15
CA ARG E 173 24.41 13.77 -5.50
C ARG E 173 25.62 14.66 -5.87
N PHE E 174 25.72 15.01 -7.14
CA PHE E 174 26.79 15.87 -7.58
C PHE E 174 26.59 17.30 -7.09
N VAL E 175 25.40 17.86 -7.27
CA VAL E 175 25.15 19.20 -6.75
C VAL E 175 25.57 19.30 -5.27
N ALA E 176 25.28 18.26 -4.48
CA ALA E 176 25.63 18.27 -3.04
C ALA E 176 27.11 18.62 -2.82
N ARG E 177 28.00 17.89 -3.54
CA ARG E 177 29.46 18.16 -3.54
C ARG E 177 29.81 19.65 -3.67
N GLU E 178 29.16 20.32 -4.63
CA GLU E 178 29.40 21.72 -4.91
C GLU E 178 28.82 22.64 -3.82
N ALA E 179 27.53 22.48 -3.49
CA ALA E 179 26.85 23.32 -2.46
C ALA E 179 27.48 23.21 -1.06
N GLY E 180 28.11 22.07 -0.80
CA GLY E 180 28.79 21.83 0.46
C GLY E 180 29.89 22.83 0.76
N LYS E 181 30.69 23.19 -0.26
CA LYS E 181 31.73 24.22 -0.13
C LYS E 181 31.10 25.48 0.52
N TYR E 182 29.94 25.88 0.00
CA TYR E 182 29.20 27.05 0.48
C TYR E 182 28.44 26.80 1.81
N GLY E 183 28.53 25.59 2.35
CA GLY E 183 27.81 25.19 3.57
C GLY E 183 26.33 24.92 3.31
N VAL E 184 26.00 24.54 2.07
CA VAL E 184 24.62 24.30 1.66
C VAL E 184 24.37 22.83 1.36
N ARG E 185 23.24 22.33 1.87
CA ARG E 185 22.81 20.96 1.65
C ARG E 185 21.94 20.86 0.40
N SER E 186 22.02 19.71 -0.26
CA SER E 186 21.25 19.41 -1.44
C SER E 186 20.54 18.09 -1.15
N ASN E 187 19.24 18.06 -1.39
CA ASN E 187 18.41 16.90 -1.12
C ASN E 187 17.23 16.95 -2.08
N LEU E 188 16.61 15.78 -2.31
CA LEU E 188 15.40 15.64 -3.16
C LEU E 188 14.24 15.12 -2.32
N VAL E 189 12.99 15.40 -2.72
CA VAL E 189 11.84 14.80 -2.01
C VAL E 189 11.04 13.92 -2.95
N ALA E 190 11.07 12.61 -2.71
CA ALA E 190 10.27 11.66 -3.47
C ALA E 190 8.89 11.63 -2.84
N ALA E 191 7.90 12.08 -3.61
CA ALA E 191 6.53 12.15 -3.13
C ALA E 191 5.66 11.13 -3.84
N GLY E 192 4.68 10.63 -3.10
CA GLY E 192 3.69 9.74 -3.70
C GLY E 192 2.92 10.54 -4.72
N PRO E 193 2.09 9.88 -5.52
CA PRO E 193 1.41 10.58 -6.61
C PRO E 193 0.37 11.60 -6.07
N ILE E 194 0.33 12.78 -6.69
CA ILE E 194 -0.49 13.90 -6.25
C ILE E 194 -1.34 14.49 -7.45
N ARG E 195 -2.66 14.68 -7.20
CA ARG E 195 -3.62 15.31 -8.15
C ARG E 195 -3.10 16.59 -8.83
N THR E 196 -2.20 16.47 -9.80
CA THR E 196 -1.72 17.65 -10.54
C THR E 196 -1.63 17.30 -12.02
N GLY E 205 -10.17 9.85 -17.20
CA GLY E 205 -9.50 9.10 -18.24
C GLY E 205 -9.30 9.94 -19.48
N ALA E 206 -8.80 11.16 -19.29
CA ALA E 206 -8.53 12.09 -20.39
C ALA E 206 -7.64 11.43 -21.44
N LEU E 207 -6.81 10.50 -21.00
CA LEU E 207 -5.97 9.76 -21.90
C LEU E 207 -6.78 8.64 -22.55
N GLY E 208 -7.60 7.94 -21.78
CA GLY E 208 -8.43 6.85 -22.32
C GLY E 208 -8.65 5.66 -21.39
N GLU E 209 -9.32 4.64 -21.91
CA GLU E 209 -9.66 3.41 -21.16
C GLU E 209 -8.47 2.79 -20.43
N GLU E 210 -7.36 2.61 -21.15
CA GLU E 210 -6.15 1.98 -20.62
C GLU E 210 -5.51 2.83 -19.51
N ALA E 211 -5.35 4.12 -19.79
CA ALA E 211 -4.72 5.08 -18.85
C ALA E 211 -5.57 5.30 -17.61
N GLY E 212 -6.84 5.63 -17.82
CA GLY E 212 -7.78 5.82 -16.71
C GLY E 212 -7.85 4.62 -15.78
N ALA E 213 -7.48 3.42 -16.29
CA ALA E 213 -7.42 2.19 -15.49
C ALA E 213 -6.02 2.04 -14.87
N GLN E 214 -4.99 1.99 -15.73
CA GLN E 214 -3.57 1.86 -15.30
C GLN E 214 -3.23 2.85 -14.18
N ILE E 215 -3.53 4.12 -14.41
CA ILE E 215 -3.32 5.17 -13.41
C ILE E 215 -4.29 5.01 -12.19
N GLN E 216 -5.48 4.46 -12.41
CA GLN E 216 -6.44 4.21 -11.31
C GLN E 216 -5.93 3.06 -10.42
N LEU E 217 -4.92 2.36 -10.91
CA LEU E 217 -4.31 1.21 -10.24
C LEU E 217 -3.12 1.65 -9.38
N LEU E 218 -2.43 2.71 -9.81
CA LEU E 218 -1.28 3.22 -9.08
C LEU E 218 -1.74 3.96 -7.80
N GLU E 219 -2.93 4.56 -7.86
CA GLU E 219 -3.52 5.28 -6.69
C GLU E 219 -4.32 4.31 -5.78
N GLU E 220 -4.78 3.19 -6.35
CA GLU E 220 -5.36 2.08 -5.57
C GLU E 220 -4.23 1.38 -4.83
N GLY E 221 -3.09 1.24 -5.52
CA GLY E 221 -1.92 0.56 -4.97
C GLY E 221 -1.18 1.36 -3.93
N TRP E 222 -1.09 2.67 -4.12
CA TRP E 222 -0.29 3.47 -3.20
C TRP E 222 -0.87 3.49 -1.79
N ASP E 223 -2.18 3.80 -1.69
CA ASP E 223 -2.88 3.83 -0.43
C ASP E 223 -2.67 2.50 0.24
N GLN E 224 -2.87 1.41 -0.53
CA GLN E 224 -2.77 0.03 -0.04
C GLN E 224 -1.44 -0.28 0.61
N ARG E 225 -0.35 0.07 -0.10
CA ARG E 225 1.02 -0.28 0.32
C ARG E 225 1.54 0.58 1.45
N ALA E 226 1.28 1.90 1.37
CA ALA E 226 1.73 2.87 2.39
C ALA E 226 1.17 2.49 3.78
N PRO E 227 2.04 2.03 4.71
CA PRO E 227 1.58 1.60 6.03
C PRO E 227 0.76 2.66 6.83
N ILE E 228 0.95 3.94 6.52
CA ILE E 228 0.15 4.97 7.14
C ILE E 228 -0.78 5.59 6.13
N GLY E 229 -1.12 4.81 5.11
CA GLY E 229 -2.03 5.25 4.06
C GLY E 229 -1.46 6.39 3.26
N TRP E 230 -2.22 6.82 2.26
CA TRP E 230 -1.76 7.90 1.39
C TRP E 230 -2.95 8.59 0.79
N ASN E 231 -2.89 9.92 0.69
CA ASN E 231 -4.00 10.70 0.12
C ASN E 231 -3.61 11.47 -1.15
N MET E 232 -4.00 10.93 -2.30
CA MET E 232 -3.72 11.54 -3.64
C MET E 232 -4.16 13.06 -3.79
N LYS E 233 -5.05 13.53 -2.90
CA LYS E 233 -5.60 14.90 -2.99
C LYS E 233 -4.91 16.00 -2.13
N ASP E 234 -4.11 15.60 -1.14
CA ASP E 234 -3.43 16.56 -0.23
C ASP E 234 -1.91 16.55 -0.45
N ALA E 235 -1.38 17.69 -0.90
CA ALA E 235 0.06 17.85 -1.14
C ALA E 235 0.74 18.40 0.10
N THR E 236 -0.05 18.66 1.13
CA THR E 236 0.42 19.31 2.35
C THR E 236 1.55 18.54 3.03
N PRO E 237 1.36 17.22 3.26
CA PRO E 237 2.46 16.44 3.87
C PRO E 237 3.80 16.50 3.04
N VAL E 238 3.69 16.67 1.72
CA VAL E 238 4.89 16.85 0.86
C VAL E 238 5.45 18.23 1.09
N ALA E 239 4.58 19.22 1.22
CA ALA E 239 5.03 20.62 1.53
C ALA E 239 5.72 20.69 2.89
N LYS E 240 5.16 20.00 3.88
CA LYS E 240 5.79 19.95 5.21
C LYS E 240 7.17 19.28 5.15
N THR E 241 7.28 18.17 4.39
CA THR E 241 8.59 17.47 4.19
C THR E 241 9.64 18.44 3.64
N VAL E 242 9.31 19.14 2.56
CA VAL E 242 10.19 20.17 1.96
C VAL E 242 10.59 21.28 2.95
N CYS E 243 9.67 21.69 3.81
CA CYS E 243 9.97 22.73 4.82
C CYS E 243 10.96 22.24 5.86
N ALA E 244 10.87 20.95 6.18
CA ALA E 244 11.82 20.29 7.08
C ALA E 244 13.25 20.14 6.48
N LEU E 245 13.37 20.14 5.14
CA LEU E 245 14.71 20.17 4.49
C LEU E 245 15.26 21.59 4.43
N LEU E 246 14.35 22.53 4.31
CA LEU E 246 14.74 23.91 4.27
C LEU E 246 15.12 24.38 5.69
N SER E 247 14.67 23.63 6.71
CA SER E 247 14.84 24.03 8.12
C SER E 247 16.22 23.69 8.64
N ASP E 248 16.40 23.85 9.96
CA ASP E 248 17.64 23.49 10.65
C ASP E 248 17.52 22.11 11.36
N TRP E 249 16.55 21.31 10.97
CA TRP E 249 16.30 20.05 11.63
C TRP E 249 16.60 18.78 10.79
N LEU E 250 17.29 18.98 9.68
CA LEU E 250 17.90 17.89 8.92
C LEU E 250 19.22 18.41 8.34
N PRO E 251 20.12 18.94 9.23
CA PRO E 251 21.36 19.59 8.86
C PRO E 251 22.52 18.65 8.54
N ALA E 252 22.40 17.39 8.89
CA ALA E 252 23.47 16.43 8.65
C ALA E 252 23.23 15.65 7.38
N THR E 253 22.15 15.95 6.66
CA THR E 253 21.77 15.15 5.50
C THR E 253 21.79 15.89 4.16
N THR E 254 22.57 15.35 3.21
CA THR E 254 22.69 15.94 1.88
C THR E 254 22.99 14.91 0.83
N GLY E 255 22.82 15.32 -0.44
CA GLY E 255 22.94 14.43 -1.60
C GLY E 255 22.02 13.22 -1.50
N ASP E 256 20.94 13.37 -0.73
CA ASP E 256 20.11 12.23 -0.34
C ASP E 256 18.67 12.42 -0.82
N ILE E 257 17.81 11.46 -0.42
CA ILE E 257 16.41 11.47 -0.81
C ILE E 257 15.55 11.17 0.41
N ILE E 258 14.66 12.09 0.76
CA ILE E 258 13.66 11.81 1.79
C ILE E 258 12.36 11.44 1.11
N TYR E 259 11.68 10.44 1.64
CA TYR E 259 10.51 9.88 0.97
C TYR E 259 9.23 10.26 1.68
N ALA E 260 8.43 11.13 1.05
CA ALA E 260 7.15 11.54 1.61
C ALA E 260 6.09 10.90 0.76
N ASP E 261 5.89 9.60 0.98
CA ASP E 261 5.00 8.77 0.14
C ASP E 261 4.29 7.71 0.96
N GLY E 262 4.02 8.01 2.22
CA GLY E 262 3.31 7.07 3.10
C GLY E 262 4.10 5.83 3.42
N GLY E 263 5.38 5.85 3.03
CA GLY E 263 6.27 4.73 3.19
C GLY E 263 5.95 3.59 2.24
N ALA E 264 5.20 3.89 1.18
CA ALA E 264 4.80 2.86 0.23
C ALA E 264 6.00 2.16 -0.45
N HIS E 265 7.08 2.90 -0.73
CA HIS E 265 8.23 2.29 -1.43
C HIS E 265 8.97 1.28 -0.54
N THR E 266 8.63 1.23 0.75
CA THR E 266 9.28 0.32 1.68
C THR E 266 8.50 -0.96 1.84
N GLN E 267 7.37 -1.10 1.11
CA GLN E 267 6.54 -2.31 1.21
C GLN E 267 6.38 -2.94 -0.18
N LEU E 268 6.34 -4.28 -0.21
CA LEU E 268 6.19 -5.03 -1.45
C LEU E 268 4.71 -5.14 -1.84
N LEU E 269 3.87 -5.52 -0.86
CA LEU E 269 2.39 -5.58 -1.06
C LEU E 269 1.73 -4.99 0.17
N THR F 2 32.77 -28.35 -26.12
CA THR F 2 32.80 -27.14 -27.01
C THR F 2 32.69 -25.79 -26.18
N GLY F 3 31.70 -24.95 -26.49
CA GLY F 3 31.62 -23.60 -25.90
C GLY F 3 30.32 -23.23 -25.22
N LEU F 4 30.36 -22.10 -24.53
CA LEU F 4 29.20 -21.60 -23.77
C LEU F 4 28.12 -21.06 -24.73
N LEU F 5 28.57 -20.33 -25.75
CA LEU F 5 27.67 -19.70 -26.73
C LEU F 5 27.82 -20.32 -28.12
N ASP F 6 27.80 -21.65 -28.20
CA ASP F 6 28.06 -22.31 -29.48
C ASP F 6 26.90 -22.08 -30.45
N GLY F 7 27.24 -21.57 -31.64
CA GLY F 7 26.26 -21.35 -32.70
C GLY F 7 25.17 -20.33 -32.39
N LYS F 8 25.52 -19.30 -31.61
CA LYS F 8 24.59 -18.19 -31.33
C LYS F 8 24.98 -16.95 -32.14
N ARG F 9 24.01 -16.39 -32.84
CA ARG F 9 24.30 -15.22 -33.65
C ARG F 9 24.17 -14.03 -32.71
N ILE F 10 25.24 -13.26 -32.60
CA ILE F 10 25.30 -12.16 -31.64
C ILE F 10 25.96 -10.94 -32.26
N LEU F 11 25.42 -9.77 -31.96
CA LEU F 11 26.01 -8.52 -32.42
C LEU F 11 26.77 -7.89 -31.27
N VAL F 12 27.83 -7.15 -31.61
CA VAL F 12 28.66 -6.47 -30.61
C VAL F 12 29.11 -5.12 -31.13
N SER F 13 28.84 -4.06 -30.36
CA SER F 13 29.28 -2.71 -30.71
C SER F 13 30.37 -2.22 -29.74
N GLY F 14 31.01 -1.09 -30.08
CA GLY F 14 31.97 -0.44 -29.17
C GLY F 14 33.48 -0.61 -29.37
N ILE F 15 33.92 -1.44 -30.32
CA ILE F 15 35.37 -1.68 -30.58
C ILE F 15 36.03 -0.51 -31.33
N ILE F 16 37.01 0.12 -30.68
CA ILE F 16 37.82 1.20 -31.29
C ILE F 16 39.35 0.80 -31.28
N THR F 17 39.79 0.10 -30.21
CA THR F 17 41.12 -0.51 -30.13
C THR F 17 41.03 -1.92 -29.53
N ASP F 18 42.17 -2.59 -29.36
CA ASP F 18 42.21 -3.93 -28.76
C ASP F 18 42.23 -3.87 -27.21
N SER F 19 42.31 -2.65 -26.66
CA SER F 19 42.12 -2.44 -25.23
C SER F 19 40.62 -2.46 -24.89
N SER F 20 39.76 -2.28 -25.91
CA SER F 20 38.31 -2.09 -25.70
C SER F 20 37.62 -3.29 -25.09
N ILE F 21 36.68 -3.00 -24.17
CA ILE F 21 35.92 -4.02 -23.47
C ILE F 21 35.12 -4.85 -24.50
N ALA F 22 34.72 -4.22 -25.60
CA ALA F 22 34.00 -4.93 -26.65
C ALA F 22 34.93 -5.95 -27.37
N PHE F 23 36.22 -5.63 -27.52
CA PHE F 23 37.16 -6.54 -28.15
C PHE F 23 37.29 -7.85 -27.40
N HIS F 24 37.33 -7.76 -26.07
CA HIS F 24 37.47 -8.94 -25.23
C HIS F 24 36.13 -9.65 -25.06
N ILE F 25 35.02 -8.92 -25.24
CA ILE F 25 33.71 -9.57 -25.22
C ILE F 25 33.56 -10.29 -26.55
N ALA F 26 34.06 -9.68 -27.61
CA ALA F 26 34.09 -10.34 -28.91
C ALA F 26 35.05 -11.55 -28.89
N ARG F 27 36.29 -11.32 -28.49
CA ARG F 27 37.28 -12.38 -28.42
C ARG F 27 36.70 -13.63 -27.71
N VAL F 28 36.21 -13.47 -26.47
CA VAL F 28 35.68 -14.61 -25.70
C VAL F 28 34.42 -15.18 -26.36
N ALA F 29 33.52 -14.30 -26.83
CA ALA F 29 32.34 -14.76 -27.59
C ALA F 29 32.77 -15.76 -28.70
N GLN F 30 33.82 -15.38 -29.44
CA GLN F 30 34.40 -16.26 -30.49
C GLN F 30 35.13 -17.51 -29.94
N GLU F 31 35.86 -17.35 -28.84
CA GLU F 31 36.50 -18.52 -28.19
C GLU F 31 35.44 -19.56 -27.76
N GLN F 32 34.17 -19.12 -27.69
CA GLN F 32 33.06 -20.00 -27.25
C GLN F 32 32.10 -20.43 -28.39
N GLY F 33 32.49 -20.13 -29.64
CA GLY F 33 31.77 -20.66 -30.82
C GLY F 33 30.51 -19.93 -31.25
N ALA F 34 30.44 -18.63 -30.98
CA ALA F 34 29.32 -17.81 -31.43
C ALA F 34 29.76 -17.16 -32.73
N GLN F 35 28.79 -16.86 -33.60
CA GLN F 35 29.07 -16.09 -34.80
C GLN F 35 28.72 -14.64 -34.51
N LEU F 36 29.63 -13.73 -34.88
CA LEU F 36 29.49 -12.32 -34.52
C LEU F 36 29.32 -11.34 -35.69
N VAL F 37 28.48 -10.32 -35.43
CA VAL F 37 28.37 -9.16 -36.29
C VAL F 37 28.93 -8.02 -35.48
N LEU F 38 29.62 -7.09 -36.12
CA LEU F 38 30.32 -6.05 -35.41
C LEU F 38 29.94 -4.68 -35.97
N THR F 39 29.65 -3.73 -35.09
CA THR F 39 29.30 -2.40 -35.52
C THR F 39 30.43 -1.50 -35.17
N GLY F 40 30.53 -0.37 -35.87
CA GLY F 40 31.62 0.60 -35.64
C GLY F 40 31.16 2.02 -35.84
N PHE F 41 31.70 2.94 -35.06
CA PHE F 41 31.23 4.30 -35.11
C PHE F 41 31.86 5.10 -36.26
N ASP F 42 33.12 5.47 -36.14
CA ASP F 42 33.70 6.39 -37.12
C ASP F 42 34.92 5.85 -37.86
N ARG F 43 36.00 5.60 -37.11
CA ARG F 43 37.24 5.10 -37.68
C ARG F 43 37.06 3.65 -38.14
N LEU F 44 36.29 3.48 -39.22
CA LEU F 44 35.89 2.19 -39.75
C LEU F 44 37.03 1.39 -40.35
N ARG F 45 38.02 2.08 -40.89
CA ARG F 45 39.14 1.39 -41.53
C ARG F 45 40.21 0.98 -40.50
N LEU F 46 40.03 1.42 -39.24
CA LEU F 46 40.93 1.03 -38.14
C LEU F 46 40.30 -0.08 -37.29
N ILE F 47 38.98 -0.01 -37.07
CA ILE F 47 38.29 -1.10 -36.34
C ILE F 47 38.32 -2.33 -37.25
N GLN F 48 38.44 -2.07 -38.56
CA GLN F 48 38.74 -3.10 -39.56
C GLN F 48 40.03 -3.84 -39.26
N ARG F 49 41.11 -3.05 -39.14
CA ARG F 49 42.47 -3.55 -38.94
C ARG F 49 42.67 -4.17 -37.53
N ILE F 50 41.88 -3.66 -36.57
CA ILE F 50 41.85 -4.15 -35.20
C ILE F 50 41.18 -5.52 -35.14
N THR F 51 40.08 -5.64 -35.87
CA THR F 51 39.26 -6.84 -35.81
C THR F 51 39.84 -8.02 -36.59
N ASP F 52 40.70 -7.74 -37.59
CA ASP F 52 41.43 -8.80 -38.30
C ASP F 52 42.00 -9.74 -37.25
N ARG F 53 42.71 -9.16 -36.30
CA ARG F 53 43.37 -9.87 -35.21
C ARG F 53 42.40 -10.55 -34.20
N LEU F 54 41.19 -10.95 -34.65
CA LEU F 54 40.23 -11.67 -33.78
C LEU F 54 40.12 -13.16 -34.18
N PRO F 55 39.96 -14.06 -33.17
CA PRO F 55 39.92 -15.51 -33.36
C PRO F 55 39.37 -15.95 -34.73
N ALA F 56 38.18 -15.46 -35.07
CA ALA F 56 37.57 -15.68 -36.38
C ALA F 56 37.35 -14.33 -37.08
N LYS F 57 37.30 -14.35 -38.40
CA LYS F 57 36.97 -13.14 -39.17
C LYS F 57 35.48 -12.87 -39.00
N ALA F 58 35.06 -11.61 -39.10
CA ALA F 58 33.65 -11.28 -38.87
C ALA F 58 33.17 -9.98 -39.52
N PRO F 59 31.89 -9.96 -39.95
CA PRO F 59 31.28 -8.78 -40.60
C PRO F 59 31.36 -7.53 -39.73
N LEU F 60 31.74 -6.41 -40.32
CA LEU F 60 31.88 -5.16 -39.61
C LEU F 60 31.07 -4.09 -40.30
N LEU F 61 29.79 -4.02 -39.94
CA LEU F 61 28.91 -3.00 -40.48
C LEU F 61 29.03 -1.72 -39.65
N GLU F 62 28.69 -0.59 -40.26
CA GLU F 62 28.83 0.72 -39.60
C GLU F 62 27.58 1.07 -38.75
N LEU F 63 27.78 1.84 -37.69
CA LEU F 63 26.68 2.27 -36.82
C LEU F 63 27.07 3.39 -35.86
N ASP F 64 26.76 4.63 -36.25
CA ASP F 64 26.76 5.79 -35.34
C ASP F 64 25.36 5.87 -34.76
N VAL F 65 25.21 5.41 -33.52
CA VAL F 65 23.89 5.37 -32.85
C VAL F 65 23.17 6.72 -32.80
N GLN F 66 23.88 7.80 -33.15
CA GLN F 66 23.25 9.11 -33.27
C GLN F 66 22.71 9.36 -34.68
N ASN F 67 22.75 8.33 -35.53
CA ASN F 67 22.25 8.44 -36.88
C ASN F 67 20.96 7.67 -37.04
N GLU F 68 19.88 8.40 -37.31
CA GLU F 68 18.55 7.83 -37.52
C GLU F 68 18.54 6.77 -38.61
N GLU F 69 19.36 7.00 -39.65
CA GLU F 69 19.43 6.11 -40.86
C GLU F 69 20.20 4.83 -40.63
N HIS F 70 21.37 4.92 -39.97
CA HIS F 70 22.11 3.70 -39.61
C HIS F 70 21.19 2.79 -38.77
N LEU F 71 20.43 3.39 -37.84
CA LEU F 71 19.46 2.65 -37.01
C LEU F 71 18.31 2.14 -37.84
N ALA F 72 17.77 3.01 -38.70
CA ALA F 72 16.66 2.62 -39.58
C ALA F 72 17.04 1.46 -40.50
N SER F 73 18.30 1.44 -40.93
CA SER F 73 18.80 0.40 -41.85
C SER F 73 19.50 -0.74 -41.11
N LEU F 74 19.48 -0.71 -39.79
CA LEU F 74 20.29 -1.64 -39.02
C LEU F 74 19.84 -3.08 -39.23
N ALA F 75 18.55 -3.35 -38.95
CA ALA F 75 18.02 -4.71 -39.01
C ALA F 75 18.32 -5.43 -40.36
N GLY F 76 18.14 -4.71 -41.46
CA GLY F 76 18.32 -5.28 -42.79
C GLY F 76 19.77 -5.52 -43.20
N ARG F 77 20.68 -4.71 -42.66
CA ARG F 77 22.10 -4.87 -42.94
C ARG F 77 22.66 -6.07 -42.19
N VAL F 78 22.10 -6.32 -41.01
CA VAL F 78 22.48 -7.46 -40.18
C VAL F 78 21.91 -8.74 -40.78
N THR F 79 20.62 -8.71 -41.13
CA THR F 79 19.91 -9.87 -41.70
C THR F 79 20.54 -10.35 -43.01
N GLU F 80 21.39 -9.53 -43.62
CA GLU F 80 22.12 -9.89 -44.81
C GLU F 80 23.42 -10.58 -44.42
N ALA F 81 24.22 -9.90 -43.62
CA ALA F 81 25.42 -10.47 -43.04
C ALA F 81 25.14 -11.87 -42.46
N ILE F 82 24.09 -12.00 -41.65
CA ILE F 82 23.76 -13.30 -41.01
C ILE F 82 22.97 -14.24 -41.93
N GLY F 83 22.62 -13.77 -43.12
CA GLY F 83 21.81 -14.53 -44.06
C GLY F 83 20.31 -14.42 -43.78
N ALA F 84 19.52 -14.62 -44.83
CA ALA F 84 18.06 -14.55 -44.72
C ALA F 84 17.54 -15.67 -43.80
N GLY F 85 16.27 -15.57 -43.38
CA GLY F 85 15.63 -16.58 -42.53
C GLY F 85 16.13 -16.68 -41.08
N ASN F 86 17.35 -16.20 -40.82
CA ASN F 86 17.96 -16.28 -39.49
C ASN F 86 17.85 -14.99 -38.70
N LYS F 87 18.11 -15.11 -37.39
CA LYS F 87 18.01 -13.98 -36.46
C LYS F 87 19.10 -14.02 -35.38
N LEU F 88 19.33 -12.86 -34.75
CA LEU F 88 20.28 -12.71 -33.65
C LEU F 88 19.81 -13.43 -32.38
N ASP F 89 20.77 -13.89 -31.57
CA ASP F 89 20.48 -14.46 -30.24
C ASP F 89 20.94 -13.50 -29.10
N GLY F 90 21.85 -12.59 -29.44
CA GLY F 90 22.42 -11.68 -28.47
C GLY F 90 22.78 -10.32 -29.07
N VAL F 91 22.78 -9.30 -28.22
CA VAL F 91 23.14 -7.96 -28.66
C VAL F 91 23.96 -7.31 -27.57
N VAL F 92 25.11 -6.76 -27.95
CA VAL F 92 26.02 -6.12 -26.99
C VAL F 92 26.14 -4.61 -27.26
N HIS F 93 25.53 -3.84 -26.37
CA HIS F 93 25.70 -2.42 -26.35
C HIS F 93 26.91 -2.21 -25.46
N SER F 94 27.96 -1.68 -26.03
CA SER F 94 29.14 -1.33 -25.25
C SER F 94 29.63 -0.03 -25.81
N ILE F 95 28.72 0.92 -25.86
CA ILE F 95 28.96 2.23 -26.39
C ILE F 95 28.78 3.24 -25.29
N GLY F 96 29.59 4.30 -25.32
CA GLY F 96 29.51 5.38 -24.36
C GLY F 96 30.50 6.50 -24.64
N PHE F 97 30.07 7.74 -24.52
CA PHE F 97 30.96 8.91 -24.73
C PHE F 97 30.35 10.15 -24.10
N MET F 98 31.20 11.08 -23.66
CA MET F 98 30.77 12.32 -23.01
C MET F 98 31.88 13.39 -23.17
N PRO F 99 31.57 14.50 -23.86
CA PRO F 99 32.55 15.57 -24.11
C PRO F 99 33.41 15.98 -22.88
N GLN F 100 34.66 16.38 -23.15
CA GLN F 100 35.65 16.80 -22.13
C GLN F 100 35.05 17.68 -21.06
N THR F 101 34.20 18.57 -21.51
CA THR F 101 33.48 19.48 -20.65
C THR F 101 32.76 18.78 -19.47
N GLY F 102 32.08 17.67 -19.76
CA GLY F 102 31.29 16.96 -18.74
C GLY F 102 32.04 15.88 -17.96
N MET F 103 33.37 15.98 -17.89
CA MET F 103 34.18 15.05 -17.11
C MET F 103 35.43 15.70 -16.59
N GLY F 104 36.16 14.95 -15.75
CA GLY F 104 37.45 15.37 -15.29
C GLY F 104 37.53 16.73 -14.64
N ILE F 105 38.69 17.38 -14.81
CA ILE F 105 39.05 18.62 -14.10
C ILE F 105 38.11 19.84 -14.35
N ASN F 106 37.31 19.76 -15.44
CA ASN F 106 36.36 20.84 -15.81
C ASN F 106 35.16 20.83 -14.85
N PRO F 107 34.76 22.01 -14.35
CA PRO F 107 33.84 22.05 -13.20
C PRO F 107 32.38 21.69 -13.54
N PHE F 108 31.92 20.53 -13.04
CA PHE F 108 30.53 20.04 -13.18
C PHE F 108 29.48 21.11 -13.53
N PHE F 109 29.59 22.30 -12.93
CA PHE F 109 28.67 23.41 -13.25
C PHE F 109 28.87 24.09 -14.63
N ASP F 110 29.98 23.82 -15.30
CA ASP F 110 30.29 24.51 -16.59
C ASP F 110 29.96 23.71 -17.86
N ALA F 111 29.51 22.48 -17.71
CA ALA F 111 29.07 21.68 -18.85
C ALA F 111 27.76 22.20 -19.49
N PRO F 112 27.84 22.66 -20.78
CA PRO F 112 26.61 23.11 -21.41
C PRO F 112 25.76 21.92 -21.74
N TYR F 113 24.44 22.10 -21.60
CA TYR F 113 23.56 20.99 -21.78
C TYR F 113 23.81 20.30 -23.09
N ALA F 114 24.02 21.09 -24.13
CA ALA F 114 24.31 20.55 -25.46
C ALA F 114 25.44 19.47 -25.44
N ASP F 115 26.44 19.63 -24.57
CA ASP F 115 27.46 18.57 -24.36
C ASP F 115 26.82 17.42 -23.56
N VAL F 116 26.27 17.74 -22.37
CA VAL F 116 25.60 16.72 -21.54
C VAL F 116 24.64 15.92 -22.38
N SER F 117 23.83 16.64 -23.18
CA SER F 117 22.82 16.00 -24.03
C SER F 117 23.38 14.94 -24.99
N LYS F 118 24.52 15.22 -25.62
CA LYS F 118 25.09 14.33 -26.62
C LYS F 118 25.57 13.04 -25.95
N GLY F 119 26.23 13.19 -24.81
CA GLY F 119 26.72 12.06 -24.05
C GLY F 119 25.64 11.17 -23.46
N ILE F 120 24.48 11.77 -23.13
CA ILE F 120 23.31 10.98 -22.69
C ILE F 120 22.70 10.27 -23.92
N HIS F 121 22.71 10.97 -25.07
CA HIS F 121 22.25 10.42 -26.38
C HIS F 121 23.04 9.14 -26.71
N ILE F 122 24.35 9.25 -26.72
CA ILE F 122 25.18 8.08 -27.08
C ILE F 122 25.20 6.98 -26.00
N SER F 123 25.52 7.34 -24.76
CA SER F 123 25.63 6.36 -23.65
C SER F 123 24.27 5.77 -23.14
N ALA F 124 23.30 6.62 -22.81
CA ALA F 124 22.01 6.16 -22.26
C ALA F 124 20.93 5.88 -23.31
N TYR F 125 20.56 6.89 -24.09
CA TYR F 125 19.42 6.74 -25.04
C TYR F 125 19.59 5.64 -26.07
N SER F 126 20.78 5.58 -26.69
CA SER F 126 21.07 4.63 -27.79
C SER F 126 20.82 3.17 -27.44
N TYR F 127 20.70 2.86 -26.15
CA TYR F 127 20.38 1.52 -25.71
C TYR F 127 18.94 1.15 -26.06
N ALA F 128 18.01 2.12 -25.94
CA ALA F 128 16.62 1.88 -26.33
C ALA F 128 16.53 1.75 -27.83
N SER F 129 17.29 2.58 -28.56
CA SER F 129 17.36 2.54 -30.04
C SER F 129 17.79 1.17 -30.54
N MET F 130 19.00 0.73 -30.16
CA MET F 130 19.53 -0.59 -30.58
C MET F 130 18.51 -1.71 -30.25
N ALA F 131 17.93 -1.65 -29.06
CA ALA F 131 16.90 -2.60 -28.65
C ALA F 131 15.78 -2.46 -29.64
N LYS F 132 15.30 -1.22 -29.85
CA LYS F 132 14.22 -0.98 -30.83
C LYS F 132 14.59 -1.49 -32.24
N ALA F 133 15.79 -1.17 -32.70
CA ALA F 133 16.25 -1.58 -34.03
C ALA F 133 16.41 -3.11 -34.19
N LEU F 134 17.02 -3.77 -33.20
CA LEU F 134 17.42 -5.20 -33.37
C LEU F 134 16.45 -6.25 -32.77
N LEU F 135 15.34 -5.81 -32.18
CA LEU F 135 14.46 -6.71 -31.44
C LEU F 135 13.50 -7.49 -32.37
N PRO F 136 12.95 -6.82 -33.43
CA PRO F 136 12.18 -7.59 -34.42
C PRO F 136 13.01 -8.68 -35.14
N ILE F 137 14.35 -8.57 -35.11
CA ILE F 137 15.21 -9.62 -35.68
C ILE F 137 15.89 -10.46 -34.58
N MET F 138 15.22 -10.59 -33.44
CA MET F 138 15.76 -11.36 -32.31
C MET F 138 14.92 -12.58 -31.89
N ASN F 139 15.54 -13.77 -31.89
CA ASN F 139 14.87 -15.02 -31.48
C ASN F 139 14.46 -15.05 -30.02
N PRO F 140 13.40 -15.78 -29.68
CA PRO F 140 13.10 -15.97 -28.26
C PRO F 140 14.25 -16.63 -27.46
N GLY F 141 14.32 -16.33 -26.16
CA GLY F 141 15.39 -16.80 -25.31
C GLY F 141 16.69 -16.05 -25.57
N GLY F 142 16.61 -14.96 -26.35
CA GLY F 142 17.78 -14.11 -26.66
C GLY F 142 18.18 -13.24 -25.47
N SER F 143 19.10 -12.31 -25.69
CA SER F 143 19.65 -11.52 -24.58
C SER F 143 20.40 -10.28 -25.00
N ILE F 144 20.00 -9.13 -24.44
CA ILE F 144 20.69 -7.82 -24.69
C ILE F 144 21.48 -7.45 -23.44
N VAL F 145 22.72 -6.96 -23.61
CA VAL F 145 23.48 -6.52 -22.45
C VAL F 145 24.19 -5.20 -22.69
N GLY F 146 24.40 -4.45 -21.61
CA GLY F 146 25.00 -3.14 -21.70
C GLY F 146 26.07 -2.98 -20.66
N MET F 147 27.05 -2.12 -20.94
CA MET F 147 28.12 -1.85 -19.98
C MET F 147 27.76 -0.66 -19.13
N ASP F 148 27.98 -0.81 -17.83
CA ASP F 148 27.58 0.21 -16.86
C ASP F 148 28.74 0.40 -15.88
N PHE F 149 28.82 1.60 -15.29
CA PHE F 149 29.72 1.87 -14.14
C PHE F 149 28.85 2.38 -13.01
N ASP F 150 28.78 1.63 -11.90
CA ASP F 150 27.93 1.98 -10.73
C ASP F 150 27.82 3.50 -10.48
N PRO F 151 26.68 4.08 -10.83
CA PRO F 151 26.45 5.52 -10.66
C PRO F 151 25.62 5.86 -9.40
N SER F 152 25.42 4.85 -8.54
CA SER F 152 24.60 4.94 -7.34
C SER F 152 25.10 5.93 -6.33
N ARG F 153 26.36 6.33 -6.44
CA ARG F 153 26.97 7.36 -5.57
C ARG F 153 27.81 8.28 -6.42
N ALA F 154 27.81 9.57 -6.10
CA ALA F 154 28.65 10.51 -6.83
C ALA F 154 30.18 10.27 -6.56
N MET F 155 30.99 10.62 -7.55
CA MET F 155 32.48 10.54 -7.46
C MET F 155 33.07 11.69 -8.25
N PRO F 156 34.36 11.99 -8.05
CA PRO F 156 34.98 13.04 -8.87
C PRO F 156 35.37 12.50 -10.26
N ALA F 157 35.53 13.42 -11.22
CA ALA F 157 35.99 13.07 -12.58
C ALA F 157 34.91 12.46 -13.49
N TYR F 158 34.41 11.27 -13.15
CA TYR F 158 33.43 10.59 -14.03
C TYR F 158 32.20 11.50 -14.19
N ASN F 159 31.99 12.40 -13.22
CA ASN F 159 31.01 13.53 -13.29
C ASN F 159 29.69 13.30 -14.10
N TRP F 160 29.54 13.97 -15.25
CA TRP F 160 28.31 13.89 -16.03
C TRP F 160 28.11 12.56 -16.71
N MET F 161 29.15 11.74 -16.78
CA MET F 161 28.98 10.39 -17.35
C MET F 161 28.20 9.54 -16.36
N THR F 162 28.45 9.79 -15.07
CA THR F 162 27.71 9.12 -14.02
C THR F 162 26.17 9.38 -14.16
N VAL F 163 25.81 10.63 -14.47
CA VAL F 163 24.41 10.95 -14.72
C VAL F 163 23.91 10.18 -15.93
N ALA F 164 24.78 10.00 -16.92
CA ALA F 164 24.41 9.25 -18.11
C ALA F 164 24.16 7.78 -17.75
N LYS F 165 24.99 7.24 -16.84
CA LYS F 165 24.86 5.83 -16.40
C LYS F 165 23.66 5.58 -15.46
N SER F 166 23.33 6.56 -14.61
CA SER F 166 22.09 6.48 -13.82
C SER F 166 20.90 6.39 -14.80
N ALA F 167 20.96 7.21 -15.86
CA ALA F 167 19.89 7.22 -16.88
C ALA F 167 19.84 5.87 -17.57
N LEU F 168 21.00 5.39 -18.04
CA LEU F 168 21.08 4.09 -18.75
C LEU F 168 20.45 2.96 -17.94
N GLU F 169 20.74 2.90 -16.64
CA GLU F 169 20.12 1.88 -15.75
C GLU F 169 18.60 1.99 -15.77
N SER F 170 18.09 3.23 -15.72
CA SER F 170 16.63 3.48 -15.74
C SER F 170 16.13 3.00 -17.09
N VAL F 171 16.81 3.42 -18.16
CA VAL F 171 16.52 2.89 -19.52
C VAL F 171 16.54 1.35 -19.57
N ASN F 172 17.51 0.72 -18.91
CA ASN F 172 17.61 -0.75 -18.94
C ASN F 172 16.34 -1.48 -18.50
N ARG F 173 15.79 -1.09 -17.36
CA ARG F 173 14.51 -1.67 -16.85
C ARG F 173 13.33 -1.50 -17.82
N PHE F 174 13.30 -0.38 -18.54
CA PHE F 174 12.20 -0.13 -19.50
C PHE F 174 12.39 -0.96 -20.75
N VAL F 175 13.63 -1.07 -21.24
CA VAL F 175 13.93 -1.94 -22.40
C VAL F 175 13.60 -3.42 -22.11
N ALA F 176 13.67 -3.82 -20.84
CA ALA F 176 13.27 -5.15 -20.44
C ALA F 176 11.74 -5.37 -20.61
N ARG F 177 10.95 -4.33 -20.43
CA ARG F 177 9.50 -4.47 -20.60
C ARG F 177 9.23 -4.91 -22.00
N GLU F 178 9.79 -4.16 -22.93
CA GLU F 178 9.62 -4.45 -24.33
C GLU F 178 10.27 -5.78 -24.73
N ALA F 179 11.48 -6.05 -24.24
CA ALA F 179 12.23 -7.27 -24.57
C ALA F 179 11.50 -8.58 -24.21
N GLY F 180 10.80 -8.57 -23.09
CA GLY F 180 10.06 -9.74 -22.63
C GLY F 180 9.04 -10.21 -23.63
N LYS F 181 8.37 -9.26 -24.28
CA LYS F 181 7.40 -9.58 -25.32
C LYS F 181 8.05 -10.50 -26.39
N TYR F 182 9.32 -10.23 -26.72
CA TYR F 182 10.05 -11.07 -27.67
C TYR F 182 10.67 -12.30 -26.99
N GLY F 183 10.44 -12.46 -25.68
CA GLY F 183 11.03 -13.57 -24.90
C GLY F 183 12.51 -13.36 -24.70
N VAL F 184 12.87 -12.13 -24.40
CA VAL F 184 14.27 -11.74 -24.34
C VAL F 184 14.58 -11.00 -23.03
N ARG F 185 15.85 -11.01 -22.67
CA ARG F 185 16.34 -10.38 -21.49
C ARG F 185 17.25 -9.21 -21.84
N SER F 186 17.19 -8.16 -21.03
CA SER F 186 18.07 -7.00 -21.15
C SER F 186 18.72 -6.70 -19.80
N ASN F 187 20.04 -6.61 -19.80
CA ASN F 187 20.84 -6.44 -18.57
C ASN F 187 22.12 -5.61 -18.79
N LEU F 188 22.57 -4.96 -17.73
CA LEU F 188 23.83 -4.21 -17.78
C LEU F 188 24.81 -4.99 -16.94
N VAL F 189 26.08 -4.96 -17.37
CA VAL F 189 27.18 -5.47 -16.58
C VAL F 189 27.95 -4.25 -16.05
N ALA F 190 27.75 -3.99 -14.75
CA ALA F 190 28.45 -2.90 -14.06
C ALA F 190 29.89 -3.31 -13.76
N ALA F 191 30.82 -2.76 -14.53
CA ALA F 191 32.22 -3.20 -14.43
C ALA F 191 33.09 -2.26 -13.59
N GLY F 192 34.15 -2.84 -13.02
CA GLY F 192 35.19 -2.04 -12.34
C GLY F 192 36.08 -1.35 -13.40
N PRO F 193 36.87 -0.35 -12.98
CA PRO F 193 37.66 0.43 -13.93
C PRO F 193 38.62 -0.45 -14.71
N ILE F 194 38.85 -0.08 -15.97
CA ILE F 194 39.68 -0.86 -16.90
C ILE F 194 40.54 0.08 -17.70
N ARG F 195 41.75 -0.36 -18.03
CA ARG F 195 42.66 0.48 -18.83
C ARG F 195 42.36 0.45 -20.30
N THR F 196 41.44 1.36 -20.64
CA THR F 196 41.01 1.68 -21.98
C THR F 196 41.87 2.88 -22.43
N LEU F 197 41.91 3.10 -23.75
CA LEU F 197 42.71 4.21 -24.36
C LEU F 197 42.83 5.50 -23.48
N ALA F 198 41.70 5.96 -22.93
CA ALA F 198 41.71 7.05 -21.94
C ALA F 198 40.50 6.84 -21.04
N MET F 199 40.23 5.57 -20.73
CA MET F 199 38.98 5.17 -20.05
C MET F 199 37.79 5.61 -20.90
N GLU F 220 42.71 2.85 -7.84
CA GLU F 220 43.39 2.03 -6.83
C GLU F 220 42.44 1.39 -5.81
N GLY F 221 41.87 2.22 -4.93
CA GLY F 221 40.96 1.75 -3.86
C GLY F 221 40.11 0.57 -4.28
N TRP F 222 39.88 0.46 -5.58
CA TRP F 222 39.06 -0.62 -6.13
C TRP F 222 39.65 -2.00 -5.82
N ASP F 223 40.95 -2.18 -6.05
CA ASP F 223 41.60 -3.48 -5.77
C ASP F 223 41.69 -3.76 -4.28
N GLN F 224 41.92 -2.69 -3.50
CA GLN F 224 41.86 -2.77 -2.04
C GLN F 224 40.47 -3.21 -1.58
N ARG F 225 39.42 -2.46 -1.95
CA ARG F 225 38.04 -2.80 -1.53
C ARG F 225 37.58 -4.18 -2.01
N ALA F 226 38.07 -4.58 -3.19
CA ALA F 226 37.64 -5.85 -3.78
C ALA F 226 38.11 -7.05 -2.95
N PRO F 227 37.15 -7.82 -2.36
CA PRO F 227 37.52 -9.03 -1.61
C PRO F 227 38.43 -9.99 -2.40
N ILE F 228 38.18 -10.11 -3.72
CA ILE F 228 39.02 -10.93 -4.60
C ILE F 228 39.98 -10.04 -5.40
N GLY F 229 40.13 -8.80 -4.99
CA GLY F 229 40.99 -7.88 -5.72
C GLY F 229 40.41 -7.54 -7.08
N TRP F 230 41.12 -6.72 -7.84
CA TRP F 230 40.67 -6.31 -9.15
C TRP F 230 41.82 -5.67 -9.95
N ASN F 231 42.02 -6.18 -11.17
CA ASN F 231 43.04 -5.65 -12.09
C ASN F 231 42.34 -4.84 -13.16
N MET F 232 42.77 -3.59 -13.35
CA MET F 232 42.12 -2.71 -14.31
C MET F 232 42.78 -2.73 -15.68
N LYS F 233 43.90 -3.41 -15.80
CA LYS F 233 44.55 -3.61 -17.10
C LYS F 233 43.98 -4.88 -17.80
N ASP F 234 43.16 -5.65 -17.06
CA ASP F 234 42.62 -6.96 -17.49
C ASP F 234 41.10 -6.92 -17.58
N ALA F 235 40.56 -7.01 -18.79
CA ALA F 235 39.11 -6.93 -19.01
C ALA F 235 38.45 -8.29 -19.20
N THR F 236 39.19 -9.36 -19.00
CA THR F 236 38.66 -10.71 -19.34
C THR F 236 37.51 -11.14 -18.41
N PRO F 237 37.62 -10.84 -17.12
CA PRO F 237 36.50 -11.07 -16.21
C PRO F 237 35.18 -10.44 -16.66
N VAL F 238 35.25 -9.24 -17.23
CA VAL F 238 34.07 -8.53 -17.71
C VAL F 238 33.43 -9.22 -18.92
N ALA F 239 34.27 -9.59 -19.88
CA ALA F 239 33.82 -10.27 -21.09
C ALA F 239 33.22 -11.62 -20.71
N LYS F 240 33.83 -12.27 -19.74
CA LYS F 240 33.31 -13.55 -19.25
C LYS F 240 31.92 -13.32 -18.63
N THR F 241 31.76 -12.19 -17.94
CA THR F 241 30.48 -11.83 -17.30
C THR F 241 29.43 -11.57 -18.37
N VAL F 242 29.74 -10.64 -19.28
CA VAL F 242 28.88 -10.33 -20.42
C VAL F 242 28.44 -11.62 -21.14
N CYS F 243 29.38 -12.52 -21.42
CA CYS F 243 29.06 -13.79 -22.07
C CYS F 243 28.09 -14.61 -21.24
N ALA F 244 28.31 -14.64 -19.91
CA ALA F 244 27.39 -15.33 -18.97
C ALA F 244 25.95 -14.76 -18.99
N LEU F 245 25.78 -13.53 -19.49
CA LEU F 245 24.46 -12.94 -19.69
C LEU F 245 23.91 -13.26 -21.08
N LEU F 246 24.82 -13.56 -22.00
CA LEU F 246 24.41 -13.99 -23.34
C LEU F 246 24.12 -15.50 -23.37
N SER F 247 24.59 -16.23 -22.36
CA SER F 247 24.45 -17.66 -22.33
C SER F 247 23.01 -18.00 -22.04
N ASP F 248 22.72 -19.29 -21.83
CA ASP F 248 21.39 -19.72 -21.38
C ASP F 248 21.40 -19.91 -19.85
N TRP F 249 22.54 -19.58 -19.19
CA TRP F 249 22.76 -19.88 -17.75
C TRP F 249 22.51 -18.74 -16.73
N LEU F 250 21.87 -17.66 -17.17
CA LEU F 250 21.29 -16.66 -16.25
C LEU F 250 19.95 -16.36 -16.87
N PRO F 251 19.11 -17.40 -17.01
CA PRO F 251 17.87 -17.30 -17.73
C PRO F 251 16.78 -16.49 -17.01
N ALA F 252 16.86 -16.42 -15.69
CA ALA F 252 15.82 -15.74 -14.92
C ALA F 252 16.09 -14.23 -14.73
N THR F 253 17.24 -13.76 -15.21
CA THR F 253 17.71 -12.42 -14.91
C THR F 253 17.41 -11.37 -16.01
N THR F 254 16.51 -10.41 -15.73
CA THR F 254 16.25 -9.33 -16.69
C THR F 254 16.00 -7.99 -16.03
N GLY F 255 16.26 -6.90 -16.78
CA GLY F 255 16.14 -5.51 -16.26
C GLY F 255 17.13 -5.19 -15.16
N ASP F 256 18.10 -6.08 -14.95
CA ASP F 256 18.93 -6.07 -13.75
C ASP F 256 20.33 -5.62 -14.07
N ILE F 257 21.19 -5.71 -13.06
CA ILE F 257 22.58 -5.29 -13.16
C ILE F 257 23.52 -6.23 -12.39
N ILE F 258 24.27 -7.04 -13.11
CA ILE F 258 25.30 -7.90 -12.51
C ILE F 258 26.63 -7.14 -12.45
N TYR F 259 27.22 -7.09 -11.27
CA TYR F 259 28.43 -6.31 -11.02
C TYR F 259 29.68 -7.14 -11.18
N ALA F 260 30.48 -6.81 -12.21
CA ALA F 260 31.79 -7.46 -12.44
C ALA F 260 32.89 -6.48 -12.00
N ASP F 261 33.07 -6.40 -10.69
CA ASP F 261 33.96 -5.41 -10.12
C ASP F 261 34.75 -5.93 -8.93
N GLY F 262 34.70 -7.22 -8.72
CA GLY F 262 35.42 -7.84 -7.61
C GLY F 262 34.80 -7.58 -6.24
N GLY F 263 33.47 -7.33 -6.19
CA GLY F 263 32.72 -7.12 -4.95
C GLY F 263 32.92 -5.77 -4.35
N ALA F 264 33.67 -4.92 -5.05
CA ALA F 264 34.05 -3.61 -4.53
C ALA F 264 32.85 -2.87 -3.97
N HIS F 265 31.84 -2.66 -4.81
CA HIS F 265 30.67 -1.87 -4.42
C HIS F 265 29.99 -2.43 -3.12
N THR F 266 30.10 -3.74 -2.87
CA THR F 266 29.56 -4.36 -1.67
C THR F 266 30.36 -4.06 -0.38
N GLN F 267 31.45 -3.29 -0.49
CA GLN F 267 32.31 -2.95 0.67
C GLN F 267 32.51 -1.44 0.79
N LEU F 268 32.83 -1.01 2.00
CA LEU F 268 32.98 0.38 2.30
C LEU F 268 34.45 0.71 2.52
N LEU F 269 35.18 -0.23 3.10
CA LEU F 269 36.61 -0.04 3.35
C LEU F 269 37.27 -1.40 3.23
PA NAD G . 25.84 4.01 23.97
O1A NAD G . 26.65 2.95 24.61
O2A NAD G . 26.05 5.36 24.60
O5B NAD G . 24.28 3.57 24.04
C5B NAD G . 23.89 2.22 23.79
C4B NAD G . 22.77 1.88 24.77
O4B NAD G . 22.28 0.55 24.64
C3B NAD G . 23.23 2.03 26.22
O3B NAD G . 22.52 3.08 26.84
C2B NAD G . 22.97 0.66 26.82
O2B NAD G . 22.55 0.65 28.16
C1B NAD G . 21.87 0.20 25.94
N9A NAD G . 21.60 -1.22 26.17
C8A NAD G . 22.42 -2.29 26.01
N7A NAD G . 21.71 -3.40 26.34
C5A NAD G . 20.45 -3.01 26.70
C6A NAD G . 19.33 -3.70 27.13
N6A NAD G . 19.34 -5.03 27.29
N1A NAD G . 18.19 -2.99 27.44
C2A NAD G . 18.15 -1.61 27.30
N3A NAD G . 19.26 -0.94 26.88
C4A NAD G . 20.39 -1.65 26.60
O3 NAD G . 26.19 4.10 22.40
PN NAD G . 25.38 5.03 21.37
O1N NAD G . 26.26 5.22 20.18
O2N NAD G . 24.82 6.20 22.08
O5D NAD G . 24.18 4.02 20.94
C5D NAD G . 22.94 4.47 20.51
C4D NAD G . 22.52 3.74 19.22
O4D NAD G . 23.09 4.38 18.10
C3D NAD G . 22.93 2.28 19.12
O3D NAD G . 21.81 1.57 18.65
C2D NAD G . 24.09 2.26 18.11
O2D NAD G . 24.19 1.03 17.40
C1D NAD G . 23.70 3.44 17.22
N1N NAD G . 24.78 4.15 16.48
C2N NAD G . 25.88 4.65 17.13
C3N NAD G . 26.85 5.34 16.42
C7N NAD G . 28.04 5.91 17.14
O7N NAD G . 29.25 6.12 16.48
N7N NAD G . 27.91 6.27 18.41
C4N NAD G . 26.71 5.54 15.04
C5N NAD G . 25.58 5.06 14.40
C6N NAD G . 24.62 4.35 15.13
PA NAD H . 13.00 -27.00 1.01
O1A NAD H . 12.05 -27.51 2.02
O2A NAD H . 13.12 -27.96 -0.11
O5B NAD H . 14.45 -26.69 1.65
C5B NAD H . 14.57 -26.21 3.00
C4B NAD H . 15.76 -26.88 3.67
O4B NAD H . 16.08 -26.32 4.97
C3B NAD H . 15.51 -28.37 3.91
O3B NAD H . 16.36 -29.13 3.10
C2B NAD H . 15.80 -28.59 5.39
O2B NAD H . 16.40 -29.87 5.63
C1B NAD H . 16.71 -27.38 5.69
N9A NAD H . 16.92 -27.16 7.16
C8A NAD H . 16.03 -26.64 8.10
N7A NAD H . 16.63 -26.65 9.33
C5A NAD H . 17.88 -27.18 9.21
C6A NAD H . 18.91 -27.41 10.13
N6A NAD H . 18.69 -27.34 11.43
N1A NAD H . 20.09 -27.96 9.71
C2A NAD H . 20.27 -28.27 8.37
N3A NAD H . 19.26 -28.04 7.46
C4A NAD H . 18.08 -27.50 7.86
O3 NAD H . 12.50 -25.56 0.46
PN NAD H . 13.29 -24.71 -0.67
O1N NAD H . 12.25 -23.89 -1.34
O2N NAD H . 14.24 -25.60 -1.43
O5D NAD H . 14.22 -23.70 0.20
C5D NAD H . 15.64 -23.75 0.20
C4D NAD H . 16.25 -22.35 0.37
O4D NAD H . 15.90 -21.48 -0.71
C3D NAD H . 15.80 -21.64 1.65
O3D NAD H . 16.91 -21.01 2.25
C2D NAD H . 14.79 -20.61 1.19
O2D NAD H . 14.69 -19.50 2.06
C1D NAD H . 15.37 -20.28 -0.18
N1N NAD H . 14.39 -19.68 -1.11
C2N NAD H . 13.25 -20.34 -1.45
C3N NAD H . 12.33 -19.74 -2.34
C7N NAD H . 11.06 -20.44 -2.73
O7N NAD H . 10.04 -19.66 -3.29
N7N NAD H . 10.92 -21.76 -2.56
C4N NAD H . 12.61 -18.49 -2.87
C5N NAD H . 13.78 -17.83 -2.50
C6N NAD H . 14.67 -18.45 -1.63
C1 8PS I . -31.52 -5.49 24.33
C2 8PS I . -31.34 -6.84 24.61
C3 8PS I . -30.12 -7.33 25.10
C4 8PS I . -28.99 -6.53 25.06
C5 8PS I . -29.14 -5.16 24.81
C6 8PS I . -30.45 -4.60 24.42
C8 8PS I . -27.65 -3.56 25.82
C9 8PS I . -26.46 -2.88 25.63
C10 8PS I . -25.98 -2.07 26.64
C11 8PS I . -26.76 -1.80 27.76
C12 8PS I . -28.00 -2.41 27.93
C13 8PS I . -28.50 -3.23 26.91
C14 8PS I . -32.53 -7.74 24.70
C15 8PS I . -33.06 -7.57 26.12
C16 8PS I . -34.31 -8.36 26.41
C17 8PS I . -34.84 -8.00 27.81
C18 8PS I . -36.26 -8.47 28.14
C19 8PS I . -36.20 -9.85 28.90
C20 8PS I . -37.60 -10.39 29.33
C21 8PS I . -38.49 -10.59 28.12
O17 8PS I . -30.51 -3.33 24.01
O7 8PS I . -28.08 -4.30 24.75
PA NAD J . -22.17 -4.77 23.44
O1A NAD J . -21.74 -4.81 24.84
O2A NAD J . -21.39 -5.67 22.55
O5B NAD J . -22.05 -3.22 22.98
C5B NAD J . -22.21 -2.15 23.88
C4B NAD J . -21.24 -1.07 23.45
O4B NAD J . -21.55 0.14 24.10
C3B NAD J . -19.81 -1.42 23.85
O3B NAD J . -18.95 -1.37 22.73
C2B NAD J . -19.42 -0.33 24.79
O2B NAD J . -18.09 0.03 24.70
C1B NAD J . -20.31 0.78 24.29
N9A NAD J . -20.32 1.84 25.28
C8A NAD J . -20.80 1.76 26.55
N7A NAD J . -20.56 2.96 27.14
C5A NAD J . -19.93 3.78 26.27
C6A NAD J . -19.48 5.07 26.38
N6A NAD J . -19.24 5.49 27.61
N1A NAD J . -18.85 5.69 25.29
C2A NAD J . -18.68 5.01 24.12
N3A NAD J . -19.15 3.67 24.02
C4A NAD J . -19.77 3.08 25.09
O3 NAD J . -23.76 -5.06 23.32
PN NAD J . -24.52 -4.96 21.91
O1N NAD J . -25.63 -5.94 21.98
O2N NAD J . -23.51 -5.00 20.77
O5D NAD J . -25.13 -3.48 21.93
C5D NAD J . -24.91 -2.56 20.86
C4D NAD J . -26.15 -1.73 20.71
O4D NAD J . -27.18 -2.50 20.12
C3D NAD J . -26.66 -1.26 22.10
O3D NAD J . -27.01 0.10 22.05
C2D NAD J . -27.88 -2.07 22.36
O2D NAD J . -28.84 -1.36 23.10
C1D NAD J . -28.36 -2.40 20.95
N1N NAD J . -29.22 -3.60 20.92
C2N NAD J . -28.79 -4.82 21.33
C3N NAD J . -29.66 -5.92 21.28
C7N NAD J . -29.24 -7.32 21.72
O7N NAD J . -30.25 -8.29 21.84
N7N NAD J . -27.97 -7.62 22.00
C4N NAD J . -30.97 -5.75 20.83
C5N NAD J . -31.38 -4.51 20.43
C6N NAD J . -30.50 -3.43 20.48
C1 8PS K . -52.21 7.35 -2.40
C2 8PS K . -52.07 8.61 -2.99
C3 8PS K . -52.43 8.86 -4.32
C4 8PS K . -52.72 7.78 -5.16
C5 8PS K . -52.91 6.49 -4.60
C6 8PS K . -52.64 6.27 -3.17
C8 8PS K . -54.36 4.84 -5.70
C9 8PS K . -54.31 3.75 -6.57
C10 8PS K . -55.46 3.09 -6.95
C11 8PS K . -56.67 3.41 -6.32
C12 8PS K . -56.74 4.45 -5.37
C13 8PS K . -55.56 5.12 -5.00
C14 8PS K . -51.80 9.81 -2.12
C15 8PS K . -53.14 10.14 -1.48
C16 8PS K . -53.74 11.41 -1.93
C17 8PS K . -55.05 11.54 -1.20
C18 8PS K . -54.96 12.01 0.26
C19 8PS K . -55.37 13.52 0.39
C20 8PS K . -54.84 14.09 1.73
C21 8PS K . -55.03 15.60 1.82
O17 8PS K . -52.64 5.03 -2.74
O7 8PS K . -53.13 5.37 -5.35
PA NAD L . -51.70 3.48 -10.99
O1A NAD L . -53.02 3.89 -11.57
O2A NAD L . -50.58 3.64 -11.95
O5B NAD L . -51.85 1.94 -10.46
C5B NAD L . -53.10 1.26 -10.32
C4B NAD L . -52.96 -0.17 -10.80
O4B NAD L . -53.95 -1.03 -10.26
C3B NAD L . -53.11 -0.26 -12.33
O3B NAD L . -52.01 -0.97 -12.89
C2B NAD L . -54.37 -1.03 -12.52
O2B NAD L . -54.40 -1.67 -13.76
C1B NAD L . -54.31 -1.94 -11.29
N9A NAD L . -55.60 -2.62 -11.04
C8A NAD L . -56.81 -2.03 -10.75
N7A NAD L . -57.73 -3.01 -10.64
C5A NAD L . -57.13 -4.23 -10.83
C6A NAD L . -57.60 -5.56 -10.86
N6A NAD L . -58.90 -5.81 -11.02
N1A NAD L . -56.72 -6.58 -11.12
C2A NAD L . -55.41 -6.32 -11.37
N3A NAD L . -54.94 -5.00 -11.36
C4A NAD L . -55.79 -3.98 -11.10
O3 NAD L . -51.37 4.34 -9.65
PN NAD L . -50.17 3.94 -8.64
O1N NAD L . -50.02 5.07 -7.73
O2N NAD L . -48.99 3.41 -9.44
O5D NAD L . -50.79 2.69 -7.77
C5D NAD L . -50.03 1.53 -7.44
C4D NAD L . -50.18 1.18 -5.96
O4D NAD L . -49.41 2.05 -5.14
C3D NAD L . -51.62 1.27 -5.46
O3D NAD L . -51.94 0.13 -4.69
C2D NAD L . -51.67 2.50 -4.61
O2D NAD L . -52.65 2.39 -3.60
C1D NAD L . -50.23 2.58 -4.09
N1N NAD L . -49.80 3.96 -3.71
C2N NAD L . -49.80 5.03 -4.58
C3N NAD L . -49.35 6.28 -4.12
C7N NAD L . -49.32 7.48 -4.97
O7N NAD L . -49.15 8.72 -4.32
N7N NAD L . -49.44 7.38 -6.29
C4N NAD L . -48.95 6.44 -2.80
C5N NAD L . -48.99 5.37 -1.94
C6N NAD L . -49.41 4.12 -2.40
PA NAD M . 3.13 21.08 -12.28
O1A NAD M . 2.71 20.95 -13.70
O2A NAD M . 2.17 21.89 -11.50
O5B NAD M . 4.63 21.67 -12.24
C5B NAD M . 5.56 21.47 -13.28
C4B NAD M . 6.32 22.77 -13.36
O4B NAD M . 7.40 22.73 -14.29
C3B NAD M . 5.40 23.91 -13.84
O3B NAD M . 5.27 24.84 -12.79
C2B NAD M . 6.09 24.42 -15.08
O2B NAD M . 6.02 25.80 -15.28
C1B NAD M . 7.51 24.05 -14.81
N9A NAD M . 8.30 24.15 -16.03
C8A NAD M . 8.07 23.48 -17.19
N7A NAD M . 8.97 23.87 -18.10
C5A NAD M . 9.78 24.80 -17.53
C6A NAD M . 10.89 25.49 -18.01
N6A NAD M . 11.62 24.88 -18.96
N1A NAD M . 11.52 26.37 -17.15
C2A NAD M . 11.08 26.55 -15.85
N3A NAD M . 9.99 25.83 -15.42
C4A NAD M . 9.36 24.97 -16.23
O3 NAD M . 3.23 19.58 -11.64
PN NAD M . 3.71 19.20 -10.14
O1N NAD M . 2.93 18.01 -9.74
O2N NAD M . 3.77 20.38 -9.30
O5D NAD M . 5.20 18.74 -10.33
C5D NAD M . 6.27 19.60 -10.04
C4D NAD M . 7.40 18.70 -9.67
O4D NAD M . 6.89 17.75 -8.76
C3D NAD M . 7.90 17.93 -10.91
O3D NAD M . 9.30 17.87 -10.88
C2D NAD M . 7.32 16.55 -10.77
O2D NAD M . 8.13 15.55 -11.29
C1D NAD M . 7.24 16.46 -9.25
N1N NAD M . 6.36 15.36 -8.82
C2N NAD M . 4.99 15.40 -8.98
C3N NAD M . 4.27 14.27 -8.54
C7N NAD M . 2.79 14.18 -8.63
O7N NAD M . 2.23 12.96 -8.19
N7N NAD M . 2.04 15.20 -9.10
C4N NAD M . 4.92 13.19 -7.97
C5N NAD M . 6.28 13.19 -7.81
C6N NAD M . 7.01 14.29 -8.27
PA NAD N . 36.27 2.45 -25.30
O1A NAD N . 36.77 3.85 -25.45
O2A NAD N . 37.18 1.45 -25.95
O5B NAD N . 34.77 2.27 -25.88
C5B NAD N . 33.90 3.35 -26.22
C4B NAD N . 33.08 3.03 -27.48
O4B NAD N . 31.94 3.90 -27.59
C3B NAD N . 33.92 3.22 -28.77
O3B NAD N . 34.00 2.04 -29.58
C2B NAD N . 33.18 4.29 -29.53
O2B NAD N . 33.22 4.11 -30.93
C1B NAD N . 31.76 4.15 -28.98
N9A NAD N . 31.01 5.33 -29.42
C8A NAD N . 31.29 6.66 -29.20
N7A NAD N . 30.39 7.40 -29.90
C5A NAD N . 29.57 6.53 -30.57
C6A NAD N . 28.50 6.74 -31.41
N6A NAD N . 28.02 7.96 -31.59
N1A NAD N . 27.85 5.65 -31.96
C2A NAD N . 28.27 4.37 -31.66
N3A NAD N . 29.34 4.19 -30.82
C4A NAD N . 29.97 5.26 -30.29
O3 NAD N . 36.17 2.20 -23.72
PN NAD N . 35.29 1.02 -23.08
O1N NAD N . 35.64 0.98 -21.65
O2N NAD N . 35.48 -0.20 -23.95
O5D NAD N . 33.80 1.61 -23.28
C5D NAD N . 32.67 0.79 -23.57
C4D NAD N . 31.62 0.85 -22.45
O4D NAD N . 32.11 0.33 -21.19
C3D NAD N . 31.20 2.28 -22.15
O3D NAD N . 29.79 2.31 -22.02
C2D NAD N . 31.84 2.61 -20.83
O2D NAD N . 31.16 3.63 -20.14
C1D NAD N . 31.76 1.24 -20.16
N1N NAD N . 32.56 1.14 -18.93
C2N NAD N . 33.90 1.41 -18.94
C3N NAD N . 34.62 1.31 -17.76
C7N NAD N . 36.08 1.61 -17.76
O7N NAD N . 36.63 2.24 -16.63
N7N NAD N . 36.81 1.29 -18.82
C4N NAD N . 33.97 0.97 -16.56
C5N NAD N . 32.61 0.69 -16.57
C6N NAD N . 31.91 0.79 -17.76
#